data_4ZWG
#
_entry.id   4ZWG
#
_cell.length_a   79.720
_cell.length_b   136.970
_cell.length_c   95.843
_cell.angle_alpha   90.000
_cell.angle_beta   113.960
_cell.angle_gamma   90.000
#
_symmetry.space_group_name_H-M   'P 1 21 1'
#
loop_
_entity.id
_entity.type
_entity.pdbx_description
1 polymer 'Deoxynucleoside triphosphate triphosphohydrolase SAMHD1'
2 non-polymer "2'-DEOXYADENOSINE 5'-TRIPHOSPHATE"
3 non-polymer "GUANOSINE-5'-TRIPHOSPHATE"
4 non-polymer 'MAGNESIUM ION'
5 water water
#
_entity_poly.entity_id   1
_entity_poly.type   'polypeptide(L)'
_entity_poly.pdbx_seq_one_letter_code
;DTMKVINDPIHGHIELHPLLVRIIDTPQFQRLRYIKQLGGGYYVFPGASHNRFEHSLGVGYLAGCLVHALGEKQPELQIS
ERDVLCVQIAGLCRNLGHGPFSHMFDGRFIPLARPEVKWTHEQGSVMMFEHLINSNGIKPVMEQYGLIPEEDICFIKEQI
VGPLESPVEDSLWPYKGRPENKSFLYEIVSNKRNGIDVDKWDYFARDCHHLGIQNNFDYKRFIKFARVCEVDNELRICAR
DKEVGNLYDMFHTRNSLHRRAYQHKVGNIIDTMITDAFLKADDYIEITGAGGKKYRISTAIDDMEAYTKLTDNIFLEILY
STDPKLKDAREILKQIEYRNLFKYVGETQPTGQIKIKREDYESLPKEVASAKPKVLLDVKLKAEDFIVDVINMDYGMQEK
NPIDHVSFYCKTAPNRAIRITKNQVSQLLPEKFAEQLIRVYCKKVDRKSLYAARQYFVQWCADRNFTKPQDGDVIAPLIE
PQKKEWNDSTSVQNPTRLREASKSRVQLFKDDPM
;
_entity_poly.pdbx_strand_id   A,B,C,D
#
loop_
_chem_comp.id
_chem_comp.type
_chem_comp.name
_chem_comp.formula
DTP non-polymer '2'-DEOXYADENOSINE 5'-TRIPHOSPHATE' 'C10 H16 N5 O12 P3'
GTP non-polymer GUANOSINE-5'-TRIPHOSPHATE 'C10 H16 N5 O14 P3'
MG non-polymer 'MAGNESIUM ION' 'Mg 2'
#
# COMPACT_ATOMS: atom_id res chain seq x y z
N THR A 2 10.05 -26.78 -15.68
CA THR A 2 10.07 -26.04 -14.37
C THR A 2 8.98 -24.90 -14.33
N MET A 3 9.18 -23.88 -13.49
CA MET A 3 8.06 -23.16 -12.90
C MET A 3 7.53 -22.05 -13.79
N LYS A 4 6.21 -21.82 -13.78
CA LYS A 4 5.69 -20.55 -14.26
C LYS A 4 5.67 -19.57 -13.13
N VAL A 5 5.85 -18.32 -13.50
CA VAL A 5 5.81 -17.25 -12.57
C VAL A 5 4.61 -16.39 -12.93
N ILE A 6 3.85 -16.02 -11.91
CA ILE A 6 2.68 -15.18 -12.09
C ILE A 6 2.78 -14.01 -11.14
N ASN A 7 2.51 -12.81 -11.64
CA ASN A 7 2.53 -11.63 -10.83
C ASN A 7 1.14 -11.48 -10.27
N ASP A 8 1.03 -11.60 -8.94
CA ASP A 8 -0.20 -11.31 -8.23
C ASP A 8 -0.05 -10.05 -7.41
N PRO A 9 -1.06 -9.17 -7.41
CA PRO A 9 -0.90 -7.91 -6.67
C PRO A 9 -0.82 -8.08 -5.18
N ILE A 10 -1.43 -9.11 -4.64
CA ILE A 10 -1.37 -9.33 -3.21
C ILE A 10 -0.06 -9.95 -2.80
N HIS A 11 0.38 -11.02 -3.50
CA HIS A 11 1.53 -11.80 -3.07
C HIS A 11 2.80 -11.57 -3.86
N GLY A 12 2.73 -10.80 -4.94
CA GLY A 12 3.89 -10.57 -5.79
C GLY A 12 4.07 -11.73 -6.76
N HIS A 13 5.31 -12.01 -7.10
CA HIS A 13 5.65 -13.01 -8.10
C HIS A 13 5.67 -14.38 -7.50
N ILE A 14 4.75 -15.21 -7.99
CA ILE A 14 4.43 -16.51 -7.46
C ILE A 14 4.94 -17.56 -8.42
N GLU A 15 5.61 -18.58 -7.93
CA GLU A 15 6.08 -19.69 -8.76
C GLU A 15 5.12 -20.84 -8.71
N LEU A 16 4.78 -21.40 -9.86
CA LEU A 16 3.89 -22.55 -9.92
C LEU A 16 4.55 -23.72 -10.59
N HIS A 17 4.55 -24.85 -9.91
CA HIS A 17 4.98 -26.13 -10.44
C HIS A 17 4.13 -26.54 -11.67
N PRO A 18 4.76 -27.16 -12.71
CA PRO A 18 4.02 -27.48 -13.93
C PRO A 18 2.75 -28.31 -13.75
N LEU A 19 2.74 -29.24 -12.79
CA LEU A 19 1.53 -30.00 -12.46
C LEU A 19 0.38 -29.06 -12.09
N LEU A 20 0.68 -28.02 -11.33
CA LEU A 20 -0.34 -27.05 -10.91
C LEU A 20 -0.83 -26.30 -12.13
N VAL A 21 0.08 -25.91 -13.00
CA VAL A 21 -0.27 -25.19 -14.20
C VAL A 21 -1.21 -26.03 -15.06
N ARG A 22 -0.93 -27.33 -15.12
CA ARG A 22 -1.75 -28.25 -15.89
C ARG A 22 -3.16 -28.32 -15.36
N ILE A 23 -3.30 -28.27 -14.05
CA ILE A 23 -4.61 -28.21 -13.43
C ILE A 23 -5.33 -26.87 -13.67
N ILE A 24 -4.58 -25.79 -13.63
CA ILE A 24 -5.14 -24.44 -13.79
C ILE A 24 -5.65 -24.24 -15.20
N ASP A 25 -4.94 -24.82 -16.16
CA ASP A 25 -5.25 -24.61 -17.56
C ASP A 25 -6.28 -25.60 -18.06
N THR A 26 -7.44 -25.57 -17.41
CA THR A 26 -8.57 -26.41 -17.73
C THR A 26 -9.84 -25.61 -17.68
N PRO A 27 -10.85 -26.04 -18.45
CA PRO A 27 -12.15 -25.35 -18.40
C PRO A 27 -12.69 -25.27 -16.98
N GLN A 28 -12.45 -26.31 -16.20
CA GLN A 28 -13.02 -26.40 -14.87
C GLN A 28 -12.41 -25.37 -13.95
N PHE A 29 -11.11 -25.09 -14.11
CA PHE A 29 -10.48 -24.13 -13.25
C PHE A 29 -10.68 -22.70 -13.77
N GLN A 30 -10.58 -22.53 -15.07
CA GLN A 30 -10.65 -21.22 -15.66
C GLN A 30 -12.05 -20.61 -15.50
N ARG A 31 -13.03 -21.46 -15.30
CA ARG A 31 -14.38 -21.09 -14.97
C ARG A 31 -14.44 -20.05 -13.87
N LEU A 32 -13.54 -20.19 -12.90
CA LEU A 32 -13.49 -19.30 -11.77
C LEU A 32 -13.19 -17.84 -12.11
N ARG A 33 -12.71 -17.58 -13.33
CA ARG A 33 -12.57 -16.23 -13.79
C ARG A 33 -13.90 -15.51 -13.93
N TYR A 34 -14.99 -16.26 -13.97
CA TYR A 34 -16.29 -15.68 -14.30
C TYR A 34 -17.23 -15.78 -13.13
N ILE A 35 -16.66 -15.85 -11.94
CA ILE A 35 -17.42 -15.88 -10.69
C ILE A 35 -16.79 -14.86 -9.72
N LYS A 36 -17.53 -13.80 -9.42
CA LYS A 36 -17.08 -12.77 -8.53
C LYS A 36 -16.93 -13.28 -7.13
N GLN A 37 -15.80 -12.94 -6.50
CA GLN A 37 -15.59 -13.30 -5.12
C GLN A 37 -16.73 -12.89 -4.20
N LEU A 38 -17.19 -11.65 -4.37
CA LEU A 38 -18.12 -11.07 -3.41
C LEU A 38 -19.54 -10.92 -3.94
N GLY A 39 -19.82 -11.63 -5.05
CA GLY A 39 -21.12 -11.55 -5.73
C GLY A 39 -21.67 -10.14 -5.84
N GLY A 40 -22.85 -9.92 -5.27
CA GLY A 40 -23.48 -8.61 -5.30
C GLY A 40 -22.73 -7.50 -4.59
N GLY A 41 -21.75 -7.84 -3.76
CA GLY A 41 -20.88 -6.84 -3.19
C GLY A 41 -20.27 -5.87 -4.20
N TYR A 42 -20.01 -6.34 -5.44
CA TYR A 42 -19.42 -5.51 -6.49
C TYR A 42 -20.36 -4.37 -6.82
N TYR A 43 -21.64 -4.56 -6.56
CA TYR A 43 -22.65 -3.54 -6.85
C TYR A 43 -22.73 -2.49 -5.74
N VAL A 44 -21.92 -2.67 -4.69
CA VAL A 44 -21.78 -1.71 -3.62
C VAL A 44 -20.35 -1.17 -3.52
N PHE A 45 -19.37 -2.06 -3.66
CA PHE A 45 -17.96 -1.75 -3.55
C PHE A 45 -17.34 -1.92 -4.94
N PRO A 46 -17.23 -0.82 -5.71
CA PRO A 46 -16.82 -0.91 -7.12
C PRO A 46 -15.45 -1.49 -7.33
N GLY A 47 -14.63 -1.52 -6.29
CA GLY A 47 -13.34 -2.13 -6.41
C GLY A 47 -13.39 -3.65 -6.37
N ALA A 48 -14.53 -4.23 -5.97
CA ALA A 48 -14.61 -5.66 -5.69
C ALA A 48 -14.96 -6.40 -6.97
N SER A 49 -14.12 -6.20 -7.97
CA SER A 49 -14.27 -6.83 -9.27
C SER A 49 -13.59 -8.21 -9.31
N HIS A 50 -12.88 -8.55 -8.26
CA HIS A 50 -12.10 -9.78 -8.23
C HIS A 50 -12.94 -11.05 -8.28
N ASN A 51 -12.37 -12.04 -8.93
CA ASN A 51 -13.04 -13.29 -9.11
C ASN A 51 -12.34 -14.38 -8.31
N ARG A 52 -13.03 -15.50 -8.21
CA ARG A 52 -12.57 -16.64 -7.42
C ARG A 52 -11.26 -17.20 -7.92
N PHE A 53 -11.03 -17.04 -9.21
CA PHE A 53 -9.82 -17.53 -9.86
C PHE A 53 -8.57 -17.01 -9.15
N GLU A 54 -8.43 -15.70 -9.10
CA GLU A 54 -7.20 -15.12 -8.56
C GLU A 54 -7.08 -15.43 -7.07
N HIS A 55 -8.21 -15.52 -6.40
CA HIS A 55 -8.21 -15.90 -5.01
C HIS A 55 -7.66 -17.31 -4.86
N SER A 56 -8.05 -18.20 -5.75
CA SER A 56 -7.63 -19.59 -5.69
C SER A 56 -6.15 -19.69 -5.86
N LEU A 57 -5.59 -18.93 -6.80
CA LEU A 57 -4.12 -18.90 -6.98
C LEU A 57 -3.46 -18.47 -5.66
N GLY A 58 -3.98 -17.41 -5.03
CA GLY A 58 -3.47 -16.98 -3.77
C GLY A 58 -3.52 -18.06 -2.70
N VAL A 59 -4.62 -18.79 -2.63
CA VAL A 59 -4.74 -19.85 -1.62
C VAL A 59 -3.69 -20.97 -1.87
N GLY A 60 -3.55 -21.38 -3.12
CA GLY A 60 -2.57 -22.42 -3.43
C GLY A 60 -1.16 -22.01 -3.09
N TYR A 61 -0.86 -20.76 -3.38
CA TYR A 61 0.44 -20.20 -3.07
C TYR A 61 0.74 -20.22 -1.58
N LEU A 62 -0.18 -19.65 -0.80
CA LEU A 62 0.01 -19.57 0.65
C LEU A 62 0.07 -20.97 1.27
N ALA A 63 -0.72 -21.89 0.76
CA ALA A 63 -0.65 -23.28 1.22
C ALA A 63 0.78 -23.80 1.06
N GLY A 64 1.32 -23.61 -0.15
CA GLY A 64 2.70 -23.96 -0.43
C GLY A 64 3.73 -23.26 0.47
N CYS A 65 3.56 -21.96 0.74
CA CYS A 65 4.43 -21.25 1.64
C CYS A 65 4.46 -21.89 3.01
N LEU A 66 3.31 -22.25 3.54
CA LEU A 66 3.28 -22.76 4.87
C LEU A 66 3.92 -24.18 4.92
N VAL A 67 3.56 -25.04 3.99
CA VAL A 67 4.09 -26.42 4.00
C VAL A 67 5.60 -26.41 3.83
N HIS A 68 6.10 -25.56 2.93
CA HIS A 68 7.56 -25.38 2.72
C HIS A 68 8.27 -24.83 3.99
N ALA A 69 7.68 -23.80 4.63
CA ALA A 69 8.26 -23.21 5.81
C ALA A 69 8.46 -24.28 6.87
N LEU A 70 7.45 -25.13 7.05
CA LEU A 70 7.51 -26.22 8.01
C LEU A 70 8.59 -27.25 7.68
N GLY A 71 8.64 -27.64 6.42
CA GLY A 71 9.61 -28.64 5.98
C GLY A 71 11.04 -28.13 6.12
N GLU A 72 11.25 -26.84 5.85
CA GLU A 72 12.57 -26.25 5.99
C GLU A 72 12.97 -26.20 7.45
N LYS A 73 12.07 -25.71 8.32
CA LYS A 73 12.35 -25.61 9.76
C LYS A 73 12.47 -26.98 10.38
N GLN A 74 11.66 -27.93 9.95
CA GLN A 74 11.63 -29.24 10.61
C GLN A 74 11.79 -30.43 9.66
N PRO A 75 13.03 -30.68 9.21
CA PRO A 75 13.35 -31.86 8.36
C PRO A 75 12.85 -33.19 8.94
N GLU A 76 12.80 -33.28 10.26
CA GLU A 76 12.35 -34.50 10.92
C GLU A 76 10.89 -34.87 10.61
N LEU A 77 10.12 -33.93 10.09
CA LEU A 77 8.72 -34.19 9.74
C LEU A 77 8.58 -35.01 8.48
N GLN A 78 9.65 -35.08 7.67
CA GLN A 78 9.67 -35.91 6.49
C GLN A 78 8.66 -35.46 5.45
N ILE A 79 8.41 -34.15 5.39
CA ILE A 79 7.50 -33.59 4.39
C ILE A 79 8.14 -33.79 3.03
N SER A 80 7.40 -34.38 2.10
CA SER A 80 7.89 -34.64 0.74
C SER A 80 7.30 -33.65 -0.25
N GLU A 81 7.90 -33.60 -1.42
CA GLU A 81 7.47 -32.73 -2.48
C GLU A 81 6.07 -33.18 -2.90
N ARG A 82 5.84 -34.47 -2.81
CA ARG A 82 4.53 -35.03 -3.00
C ARG A 82 3.48 -34.37 -2.10
N ASP A 83 3.80 -34.27 -0.81
CA ASP A 83 2.94 -33.62 0.17
C ASP A 83 2.74 -32.14 -0.18
N VAL A 84 3.83 -31.48 -0.56
CA VAL A 84 3.77 -30.08 -0.91
C VAL A 84 2.77 -29.86 -2.04
N LEU A 85 2.88 -30.70 -3.07
CA LEU A 85 2.06 -30.53 -4.25
C LEU A 85 0.59 -30.82 -3.96
N CYS A 86 0.35 -31.85 -3.14
CA CYS A 86 -0.99 -32.21 -2.77
C CYS A 86 -1.68 -31.11 -1.98
N VAL A 87 -0.92 -30.47 -1.10
CA VAL A 87 -1.43 -29.36 -0.31
C VAL A 87 -1.73 -28.17 -1.24
N GLN A 88 -0.80 -27.88 -2.14
CA GLN A 88 -1.01 -26.78 -3.08
C GLN A 88 -2.19 -27.03 -3.99
N ILE A 89 -2.32 -28.26 -4.46
CA ILE A 89 -3.47 -28.61 -5.28
C ILE A 89 -4.77 -28.42 -4.50
N ALA A 90 -4.79 -28.87 -3.25
CA ALA A 90 -5.99 -28.70 -2.46
C ALA A 90 -6.28 -27.20 -2.27
N GLY A 91 -5.26 -26.40 -2.04
CA GLY A 91 -5.43 -24.96 -1.86
C GLY A 91 -5.97 -24.27 -3.11
N LEU A 92 -5.43 -24.63 -4.27
CA LEU A 92 -5.91 -24.15 -5.55
C LEU A 92 -7.33 -24.49 -5.80
N CYS A 93 -7.73 -25.68 -5.37
CA CYS A 93 -9.02 -26.24 -5.78
C CYS A 93 -10.16 -26.14 -4.81
N ARG A 94 -9.93 -25.60 -3.62
CA ARG A 94 -11.00 -25.62 -2.63
C ARG A 94 -12.14 -24.70 -3.00
N ASN A 95 -11.90 -23.72 -3.86
CA ASN A 95 -12.98 -22.88 -4.37
C ASN A 95 -13.64 -23.34 -5.66
N LEU A 96 -13.22 -24.45 -6.21
CA LEU A 96 -13.79 -24.96 -7.48
C LEU A 96 -15.32 -25.12 -7.51
N GLY A 97 -15.92 -25.47 -6.37
CA GLY A 97 -17.36 -25.72 -6.33
C GLY A 97 -18.30 -24.52 -6.29
N HIS A 98 -17.76 -23.31 -6.23
CA HIS A 98 -18.60 -22.11 -6.11
C HIS A 98 -19.39 -21.88 -7.38
N GLY A 99 -20.62 -21.43 -7.18
CA GLY A 99 -21.55 -21.17 -8.28
C GLY A 99 -21.64 -19.66 -8.51
N PRO A 100 -22.54 -19.23 -9.37
CA PRO A 100 -22.69 -17.83 -9.70
C PRO A 100 -22.84 -16.98 -8.45
N PHE A 101 -22.08 -15.90 -8.42
CA PHE A 101 -22.09 -14.95 -7.31
C PHE A 101 -21.76 -15.62 -5.98
N SER A 102 -20.91 -16.65 -6.08
CA SER A 102 -20.30 -17.31 -4.91
C SER A 102 -21.36 -17.68 -3.89
N HIS A 103 -21.28 -17.15 -2.69
CA HIS A 103 -22.16 -17.59 -1.60
C HIS A 103 -23.64 -17.37 -1.86
N MET A 104 -23.99 -16.51 -2.81
CA MET A 104 -25.39 -16.35 -3.17
C MET A 104 -25.97 -17.68 -3.61
N PHE A 105 -25.16 -18.46 -4.34
CA PHE A 105 -25.65 -19.63 -5.00
C PHE A 105 -25.97 -20.74 -4.03
N ASP A 106 -25.03 -21.09 -3.15
CA ASP A 106 -25.32 -22.16 -2.15
C ASP A 106 -26.02 -21.62 -0.91
N GLY A 107 -25.84 -20.34 -0.62
CA GLY A 107 -26.50 -19.70 0.51
C GLY A 107 -27.95 -19.33 0.26
N ARG A 108 -28.35 -18.99 -0.97
CA ARG A 108 -29.69 -18.51 -1.20
C ARG A 108 -30.42 -19.29 -2.27
N PHE A 109 -29.84 -19.34 -3.45
CA PHE A 109 -30.56 -19.92 -4.59
C PHE A 109 -30.87 -21.41 -4.46
N ILE A 110 -29.86 -22.25 -4.26
CA ILE A 110 -30.11 -23.69 -4.13
C ILE A 110 -31.09 -24.04 -2.99
N PRO A 111 -30.92 -23.47 -1.81
CA PRO A 111 -31.92 -23.75 -0.77
C PRO A 111 -33.36 -23.43 -1.18
N LEU A 112 -33.60 -22.36 -1.93
CA LEU A 112 -34.95 -22.04 -2.38
C LEU A 112 -35.39 -22.87 -3.58
N ALA A 113 -34.46 -23.19 -4.47
CA ALA A 113 -34.85 -23.88 -5.69
C ALA A 113 -34.90 -25.39 -5.54
N ARG A 114 -34.12 -25.95 -4.62
CA ARG A 114 -34.10 -27.40 -4.37
C ARG A 114 -34.05 -27.61 -2.86
N PRO A 115 -35.15 -27.31 -2.18
CA PRO A 115 -35.10 -27.43 -0.73
C PRO A 115 -34.82 -28.89 -0.27
N GLU A 116 -35.14 -29.87 -1.11
CA GLU A 116 -34.87 -31.27 -0.78
C GLU A 116 -33.41 -31.65 -0.79
N VAL A 117 -32.56 -30.92 -1.50
CA VAL A 117 -31.14 -31.29 -1.65
C VAL A 117 -30.34 -30.70 -0.50
N LYS A 118 -29.22 -31.35 -0.14
CA LYS A 118 -28.21 -30.78 0.76
C LYS A 118 -26.92 -30.54 -0.06
N TRP A 119 -26.68 -29.27 -0.43
CA TRP A 119 -25.56 -28.92 -1.31
C TRP A 119 -24.75 -27.80 -0.74
N THR A 120 -23.42 -27.92 -0.77
CA THR A 120 -22.51 -26.84 -0.40
C THR A 120 -21.48 -26.70 -1.50
N HIS A 121 -20.86 -25.54 -1.61
CA HIS A 121 -19.76 -25.37 -2.54
C HIS A 121 -18.57 -26.32 -2.29
N GLU A 122 -18.29 -26.69 -1.05
CA GLU A 122 -17.19 -27.62 -0.76
C GLU A 122 -17.41 -28.96 -1.42
N GLN A 123 -18.65 -29.42 -1.36
CA GLN A 123 -19.01 -30.68 -1.93
C GLN A 123 -18.88 -30.53 -3.46
N GLY A 124 -19.36 -29.41 -3.98
CA GLY A 124 -19.13 -29.04 -5.39
C GLY A 124 -17.68 -29.01 -5.80
N SER A 125 -16.80 -28.52 -4.92
CA SER A 125 -15.38 -28.44 -5.21
C SER A 125 -14.79 -29.84 -5.40
N VAL A 126 -15.27 -30.78 -4.61
CA VAL A 126 -14.76 -32.11 -4.61
C VAL A 126 -15.22 -32.78 -5.87
N MET A 127 -16.48 -32.57 -6.22
CA MET A 127 -17.03 -33.16 -7.47
C MET A 127 -16.37 -32.53 -8.71
N MET A 128 -16.21 -31.21 -8.68
CA MET A 128 -15.60 -30.50 -9.79
C MET A 128 -14.15 -30.89 -9.94
N PHE A 129 -13.47 -31.07 -8.83
CA PHE A 129 -12.09 -31.55 -8.85
C PHE A 129 -11.98 -32.92 -9.54
N GLU A 130 -12.84 -33.82 -9.16
CA GLU A 130 -12.85 -35.12 -9.78
C GLU A 130 -13.09 -34.98 -11.29
N HIS A 131 -14.04 -34.16 -11.66
CA HIS A 131 -14.38 -33.97 -13.09
C HIS A 131 -13.22 -33.31 -13.84
N LEU A 132 -12.57 -32.34 -13.22
CA LEU A 132 -11.36 -31.73 -13.78
C LEU A 132 -10.24 -32.75 -14.04
N ILE A 133 -9.91 -33.55 -13.04
CA ILE A 133 -8.86 -34.55 -13.26
C ILE A 133 -9.23 -35.58 -14.30
N ASN A 134 -10.45 -36.10 -14.27
CA ASN A 134 -10.85 -37.18 -15.16
C ASN A 134 -11.01 -36.72 -16.59
N SER A 135 -11.57 -35.53 -16.78
CA SER A 135 -11.79 -34.93 -18.10
C SER A 135 -10.55 -34.50 -18.82
N ASN A 136 -9.47 -34.21 -18.10
CA ASN A 136 -8.29 -33.64 -18.74
C ASN A 136 -7.04 -34.49 -18.64
N GLY A 137 -7.18 -35.76 -18.32
CA GLY A 137 -6.02 -36.63 -18.24
C GLY A 137 -4.97 -36.22 -17.23
N ILE A 138 -5.36 -35.68 -16.08
CA ILE A 138 -4.42 -35.20 -15.07
C ILE A 138 -3.79 -36.31 -14.25
N LYS A 139 -4.51 -37.40 -14.02
CA LYS A 139 -3.97 -38.50 -13.22
C LYS A 139 -2.59 -39.02 -13.70
N PRO A 140 -2.44 -39.26 -15.01
CA PRO A 140 -1.11 -39.67 -15.48
C PRO A 140 -0.03 -38.59 -15.23
N VAL A 141 -0.40 -37.32 -15.37
CA VAL A 141 0.54 -36.25 -15.05
C VAL A 141 0.93 -36.27 -13.58
N MET A 142 -0.03 -36.54 -12.71
CA MET A 142 0.27 -36.65 -11.27
C MET A 142 1.27 -37.74 -11.02
N GLU A 143 1.04 -38.91 -11.61
CA GLU A 143 1.97 -40.04 -11.50
C GLU A 143 3.36 -39.69 -12.05
N GLN A 144 3.40 -38.96 -13.15
CA GLN A 144 4.67 -38.50 -13.74
C GLN A 144 5.50 -37.66 -12.76
N TYR A 145 4.87 -36.96 -11.81
CA TYR A 145 5.61 -36.16 -10.81
C TYR A 145 5.65 -36.82 -9.44
N GLY A 146 5.38 -38.12 -9.39
CA GLY A 146 5.63 -38.90 -8.19
C GLY A 146 4.47 -38.99 -7.24
N LEU A 147 3.32 -38.43 -7.61
CA LEU A 147 2.11 -38.61 -6.77
C LEU A 147 1.58 -40.01 -6.96
N ILE A 148 0.86 -40.50 -5.97
CA ILE A 148 0.16 -41.78 -6.04
C ILE A 148 -1.32 -41.45 -5.98
N PRO A 149 -1.99 -41.44 -7.16
CA PRO A 149 -3.34 -40.86 -7.27
C PRO A 149 -4.35 -41.35 -6.26
N GLU A 150 -4.35 -42.64 -5.94
CA GLU A 150 -5.40 -43.18 -5.11
C GLU A 150 -5.37 -42.50 -3.75
N GLU A 151 -4.19 -42.54 -3.11
CA GLU A 151 -3.97 -41.93 -1.81
C GLU A 151 -4.07 -40.41 -1.88
N ASP A 152 -3.44 -39.83 -2.88
CA ASP A 152 -3.32 -38.40 -2.95
C ASP A 152 -4.60 -37.68 -3.34
N ILE A 153 -5.39 -38.27 -4.23
CA ILE A 153 -6.66 -37.67 -4.60
C ILE A 153 -7.59 -37.73 -3.41
N CYS A 154 -7.52 -38.81 -2.65
CA CYS A 154 -8.33 -38.91 -1.42
C CYS A 154 -7.87 -37.83 -0.42
N PHE A 155 -6.55 -37.70 -0.28
CA PHE A 155 -5.96 -36.71 0.57
C PHE A 155 -6.42 -35.30 0.17
N ILE A 156 -6.42 -35.01 -1.11
CA ILE A 156 -6.80 -33.68 -1.61
C ILE A 156 -8.26 -33.41 -1.32
N LYS A 157 -9.12 -34.38 -1.60
CA LYS A 157 -10.53 -34.25 -1.28
C LYS A 157 -10.77 -34.04 0.22
N GLU A 158 -10.10 -34.82 1.04
CA GLU A 158 -10.23 -34.70 2.45
C GLU A 158 -9.83 -33.31 2.95
N GLN A 159 -8.78 -32.76 2.36
CA GLN A 159 -8.31 -31.43 2.76
C GLN A 159 -9.37 -30.33 2.50
N ILE A 160 -10.23 -30.53 1.50
CA ILE A 160 -11.26 -29.60 1.12
C ILE A 160 -12.54 -29.76 1.93
N VAL A 161 -12.98 -31.00 2.10
CA VAL A 161 -14.32 -31.27 2.61
C VAL A 161 -14.34 -31.96 3.96
N GLY A 162 -13.17 -32.37 4.47
CA GLY A 162 -13.10 -33.17 5.67
C GLY A 162 -13.16 -34.66 5.39
N PRO A 163 -13.25 -35.46 6.45
CA PRO A 163 -13.28 -36.92 6.27
C PRO A 163 -14.44 -37.38 5.40
N LEU A 164 -14.20 -38.37 4.55
CA LEU A 164 -15.23 -39.00 3.74
C LEU A 164 -15.75 -40.23 4.52
N GLU A 165 -14.95 -40.69 5.50
CA GLU A 165 -15.18 -41.95 6.22
C GLU A 165 -14.98 -41.74 7.72
N GLU A 169 -17.00 -42.02 12.16
CA GLU A 169 -17.65 -43.19 12.76
C GLU A 169 -16.96 -43.65 14.07
N ASP A 170 -16.63 -42.69 14.92
CA ASP A 170 -16.13 -42.95 16.27
C ASP A 170 -14.96 -43.97 16.33
N SER A 171 -13.72 -43.61 16.00
CA SER A 171 -13.29 -42.38 15.33
C SER A 171 -11.76 -42.39 15.35
N LEU A 172 -11.19 -41.89 16.44
CA LEU A 172 -9.77 -41.45 16.60
C LEU A 172 -9.05 -40.73 15.42
N TRP A 173 -8.37 -41.43 14.51
CA TRP A 173 -7.97 -40.81 13.26
C TRP A 173 -8.94 -41.14 12.13
N PRO A 174 -9.74 -40.17 11.66
CA PRO A 174 -10.75 -40.39 10.63
C PRO A 174 -10.30 -40.19 9.18
N TYR A 175 -9.03 -39.83 8.97
CA TYR A 175 -8.54 -39.55 7.63
C TYR A 175 -7.80 -40.74 7.03
N LYS A 176 -7.97 -40.97 5.72
CA LYS A 176 -7.29 -42.04 4.99
C LYS A 176 -6.10 -41.56 4.16
N GLY A 177 -6.12 -40.31 3.73
CA GLY A 177 -5.18 -39.82 2.74
C GLY A 177 -3.79 -39.68 3.31
N ARG A 178 -3.71 -39.35 4.61
CA ARG A 178 -2.44 -39.28 5.34
C ARG A 178 -2.61 -39.74 6.79
N PRO A 179 -1.53 -40.21 7.42
CA PRO A 179 -1.58 -40.72 8.80
C PRO A 179 -1.47 -39.63 9.82
N GLU A 180 -1.63 -39.98 11.10
CA GLU A 180 -1.62 -39.04 12.22
C GLU A 180 -0.35 -38.22 12.31
N ASN A 181 0.77 -38.79 11.89
CA ASN A 181 2.05 -38.07 11.94
C ASN A 181 2.18 -37.01 10.86
N LYS A 182 1.22 -36.95 9.94
CA LYS A 182 1.17 -35.89 8.94
C LYS A 182 -0.10 -35.05 9.15
N SER A 183 -0.75 -35.20 10.30
CA SER A 183 -1.99 -34.53 10.64
C SER A 183 -1.96 -33.05 10.32
N PHE A 184 -0.80 -32.47 10.60
CA PHE A 184 -0.59 -31.08 10.39
C PHE A 184 -0.88 -30.62 8.96
N LEU A 185 -0.68 -31.49 7.99
CA LEU A 185 -0.98 -31.16 6.63
C LEU A 185 -2.45 -30.77 6.43
N TYR A 186 -3.36 -31.37 7.18
CA TYR A 186 -4.79 -31.07 7.07
C TYR A 186 -5.17 -29.75 7.68
N GLU A 187 -4.21 -29.08 8.31
CA GLU A 187 -4.52 -27.86 9.02
C GLU A 187 -4.31 -26.62 8.17
N ILE A 188 -3.87 -26.81 6.93
CA ILE A 188 -3.35 -25.72 6.12
C ILE A 188 -4.42 -25.08 5.24
N VAL A 189 -5.15 -25.91 4.51
CA VAL A 189 -6.05 -25.42 3.48
C VAL A 189 -7.42 -25.09 4.01
N SER A 190 -8.00 -26.02 4.75
CA SER A 190 -9.35 -25.84 5.30
C SER A 190 -9.41 -26.49 6.65
N ASN A 191 -9.11 -25.70 7.65
CA ASN A 191 -8.86 -26.19 8.98
C ASN A 191 -10.18 -26.38 9.69
N LYS A 192 -10.64 -27.63 9.76
CA LYS A 192 -11.93 -27.96 10.34
C LYS A 192 -11.89 -27.90 11.85
N ARG A 193 -10.71 -27.94 12.45
CA ARG A 193 -10.62 -27.85 13.90
C ARG A 193 -10.91 -26.44 14.39
N ASN A 194 -10.40 -25.43 13.73
CA ASN A 194 -10.54 -24.07 14.23
C ASN A 194 -10.67 -22.95 13.18
N GLY A 195 -10.67 -23.28 11.90
CA GLY A 195 -10.88 -22.32 10.87
C GLY A 195 -9.70 -21.44 10.55
N ILE A 196 -8.55 -21.68 11.16
CA ILE A 196 -7.36 -20.89 10.85
C ILE A 196 -6.57 -21.54 9.71
N ASP A 197 -6.73 -21.00 8.52
CA ASP A 197 -6.21 -21.59 7.31
C ASP A 197 -5.91 -20.53 6.24
N VAL A 198 -5.22 -20.95 5.19
CA VAL A 198 -4.72 -20.05 4.19
C VAL A 198 -5.83 -19.42 3.34
N ASP A 199 -7.01 -20.03 3.29
CA ASP A 199 -8.08 -19.44 2.54
C ASP A 199 -8.42 -18.08 3.13
N LYS A 200 -8.52 -18.02 4.46
CA LYS A 200 -8.84 -16.76 5.12
C LYS A 200 -7.74 -15.77 4.88
N TRP A 201 -6.50 -16.22 4.87
CA TRP A 201 -5.44 -15.26 4.83
C TRP A 201 -5.46 -14.56 3.50
N ASP A 202 -5.69 -15.30 2.43
CA ASP A 202 -5.71 -14.70 1.13
C ASP A 202 -6.88 -13.76 1.04
N TYR A 203 -8.09 -14.21 1.42
CA TYR A 203 -9.24 -13.36 1.22
C TYR A 203 -9.20 -12.11 2.06
N PHE A 204 -8.58 -12.17 3.23
CA PHE A 204 -8.43 -10.97 4.04
C PHE A 204 -7.64 -9.96 3.26
N ALA A 205 -6.49 -10.40 2.75
CA ALA A 205 -5.60 -9.45 2.07
C ALA A 205 -6.24 -8.97 0.76
N ARG A 206 -6.82 -9.90 0.02
CA ARG A 206 -7.30 -9.57 -1.29
C ARG A 206 -8.55 -8.73 -1.19
N ASP A 207 -9.49 -9.13 -0.36
CA ASP A 207 -10.72 -8.34 -0.20
C ASP A 207 -10.44 -6.97 0.30
N CYS A 208 -9.50 -6.83 1.23
CA CYS A 208 -9.16 -5.49 1.74
C CYS A 208 -8.55 -4.58 0.67
N HIS A 209 -7.65 -5.15 -0.14
CA HIS A 209 -7.02 -4.47 -1.27
C HIS A 209 -8.04 -3.94 -2.25
N HIS A 210 -9.04 -4.76 -2.57
CA HIS A 210 -10.07 -4.36 -3.54
C HIS A 210 -11.17 -3.51 -2.95
N LEU A 211 -11.55 -3.83 -1.72
CA LEU A 211 -12.57 -3.11 -0.96
C LEU A 211 -12.17 -1.69 -0.60
N GLY A 212 -10.90 -1.51 -0.26
CA GLY A 212 -10.43 -0.28 0.35
C GLY A 212 -10.55 -0.35 1.86
N ILE A 213 -10.90 -1.51 2.38
CA ILE A 213 -10.89 -1.74 3.84
C ILE A 213 -9.51 -2.24 4.28
N GLN A 214 -9.32 -2.41 5.57
CA GLN A 214 -8.00 -2.82 6.08
C GLN A 214 -7.92 -4.10 6.94
N ASN A 215 -6.97 -4.97 6.60
CA ASN A 215 -6.75 -6.22 7.29
C ASN A 215 -5.81 -6.01 8.49
N ASN A 216 -6.26 -6.45 9.67
CA ASN A 216 -5.47 -6.29 10.89
C ASN A 216 -4.60 -7.50 11.26
N PHE A 217 -4.67 -8.56 10.46
CA PHE A 217 -3.91 -9.77 10.74
C PHE A 217 -2.87 -10.04 9.66
N ASP A 218 -1.64 -10.35 10.07
CA ASP A 218 -0.60 -10.66 9.10
C ASP A 218 -0.39 -12.16 8.97
N TYR A 219 -0.72 -12.68 7.79
CA TYR A 219 -0.55 -14.09 7.49
C TYR A 219 0.90 -14.54 7.42
N LYS A 220 1.78 -13.70 6.86
CA LYS A 220 3.14 -14.13 6.67
C LYS A 220 3.89 -14.31 8.00
N ARG A 221 3.61 -13.43 8.97
CA ARG A 221 4.12 -13.59 10.34
C ARG A 221 3.72 -14.93 10.95
N PHE A 222 2.46 -15.30 10.79
CA PHE A 222 1.97 -16.53 11.37
C PHE A 222 2.71 -17.73 10.81
N ILE A 223 3.03 -17.68 9.52
CA ILE A 223 3.79 -18.76 8.88
C ILE A 223 5.18 -18.85 9.50
N LYS A 224 5.82 -17.73 9.73
CA LYS A 224 7.17 -17.78 10.29
C LYS A 224 7.23 -18.33 11.71
N PHE A 225 6.19 -18.13 12.50
CA PHE A 225 6.17 -18.63 13.87
C PHE A 225 5.55 -20.02 14.03
N ALA A 226 5.05 -20.59 12.95
CA ALA A 226 4.35 -21.85 13.05
C ALA A 226 5.34 -23.01 13.21
N ARG A 227 5.00 -23.96 14.05
CA ARG A 227 5.82 -25.14 14.30
C ARG A 227 4.90 -26.33 14.49
N VAL A 228 5.40 -27.51 14.16
CA VAL A 228 4.65 -28.72 14.42
C VAL A 228 5.10 -29.33 15.72
N CYS A 229 4.15 -29.69 16.58
CA CYS A 229 4.45 -30.40 17.82
C CYS A 229 3.46 -31.51 18.00
N GLU A 230 3.83 -32.45 18.85
CA GLU A 230 2.94 -33.54 19.19
C GLU A 230 1.81 -33.05 20.11
N VAL A 231 0.58 -33.31 19.74
CA VAL A 231 -0.60 -32.97 20.54
C VAL A 231 -1.50 -34.20 20.52
N ASP A 232 -1.69 -34.79 21.71
CA ASP A 232 -2.49 -36.01 21.87
C ASP A 232 -2.12 -37.09 20.85
N ASN A 233 -0.84 -37.34 20.65
CA ASN A 233 -0.37 -38.32 19.65
C ASN A 233 -0.69 -38.01 18.18
N GLU A 234 -0.89 -36.75 17.91
CA GLU A 234 -1.02 -36.24 16.55
C GLU A 234 0.08 -35.21 16.39
N LEU A 235 0.66 -35.10 15.20
CA LEU A 235 1.56 -33.97 14.91
C LEU A 235 0.77 -32.78 14.36
N ARG A 236 0.64 -31.73 15.16
CA ARG A 236 -0.20 -30.59 14.81
C ARG A 236 0.60 -29.32 14.64
N ILE A 237 0.11 -28.43 13.79
CA ILE A 237 0.67 -27.10 13.69
C ILE A 237 0.35 -26.38 14.96
N CYS A 238 1.37 -25.79 15.55
CA CYS A 238 1.14 -24.99 16.72
C CYS A 238 1.62 -23.59 16.44
N ALA A 239 0.98 -22.63 17.10
CA ALA A 239 1.40 -21.24 17.01
C ALA A 239 2.21 -20.85 18.25
N ARG A 240 3.12 -19.91 18.07
CA ARG A 240 3.83 -19.37 19.18
C ARG A 240 2.84 -18.72 20.16
N ASP A 241 3.05 -18.94 21.44
CA ASP A 241 2.20 -18.42 22.49
C ASP A 241 1.87 -16.95 22.36
N LYS A 242 2.88 -16.12 22.16
CA LYS A 242 2.62 -14.69 22.09
C LYS A 242 1.76 -14.28 20.88
N GLU A 243 1.56 -15.17 19.89
CA GLU A 243 0.69 -14.90 18.75
C GLU A 243 -0.79 -15.01 19.04
N VAL A 244 -1.16 -15.47 20.22
CA VAL A 244 -2.57 -15.73 20.51
C VAL A 244 -3.44 -14.46 20.36
N GLY A 245 -2.93 -13.32 20.80
CA GLY A 245 -3.63 -12.04 20.58
C GLY A 245 -3.88 -11.76 19.10
N ASN A 246 -2.92 -12.16 18.26
CA ASN A 246 -3.08 -12.00 16.82
C ASN A 246 -4.18 -12.88 16.23
N LEU A 247 -4.32 -14.08 16.77
CA LEU A 247 -5.38 -14.98 16.33
C LEU A 247 -6.74 -14.44 16.70
N TYR A 248 -6.87 -13.85 17.88
CA TYR A 248 -8.13 -13.22 18.25
C TYR A 248 -8.39 -12.07 17.30
N ASP A 249 -7.35 -11.32 16.95
CA ASP A 249 -7.50 -10.20 15.99
C ASP A 249 -7.95 -10.70 14.62
N MET A 250 -7.44 -11.86 14.24
CA MET A 250 -7.79 -12.43 12.97
C MET A 250 -9.31 -12.64 12.87
N PHE A 251 -9.94 -13.18 13.92
CA PHE A 251 -11.40 -13.38 13.92
C PHE A 251 -12.15 -12.08 14.06
N HIS A 252 -11.55 -11.10 14.72
CA HIS A 252 -12.15 -9.78 14.70
C HIS A 252 -12.19 -9.20 13.26
N THR A 253 -11.10 -9.37 12.52
CA THR A 253 -11.03 -8.84 11.18
C THR A 253 -12.08 -9.48 10.31
N ARG A 254 -12.14 -10.79 10.41
CA ARG A 254 -13.14 -11.54 9.71
C ARG A 254 -14.52 -10.95 9.96
N ASN A 255 -14.81 -10.71 11.20
CA ASN A 255 -16.11 -10.18 11.51
C ASN A 255 -16.33 -8.72 11.02
N SER A 256 -15.30 -7.91 11.08
CA SER A 256 -15.33 -6.58 10.50
C SER A 256 -15.69 -6.62 9.00
N LEU A 257 -15.13 -7.60 8.32
CA LEU A 257 -15.36 -7.73 6.91
C LEU A 257 -16.78 -8.21 6.61
N HIS A 258 -17.30 -9.08 7.46
CA HIS A 258 -18.71 -9.46 7.37
C HIS A 258 -19.63 -8.27 7.58
N ARG A 259 -19.40 -7.50 8.62
CA ARG A 259 -20.26 -6.41 8.92
C ARG A 259 -20.26 -5.37 7.83
N ARG A 260 -19.07 -5.01 7.39
CA ARG A 260 -18.94 -3.92 6.44
C ARG A 260 -19.29 -4.30 5.02
N ALA A 261 -18.91 -5.50 4.59
CA ALA A 261 -19.00 -5.86 3.18
C ALA A 261 -19.81 -7.12 2.90
N TYR A 262 -19.44 -8.26 3.49
CA TYR A 262 -20.11 -9.52 3.08
C TYR A 262 -21.59 -9.55 3.42
N GLN A 263 -21.96 -8.85 4.47
CA GLN A 263 -23.36 -8.79 4.88
C GLN A 263 -23.86 -7.36 4.80
N HIS A 264 -23.29 -6.57 3.91
CA HIS A 264 -23.77 -5.24 3.67
C HIS A 264 -25.24 -5.33 3.27
N LYS A 265 -26.05 -4.44 3.81
CA LYS A 265 -27.51 -4.54 3.60
C LYS A 265 -27.88 -4.53 2.13
N VAL A 266 -27.22 -3.67 1.39
CA VAL A 266 -27.57 -3.47 -0.01
C VAL A 266 -26.92 -4.52 -0.86
N GLY A 267 -25.71 -4.93 -0.52
CA GLY A 267 -25.10 -6.06 -1.21
C GLY A 267 -25.99 -7.28 -1.07
N ASN A 268 -26.53 -7.50 0.11
CA ASN A 268 -27.39 -8.66 0.34
C ASN A 268 -28.72 -8.59 -0.43
N ILE A 269 -29.31 -7.42 -0.47
CA ILE A 269 -30.56 -7.26 -1.21
C ILE A 269 -30.36 -7.47 -2.71
N ILE A 270 -29.21 -7.01 -3.24
CA ILE A 270 -28.86 -7.28 -4.62
C ILE A 270 -28.63 -8.78 -4.88
N ASP A 271 -27.96 -9.47 -3.97
CA ASP A 271 -27.92 -10.94 -4.07
C ASP A 271 -29.30 -11.58 -4.08
N THR A 272 -30.17 -11.07 -3.22
CA THR A 272 -31.54 -11.55 -3.14
C THR A 272 -32.30 -11.33 -4.45
N MET A 273 -32.07 -10.20 -5.10
CA MET A 273 -32.81 -9.89 -6.29
C MET A 273 -32.31 -10.77 -7.42
N ILE A 274 -31.02 -11.03 -7.40
CA ILE A 274 -30.43 -11.92 -8.38
C ILE A 274 -30.99 -13.31 -8.19
N THR A 275 -31.05 -13.73 -6.93
CA THR A 275 -31.64 -15.03 -6.59
C THR A 275 -33.07 -15.13 -7.12
N ASP A 276 -33.84 -14.09 -6.87
CA ASP A 276 -35.21 -14.03 -7.36
C ASP A 276 -35.25 -14.20 -8.87
N ALA A 277 -34.39 -13.46 -9.56
CA ALA A 277 -34.36 -13.54 -11.01
C ALA A 277 -33.99 -14.95 -11.49
N PHE A 278 -33.04 -15.59 -10.82
CA PHE A 278 -32.62 -16.96 -11.20
C PHE A 278 -33.80 -17.93 -11.04
N LEU A 279 -34.53 -17.77 -9.93
CA LEU A 279 -35.75 -18.52 -9.69
C LEU A 279 -36.79 -18.35 -10.83
N LYS A 280 -37.05 -17.12 -11.26
CA LYS A 280 -37.97 -16.90 -12.36
C LYS A 280 -37.45 -17.36 -13.73
N ALA A 281 -36.15 -17.51 -13.87
CA ALA A 281 -35.55 -17.96 -15.13
C ALA A 281 -35.24 -19.44 -15.14
N ASP A 282 -35.32 -20.10 -13.97
CA ASP A 282 -34.81 -21.46 -13.81
C ASP A 282 -35.36 -22.46 -14.84
N ASP A 283 -36.64 -22.33 -15.18
CA ASP A 283 -37.28 -23.23 -16.15
C ASP A 283 -36.89 -22.99 -17.58
N TYR A 284 -36.39 -21.81 -17.92
CA TYR A 284 -36.20 -21.45 -19.32
C TYR A 284 -34.77 -21.53 -19.78
N ILE A 285 -33.83 -21.34 -18.87
CA ILE A 285 -32.43 -21.38 -19.23
C ILE A 285 -32.00 -22.85 -19.33
N GLU A 286 -31.36 -23.21 -20.42
CA GLU A 286 -30.92 -24.59 -20.63
C GLU A 286 -29.41 -24.64 -20.63
N ILE A 287 -28.86 -25.57 -19.86
CA ILE A 287 -27.43 -25.75 -19.81
C ILE A 287 -27.13 -27.19 -20.22
N THR A 288 -26.39 -27.37 -21.29
CA THR A 288 -26.08 -28.69 -21.80
C THR A 288 -25.02 -29.37 -20.93
N GLY A 289 -25.35 -30.54 -20.45
CA GLY A 289 -24.43 -31.37 -19.68
C GLY A 289 -24.01 -32.60 -20.46
N ALA A 290 -23.61 -33.65 -19.74
CA ALA A 290 -23.04 -34.84 -20.35
C ALA A 290 -24.03 -35.48 -21.31
N GLY A 291 -23.54 -35.92 -22.46
CA GLY A 291 -24.38 -36.56 -23.47
C GLY A 291 -25.41 -35.67 -24.13
N GLY A 292 -25.25 -34.34 -24.01
CA GLY A 292 -26.24 -33.41 -24.55
C GLY A 292 -27.49 -33.23 -23.68
N LYS A 293 -27.52 -33.83 -22.51
CA LYS A 293 -28.66 -33.69 -21.63
C LYS A 293 -28.78 -32.23 -21.18
N LYS A 294 -30.01 -31.70 -21.14
CA LYS A 294 -30.24 -30.30 -20.76
C LYS A 294 -30.55 -30.17 -19.29
N TYR A 295 -29.90 -29.23 -18.63
CA TYR A 295 -30.15 -28.98 -17.22
C TYR A 295 -30.66 -27.59 -17.03
N ARG A 296 -31.18 -27.36 -15.84
CA ARG A 296 -31.59 -26.06 -15.40
C ARG A 296 -30.52 -25.51 -14.50
N ILE A 297 -30.66 -24.26 -14.12
CA ILE A 297 -29.72 -23.61 -13.24
C ILE A 297 -29.66 -24.39 -11.94
N SER A 298 -30.82 -24.78 -11.46
CA SER A 298 -30.94 -25.51 -10.17
C SER A 298 -30.51 -26.96 -10.28
N THR A 299 -30.49 -27.54 -11.47
CA THR A 299 -30.06 -28.94 -11.62
C THR A 299 -28.70 -29.11 -12.21
N ALA A 300 -28.08 -28.02 -12.65
CA ALA A 300 -26.70 -28.10 -13.15
C ALA A 300 -25.72 -28.67 -12.12
N ILE A 301 -26.04 -28.55 -10.84
CA ILE A 301 -25.20 -29.11 -9.78
C ILE A 301 -25.19 -30.65 -9.78
N ASP A 302 -26.07 -31.28 -10.55
CA ASP A 302 -26.06 -32.75 -10.65
C ASP A 302 -25.15 -33.28 -11.72
N ASP A 303 -24.61 -32.41 -12.56
CA ASP A 303 -23.71 -32.85 -13.62
C ASP A 303 -22.59 -31.84 -13.83
N MET A 304 -21.36 -32.26 -13.65
CA MET A 304 -20.24 -31.31 -13.59
C MET A 304 -19.93 -30.70 -14.94
N GLU A 305 -20.28 -31.41 -16.00
CA GLU A 305 -20.10 -30.87 -17.35
C GLU A 305 -21.03 -29.68 -17.58
N ALA A 306 -22.24 -29.76 -17.04
CA ALA A 306 -23.16 -28.62 -17.06
C ALA A 306 -22.71 -27.55 -16.07
N TYR A 307 -22.30 -27.96 -14.88
CA TYR A 307 -21.89 -27.01 -13.83
C TYR A 307 -20.73 -26.16 -14.30
N THR A 308 -19.83 -26.80 -15.06
CA THR A 308 -18.69 -26.11 -15.61
C THR A 308 -19.10 -24.83 -16.32
N LYS A 309 -20.25 -24.86 -16.97
CA LYS A 309 -20.74 -23.73 -17.72
C LYS A 309 -21.62 -22.78 -16.90
N LEU A 310 -21.68 -22.95 -15.59
CA LEU A 310 -22.60 -22.14 -14.80
C LEU A 310 -21.85 -21.12 -14.01
N THR A 311 -21.93 -19.87 -14.48
CA THR A 311 -21.13 -18.78 -13.93
C THR A 311 -21.99 -17.51 -13.88
N ASP A 312 -21.37 -16.39 -13.55
CA ASP A 312 -22.05 -15.10 -13.50
C ASP A 312 -22.64 -14.74 -14.82
N ASN A 313 -22.11 -15.33 -15.89
CA ASN A 313 -22.69 -15.18 -17.23
C ASN A 313 -24.21 -15.33 -17.30
N ILE A 314 -24.76 -16.22 -16.49
CA ILE A 314 -26.21 -16.43 -16.45
C ILE A 314 -26.96 -15.13 -16.19
N PHE A 315 -26.42 -14.30 -15.30
CA PHE A 315 -26.96 -12.99 -15.01
C PHE A 315 -27.13 -12.20 -16.32
N LEU A 316 -26.09 -12.14 -17.13
CA LEU A 316 -26.11 -11.32 -18.33
C LEU A 316 -26.96 -11.94 -19.44
N GLU A 317 -26.93 -13.25 -19.52
CA GLU A 317 -27.85 -13.94 -20.37
C GLU A 317 -29.30 -13.54 -20.10
N ILE A 318 -29.67 -13.44 -18.83
CA ILE A 318 -31.04 -13.06 -18.48
C ILE A 318 -31.25 -11.58 -18.80
N LEU A 319 -30.29 -10.75 -18.40
CA LEU A 319 -30.40 -9.29 -18.60
C LEU A 319 -30.60 -8.92 -20.07
N TYR A 320 -29.83 -9.54 -20.96
CA TYR A 320 -29.83 -9.15 -22.36
C TYR A 320 -30.77 -9.98 -23.20
N SER A 321 -31.53 -10.89 -22.59
CA SER A 321 -32.46 -11.71 -23.35
C SER A 321 -33.59 -10.86 -23.91
N THR A 322 -34.18 -11.34 -24.99
CA THR A 322 -35.39 -10.77 -25.55
C THR A 322 -36.57 -11.74 -25.46
N ASP A 323 -36.31 -13.01 -25.14
CA ASP A 323 -37.33 -14.01 -25.00
C ASP A 323 -38.41 -13.52 -24.04
N PRO A 324 -39.68 -13.50 -24.46
CA PRO A 324 -40.73 -13.07 -23.53
C PRO A 324 -40.93 -13.97 -22.31
N LYS A 325 -40.54 -15.24 -22.41
CA LYS A 325 -40.60 -16.12 -21.26
C LYS A 325 -39.76 -15.58 -20.09
N LEU A 326 -38.67 -14.92 -20.42
CA LEU A 326 -37.75 -14.41 -19.43
C LEU A 326 -38.04 -13.00 -18.99
N LYS A 327 -39.14 -12.42 -19.45
CA LYS A 327 -39.45 -11.04 -19.14
C LYS A 327 -39.47 -10.75 -17.63
N ASP A 328 -40.02 -11.65 -16.84
CA ASP A 328 -40.10 -11.42 -15.41
C ASP A 328 -38.73 -11.41 -14.76
N ALA A 329 -37.88 -12.37 -15.12
CA ALA A 329 -36.54 -12.42 -14.58
C ALA A 329 -35.70 -11.23 -15.04
N ARG A 330 -35.88 -10.87 -16.29
CA ARG A 330 -35.17 -9.73 -16.87
C ARG A 330 -35.55 -8.43 -16.15
N GLU A 331 -36.83 -8.27 -15.81
CA GLU A 331 -37.30 -7.05 -15.16
C GLU A 331 -36.64 -6.81 -13.82
N ILE A 332 -36.45 -7.88 -13.08
CA ILE A 332 -35.81 -7.78 -11.78
C ILE A 332 -34.38 -7.26 -11.95
N LEU A 333 -33.63 -7.85 -12.88
CA LEU A 333 -32.25 -7.44 -13.15
C LEU A 333 -32.21 -6.03 -13.65
N LYS A 334 -33.15 -5.66 -14.49
CA LYS A 334 -33.26 -4.28 -14.91
C LYS A 334 -33.48 -3.31 -13.76
N GLN A 335 -34.26 -3.73 -12.75
CA GLN A 335 -34.48 -2.90 -11.57
C GLN A 335 -33.18 -2.71 -10.77
N ILE A 336 -32.33 -3.73 -10.79
CA ILE A 336 -31.01 -3.58 -10.23
C ILE A 336 -30.25 -2.42 -10.93
N GLU A 337 -30.30 -2.37 -12.25
CA GLU A 337 -29.52 -1.39 -13.00
C GLU A 337 -30.01 0.03 -12.74
N TYR A 338 -31.33 0.19 -12.64
CA TYR A 338 -31.90 1.51 -12.37
C TYR A 338 -31.81 1.85 -10.91
N ARG A 339 -31.28 0.91 -10.12
CA ARG A 339 -31.21 1.08 -8.68
C ARG A 339 -32.60 1.19 -8.01
N ASN A 340 -33.61 0.57 -8.60
CA ASN A 340 -34.91 0.44 -7.95
C ASN A 340 -34.93 -0.89 -7.19
N LEU A 341 -34.31 -0.92 -6.01
CA LEU A 341 -34.05 -2.19 -5.29
C LEU A 341 -35.17 -2.62 -4.35
N PHE A 342 -35.23 -3.92 -3.98
CA PHE A 342 -36.13 -4.37 -2.88
C PHE A 342 -35.77 -3.52 -1.69
N LYS A 343 -36.76 -3.16 -0.89
CA LYS A 343 -36.58 -2.11 0.10
C LYS A 343 -36.39 -2.67 1.50
N TYR A 344 -35.41 -2.12 2.19
CA TYR A 344 -35.08 -2.45 3.54
C TYR A 344 -36.14 -1.93 4.49
N VAL A 345 -36.73 -2.81 5.28
CA VAL A 345 -37.81 -2.47 6.18
C VAL A 345 -37.32 -2.30 7.61
N GLY A 346 -36.41 -3.16 8.06
CA GLY A 346 -35.89 -3.06 9.42
C GLY A 346 -35.07 -4.27 9.81
N GLU A 347 -34.47 -4.18 11.00
CA GLU A 347 -33.71 -5.30 11.55
C GLU A 347 -33.88 -5.36 13.05
N THR A 348 -33.70 -6.56 13.61
CA THR A 348 -33.77 -6.75 15.04
C THR A 348 -32.46 -6.42 15.66
N GLN A 349 -32.44 -6.24 16.97
CA GLN A 349 -31.15 -6.14 17.70
C GLN A 349 -30.54 -7.55 17.73
N PRO A 350 -29.22 -7.65 17.92
CA PRO A 350 -28.61 -8.97 18.00
C PRO A 350 -29.04 -9.73 19.23
N THR A 351 -29.25 -11.02 19.07
CA THR A 351 -29.53 -11.90 20.17
C THR A 351 -28.41 -12.93 20.23
N GLY A 352 -27.93 -13.19 21.44
CA GLY A 352 -26.90 -14.19 21.70
C GLY A 352 -27.26 -15.51 21.07
N GLN A 353 -26.24 -16.24 20.65
CA GLN A 353 -26.37 -17.57 20.06
C GLN A 353 -27.09 -17.50 18.72
N ILE A 354 -27.32 -18.66 18.16
CA ILE A 354 -27.72 -18.79 16.80
C ILE A 354 -28.99 -19.62 16.99
N LYS A 355 -30.00 -18.95 17.56
CA LYS A 355 -31.21 -19.60 17.96
C LYS A 355 -31.91 -20.10 16.69
N ILE A 356 -32.12 -19.22 15.70
CA ILE A 356 -32.79 -19.62 14.45
C ILE A 356 -31.89 -20.48 13.53
N LYS A 357 -32.42 -21.64 13.17
CA LYS A 357 -31.62 -22.60 12.43
C LYS A 357 -31.93 -22.48 10.95
N ARG A 358 -30.97 -22.88 10.12
CA ARG A 358 -31.10 -22.88 8.65
C ARG A 358 -32.44 -23.39 8.16
N GLU A 359 -32.92 -24.49 8.75
CA GLU A 359 -34.19 -25.11 8.31
C GLU A 359 -35.40 -24.17 8.53
N ASP A 360 -35.32 -23.36 9.58
CA ASP A 360 -36.38 -22.41 9.93
C ASP A 360 -36.51 -21.21 8.99
N TYR A 361 -35.46 -20.90 8.24
CA TYR A 361 -35.40 -19.65 7.46
C TYR A 361 -36.60 -19.50 6.53
N GLU A 362 -36.96 -20.57 5.84
CA GLU A 362 -38.00 -20.55 4.80
C GLU A 362 -39.38 -20.15 5.34
N SER A 363 -39.66 -20.50 6.58
CA SER A 363 -40.98 -20.20 7.19
C SER A 363 -41.15 -18.73 7.58
N LEU A 364 -40.05 -17.99 7.61
CA LEU A 364 -40.02 -16.68 8.24
C LEU A 364 -40.87 -15.60 7.55
N PRO A 365 -40.81 -15.55 6.21
CA PRO A 365 -41.65 -14.59 5.52
C PRO A 365 -43.13 -14.85 5.76
N LYS A 366 -43.52 -16.13 5.80
CA LYS A 366 -44.90 -16.50 6.11
C LYS A 366 -45.29 -15.94 7.46
N GLU A 367 -44.42 -16.12 8.45
CA GLU A 367 -44.60 -15.56 9.78
C GLU A 367 -44.79 -14.05 9.82
N VAL A 368 -43.97 -13.31 9.08
CA VAL A 368 -44.07 -11.84 9.12
C VAL A 368 -45.39 -11.41 8.51
N ALA A 369 -45.76 -12.07 7.42
CA ALA A 369 -47.05 -11.83 6.75
C ALA A 369 -48.24 -12.20 7.64
N SER A 370 -48.09 -13.28 8.42
CA SER A 370 -49.09 -13.67 9.45
C SER A 370 -49.33 -12.63 10.54
N ALA A 371 -48.33 -11.82 10.87
CA ALA A 371 -48.52 -10.82 11.91
C ALA A 371 -49.68 -9.90 11.57
N LYS A 372 -50.52 -9.61 12.56
CA LYS A 372 -51.66 -8.72 12.36
C LYS A 372 -51.40 -7.42 13.10
N PRO A 373 -50.99 -6.37 12.38
CA PRO A 373 -50.82 -5.09 13.05
C PRO A 373 -52.16 -4.42 13.29
N LYS A 374 -52.21 -3.58 14.32
CA LYS A 374 -53.45 -2.93 14.75
C LYS A 374 -53.98 -2.01 13.63
N VAL A 375 -53.07 -1.32 12.94
CA VAL A 375 -53.48 -0.41 11.88
C VAL A 375 -53.53 -1.18 10.57
N LYS A 380 -52.72 -5.07 1.96
CA LYS A 380 -52.38 -6.37 2.55
C LYS A 380 -51.18 -6.98 1.83
N LEU A 381 -50.31 -7.65 2.59
CA LEU A 381 -49.08 -8.22 2.02
C LEU A 381 -49.01 -9.71 2.25
N LYS A 382 -48.43 -10.41 1.27
CA LYS A 382 -48.30 -11.85 1.31
C LYS A 382 -46.84 -12.22 1.66
N ALA A 383 -46.62 -13.49 1.99
CA ALA A 383 -45.29 -13.99 2.30
C ALA A 383 -44.30 -13.78 1.16
N GLU A 384 -44.76 -13.94 -0.08
CA GLU A 384 -43.88 -13.78 -1.24
C GLU A 384 -43.38 -12.34 -1.35
N ASP A 385 -44.08 -11.39 -0.72
CA ASP A 385 -43.64 -9.99 -0.76
C ASP A 385 -42.48 -9.69 0.16
N PHE A 386 -42.23 -10.52 1.15
CA PHE A 386 -41.22 -10.23 2.15
C PHE A 386 -39.99 -11.06 1.88
N ILE A 387 -38.84 -10.51 2.24
CA ILE A 387 -37.63 -11.28 2.37
C ILE A 387 -37.10 -11.11 3.78
N VAL A 388 -36.69 -12.22 4.37
CA VAL A 388 -36.19 -12.23 5.74
C VAL A 388 -34.84 -12.90 5.75
N ASP A 389 -33.87 -12.15 6.22
CA ASP A 389 -32.49 -12.52 6.09
C ASP A 389 -31.99 -12.72 7.49
N VAL A 390 -31.52 -13.92 7.76
CA VAL A 390 -30.93 -14.23 9.06
C VAL A 390 -29.43 -14.03 8.97
N ILE A 391 -28.87 -13.17 9.82
CA ILE A 391 -27.44 -12.87 9.77
C ILE A 391 -26.72 -13.33 11.02
N ASN A 392 -25.82 -14.26 10.80
CA ASN A 392 -24.97 -14.78 11.85
C ASN A 392 -23.65 -14.07 11.96
N MET A 393 -23.29 -13.71 13.18
CA MET A 393 -22.02 -13.14 13.53
C MET A 393 -21.42 -14.13 14.52
N ASP A 394 -20.34 -14.80 14.15
CA ASP A 394 -19.65 -15.67 15.10
C ASP A 394 -18.15 -15.79 14.79
N TYR A 395 -17.49 -16.73 15.47
CA TYR A 395 -16.06 -16.93 15.30
C TYR A 395 -15.82 -18.18 14.47
N GLY A 396 -16.79 -18.50 13.63
CA GLY A 396 -16.67 -19.54 12.63
C GLY A 396 -16.96 -20.93 13.13
N MET A 397 -17.29 -21.08 14.40
CA MET A 397 -17.59 -22.41 14.97
C MET A 397 -18.80 -22.32 15.88
N GLN A 398 -19.84 -21.64 15.38
CA GLN A 398 -21.08 -21.51 16.11
C GLN A 398 -20.77 -20.89 17.49
N GLU A 399 -21.13 -21.56 18.59
CA GLU A 399 -20.98 -21.02 19.94
C GLU A 399 -19.57 -21.20 20.48
N LYS A 400 -18.72 -22.00 19.82
CA LYS A 400 -17.40 -22.29 20.39
C LYS A 400 -16.38 -21.19 20.09
N ASN A 401 -15.42 -21.05 20.99
CA ASN A 401 -14.27 -20.19 20.80
C ASN A 401 -13.18 -21.00 20.06
N PRO A 402 -12.85 -20.61 18.84
CA PRO A 402 -11.90 -21.44 18.11
C PRO A 402 -10.51 -21.48 18.76
N ILE A 403 -10.17 -20.46 19.53
CA ILE A 403 -8.82 -20.39 20.09
C ILE A 403 -8.62 -21.46 21.16
N ASP A 404 -9.73 -21.90 21.77
CA ASP A 404 -9.69 -23.05 22.68
C ASP A 404 -9.26 -24.29 21.94
N HIS A 405 -9.37 -24.29 20.62
CA HIS A 405 -8.97 -25.45 19.80
C HIS A 405 -7.67 -25.23 19.05
N VAL A 406 -6.80 -24.39 19.60
CA VAL A 406 -5.50 -24.12 19.01
C VAL A 406 -4.45 -24.58 19.97
N SER A 407 -3.37 -25.19 19.47
CA SER A 407 -2.22 -25.50 20.28
C SER A 407 -1.12 -24.48 20.06
N PHE A 408 -0.38 -24.20 21.13
CA PHE A 408 0.69 -23.25 21.15
C PHE A 408 1.97 -23.84 21.69
N TYR A 409 3.11 -23.17 21.44
CA TYR A 409 4.39 -23.58 22.06
C TYR A 409 5.08 -22.35 22.59
N CYS A 410 5.95 -22.52 23.59
N CYS A 410 5.97 -22.52 23.58
CA CYS A 410 6.68 -21.38 24.11
CA CYS A 410 6.71 -21.40 24.10
C CYS A 410 8.13 -21.45 23.67
C CYS A 410 8.14 -21.45 23.66
N LYS A 411 8.78 -20.29 23.71
CA LYS A 411 10.13 -20.13 23.22
C LYS A 411 11.11 -21.08 23.90
N THR A 412 10.92 -21.23 25.20
CA THR A 412 11.83 -21.99 26.03
C THR A 412 11.66 -23.50 25.89
N ALA A 413 10.52 -23.95 25.38
CA ALA A 413 10.26 -25.42 25.14
C ALA A 413 9.49 -25.62 23.84
N PRO A 414 10.16 -25.52 22.70
CA PRO A 414 9.46 -25.43 21.43
C PRO A 414 8.69 -26.69 21.06
N ASN A 415 9.02 -27.81 21.67
CA ASN A 415 8.41 -29.07 21.28
C ASN A 415 7.19 -29.39 22.11
N ARG A 416 6.95 -28.64 23.17
CA ARG A 416 5.84 -28.96 24.08
C ARG A 416 4.62 -28.12 23.75
N ALA A 417 3.54 -28.77 23.38
CA ALA A 417 2.32 -28.07 23.05
C ALA A 417 1.51 -27.73 24.28
N ILE A 418 0.85 -26.57 24.27
CA ILE A 418 0.02 -26.15 25.37
C ILE A 418 -1.29 -25.52 24.91
N ARG A 419 -2.25 -25.43 25.83
CA ARG A 419 -3.49 -24.69 25.59
C ARG A 419 -3.42 -23.35 26.31
N ILE A 420 -4.07 -22.34 25.74
CA ILE A 420 -4.15 -21.02 26.36
C ILE A 420 -5.62 -20.67 26.38
N THR A 421 -6.19 -20.44 27.56
CA THR A 421 -7.61 -20.04 27.68
C THR A 421 -7.81 -18.54 27.48
N LYS A 422 -9.06 -18.15 27.26
CA LYS A 422 -9.41 -16.74 26.97
C LYS A 422 -8.98 -15.78 28.10
N ASN A 423 -9.26 -16.21 29.31
CA ASN A 423 -8.97 -15.43 30.51
C ASN A 423 -7.46 -15.29 30.73
N GLN A 424 -6.66 -16.16 30.14
CA GLN A 424 -5.21 -15.94 30.17
C GLN A 424 -4.77 -14.82 29.25
N VAL A 425 -5.61 -14.44 28.28
CA VAL A 425 -5.19 -13.48 27.27
C VAL A 425 -5.65 -12.06 27.53
N SER A 426 -6.96 -11.86 27.60
CA SER A 426 -7.48 -10.53 27.87
C SER A 426 -8.89 -10.64 28.39
N GLN A 427 -9.22 -9.74 29.32
CA GLN A 427 -10.60 -9.61 29.85
C GLN A 427 -11.44 -8.76 28.93
N LEU A 428 -10.83 -8.21 27.89
CA LEU A 428 -11.57 -7.40 26.96
C LEU A 428 -12.18 -8.21 25.82
N LEU A 429 -11.97 -9.52 25.82
CA LEU A 429 -12.44 -10.38 24.75
C LEU A 429 -13.93 -10.66 24.93
N PRO A 430 -14.59 -11.24 23.89
CA PRO A 430 -16.03 -11.50 23.98
C PRO A 430 -16.39 -12.55 25.04
N GLU A 431 -17.49 -12.34 25.73
CA GLU A 431 -18.05 -13.37 26.60
C GLU A 431 -18.82 -14.42 25.79
N LYS A 432 -19.34 -14.00 24.64
CA LYS A 432 -20.07 -14.85 23.72
C LYS A 432 -19.32 -14.89 22.37
N PHE A 433 -19.40 -16.00 21.68
CA PHE A 433 -18.76 -16.16 20.40
C PHE A 433 -19.72 -16.30 19.21
N ALA A 434 -21.02 -16.14 19.44
CA ALA A 434 -22.03 -16.22 18.38
C ALA A 434 -23.25 -15.38 18.66
N GLU A 435 -23.80 -14.79 17.62
CA GLU A 435 -25.03 -14.00 17.72
C GLU A 435 -25.73 -13.98 16.36
N GLN A 436 -26.97 -13.50 16.36
CA GLN A 436 -27.81 -13.50 15.18
C GLN A 436 -28.62 -12.22 15.12
N LEU A 437 -28.90 -11.76 13.91
CA LEU A 437 -29.99 -10.81 13.73
C LEU A 437 -30.76 -11.04 12.47
N ILE A 438 -31.91 -10.41 12.42
CA ILE A 438 -32.83 -10.61 11.37
C ILE A 438 -33.10 -9.33 10.64
N ARG A 439 -32.94 -9.34 9.33
CA ARG A 439 -33.28 -8.20 8.49
C ARG A 439 -34.47 -8.56 7.66
N VAL A 440 -35.33 -7.58 7.42
CA VAL A 440 -36.49 -7.78 6.60
C VAL A 440 -36.51 -6.80 5.45
N TYR A 441 -36.89 -7.29 4.28
CA TYR A 441 -37.03 -6.47 3.11
C TYR A 441 -38.37 -6.71 2.44
N CYS A 442 -38.80 -5.73 1.65
CA CYS A 442 -40.04 -5.78 0.93
C CYS A 442 -39.82 -5.67 -0.57
N LYS A 443 -40.42 -6.60 -1.33
CA LYS A 443 -40.29 -6.61 -2.77
C LYS A 443 -41.15 -5.55 -3.42
N LYS A 444 -42.22 -5.13 -2.77
CA LYS A 444 -43.07 -4.06 -3.31
C LYS A 444 -42.50 -2.77 -2.82
N VAL A 445 -42.30 -1.84 -3.75
CA VAL A 445 -41.50 -0.63 -3.48
C VAL A 445 -42.29 0.65 -3.37
N ASP A 446 -43.59 0.60 -3.64
CA ASP A 446 -44.43 1.80 -3.52
C ASP A 446 -44.59 2.16 -2.05
N ARG A 447 -44.84 3.43 -1.79
CA ARG A 447 -44.95 3.96 -0.42
C ARG A 447 -45.99 3.23 0.43
N LYS A 448 -47.11 2.89 -0.19
CA LYS A 448 -48.20 2.21 0.53
C LYS A 448 -47.72 0.87 1.01
N SER A 449 -47.10 0.12 0.12
CA SER A 449 -46.59 -1.22 0.44
C SER A 449 -45.53 -1.17 1.54
N LEU A 450 -44.64 -0.18 1.44
CA LEU A 450 -43.58 0.04 2.44
C LEU A 450 -44.10 0.33 3.81
N TYR A 451 -45.09 1.22 3.90
CA TYR A 451 -45.66 1.62 5.19
C TYR A 451 -46.24 0.39 5.86
N ALA A 452 -47.00 -0.37 5.09
CA ALA A 452 -47.56 -1.63 5.58
C ALA A 452 -46.47 -2.62 6.03
N ALA A 453 -45.43 -2.80 5.23
CA ALA A 453 -44.36 -3.76 5.55
C ALA A 453 -43.74 -3.42 6.91
N ARG A 454 -43.48 -2.14 7.15
CA ARG A 454 -43.01 -1.64 8.46
C ARG A 454 -43.93 -2.08 9.61
N GLN A 455 -45.25 -2.00 9.38
CA GLN A 455 -46.23 -2.39 10.40
C GLN A 455 -46.13 -3.86 10.70
N TYR A 456 -46.17 -4.67 9.65
CA TYR A 456 -46.01 -6.11 9.82
C TYR A 456 -44.73 -6.41 10.61
N PHE A 457 -43.63 -5.74 10.23
CA PHE A 457 -42.34 -6.00 10.83
C PHE A 457 -42.31 -5.72 12.33
N VAL A 458 -42.76 -4.53 12.70
CA VAL A 458 -42.83 -4.11 14.11
C VAL A 458 -43.72 -5.04 14.91
N GLN A 459 -44.87 -5.40 14.33
CA GLN A 459 -45.80 -6.31 14.99
C GLN A 459 -45.17 -7.69 15.18
N TRP A 460 -44.54 -8.20 14.13
CA TRP A 460 -43.88 -9.46 14.22
C TRP A 460 -42.78 -9.43 15.30
N CYS A 461 -42.02 -8.33 15.38
CA CYS A 461 -40.97 -8.21 16.40
C CYS A 461 -41.57 -8.28 17.81
N ALA A 462 -42.70 -7.60 18.00
CA ALA A 462 -43.40 -7.64 19.28
C ALA A 462 -43.91 -9.05 19.57
N ASP A 463 -44.53 -9.71 18.59
CA ASP A 463 -45.02 -11.08 18.76
C ASP A 463 -43.93 -12.05 19.17
N ARG A 464 -42.78 -11.95 18.51
CA ARG A 464 -41.69 -12.87 18.75
C ARG A 464 -40.86 -12.47 19.95
N ASN A 465 -41.09 -11.30 20.52
CA ASN A 465 -40.27 -10.78 21.62
C ASN A 465 -38.85 -10.43 21.20
N PHE A 466 -38.71 -9.86 20.00
CA PHE A 466 -37.43 -9.34 19.49
C PHE A 466 -37.36 -7.86 19.77
N THR A 467 -36.31 -7.16 19.32
CA THR A 467 -36.13 -5.74 19.58
C THR A 467 -35.62 -4.93 18.37
N LYS A 468 -35.76 -3.60 18.43
CA LYS A 468 -35.10 -2.62 17.51
C LYS A 468 -35.97 -2.24 16.33
N PRO A 469 -35.66 -1.09 15.66
CA PRO A 469 -36.38 -0.82 14.41
C PRO A 469 -35.61 -1.33 13.20
N ASP B 1 21.56 -22.22 17.50
CA ASP B 1 20.51 -21.13 17.63
C ASP B 1 19.52 -21.10 16.46
N THR B 2 18.42 -20.37 16.72
CA THR B 2 17.50 -20.02 15.67
C THR B 2 17.47 -18.51 15.37
N MET B 3 16.66 -18.20 14.38
CA MET B 3 16.69 -16.95 13.67
C MET B 3 15.94 -15.92 14.47
N LYS B 4 16.38 -14.66 14.43
CA LYS B 4 15.48 -13.59 14.85
C LYS B 4 14.65 -13.19 13.65
N VAL B 5 13.44 -12.76 13.96
CA VAL B 5 12.54 -12.27 12.96
C VAL B 5 12.33 -10.80 13.25
N ILE B 6 12.39 -9.98 12.20
CA ILE B 6 12.22 -8.54 12.32
C ILE B 6 11.18 -8.12 11.31
N ASN B 7 10.23 -7.30 11.76
CA ASN B 7 9.21 -6.80 10.87
C ASN B 7 9.73 -5.52 10.26
N ASP B 8 9.97 -5.57 8.97
CA ASP B 8 10.34 -4.42 8.21
C ASP B 8 9.16 -4.01 7.33
N PRO B 9 8.82 -2.71 7.32
CA PRO B 9 7.69 -2.31 6.49
C PRO B 9 7.87 -2.52 5.01
N ILE B 10 9.08 -2.48 4.50
CA ILE B 10 9.30 -2.68 3.11
C ILE B 10 9.26 -4.17 2.76
N HIS B 11 9.96 -5.01 3.52
CA HIS B 11 10.15 -6.43 3.14
C HIS B 11 9.36 -7.40 3.96
N GLY B 12 8.66 -6.92 4.98
CA GLY B 12 7.86 -7.78 5.83
C GLY B 12 8.75 -8.44 6.86
N HIS B 13 8.38 -9.64 7.27
CA HIS B 13 9.08 -10.35 8.30
C HIS B 13 10.32 -11.03 7.72
N ILE B 14 11.47 -10.59 8.23
CA ILE B 14 12.76 -10.94 7.76
C ILE B 14 13.37 -11.83 8.82
N GLU B 15 14.00 -12.92 8.39
CA GLU B 15 14.72 -13.81 9.30
C GLU B 15 16.21 -13.45 9.29
N LEU B 16 16.82 -13.32 10.47
CA LEU B 16 18.27 -13.05 10.57
C LEU B 16 19.00 -14.17 11.35
N HIS B 17 20.02 -14.73 10.71
CA HIS B 17 20.87 -15.72 11.27
C HIS B 17 21.61 -15.10 12.48
N PRO B 18 21.82 -15.90 13.54
CA PRO B 18 22.40 -15.34 14.79
C PRO B 18 23.74 -14.61 14.64
N LEU B 19 24.58 -15.09 13.74
CA LEU B 19 25.82 -14.39 13.45
C LEU B 19 25.58 -12.96 12.98
N LEU B 20 24.56 -12.77 12.14
CA LEU B 20 24.19 -11.42 11.67
C LEU B 20 23.72 -10.57 12.84
N VAL B 21 22.87 -11.14 13.69
CA VAL B 21 22.36 -10.46 14.86
C VAL B 21 23.52 -10.01 15.73
N ARG B 22 24.52 -10.87 15.86
CA ARG B 22 25.68 -10.54 16.69
C ARG B 22 26.41 -9.32 16.14
N ILE B 23 26.46 -9.21 14.82
CA ILE B 23 27.12 -8.10 14.18
C ILE B 23 26.27 -6.81 14.31
N ILE B 24 24.96 -6.99 14.23
CA ILE B 24 24.04 -5.88 14.34
C ILE B 24 24.10 -5.28 15.72
N ASP B 25 24.23 -6.13 16.72
CA ASP B 25 24.09 -5.69 18.11
C ASP B 25 25.42 -5.23 18.69
N THR B 26 25.96 -4.20 18.02
CA THR B 26 27.23 -3.61 18.36
C THR B 26 27.11 -2.10 18.21
N PRO B 27 27.94 -1.38 18.96
CA PRO B 27 27.89 0.08 18.88
C PRO B 27 28.15 0.55 17.46
N GLN B 28 29.01 -0.18 16.75
CA GLN B 28 29.38 0.22 15.40
C GLN B 28 28.22 0.12 14.43
N PHE B 29 27.37 -0.88 14.61
CA PHE B 29 26.25 -1.01 13.71
C PHE B 29 25.06 -0.14 14.12
N GLN B 30 24.84 -0.08 15.43
CA GLN B 30 23.64 0.60 15.95
C GLN B 30 23.73 2.10 15.75
N ARG B 31 24.96 2.56 15.57
CA ARG B 31 25.26 3.92 15.17
C ARG B 31 24.38 4.40 14.02
N LEU B 32 24.10 3.49 13.10
CA LEU B 32 23.35 3.83 11.91
C LEU B 32 21.93 4.25 12.17
N ARG B 33 21.46 4.02 13.38
CA ARG B 33 20.17 4.52 13.80
C ARG B 33 20.13 6.04 13.88
N TYR B 34 21.30 6.66 13.94
CA TYR B 34 21.38 8.08 14.18
C TYR B 34 21.95 8.85 12.99
N ILE B 35 21.80 8.27 11.80
CA ILE B 35 22.18 8.87 10.55
C ILE B 35 21.05 8.72 9.50
N LYS B 36 20.47 9.86 9.11
CA LYS B 36 19.34 9.91 8.21
C LYS B 36 19.75 9.50 6.83
N GLN B 37 18.96 8.64 6.21
CA GLN B 37 19.23 8.16 4.88
C GLN B 37 19.42 9.35 3.91
N LEU B 38 18.56 10.35 4.01
CA LEU B 38 18.50 11.37 3.01
C LEU B 38 18.99 12.69 3.54
N GLY B 39 19.67 12.67 4.69
CA GLY B 39 20.20 13.88 5.32
C GLY B 39 19.21 15.03 5.36
N GLY B 40 19.60 16.15 4.77
CA GLY B 40 18.75 17.33 4.70
C GLY B 40 17.47 17.17 3.93
N GLY B 41 17.34 16.09 3.16
CA GLY B 41 16.06 15.72 2.55
C GLY B 41 14.88 15.64 3.49
N TYR B 42 15.14 15.27 4.75
CA TYR B 42 14.07 15.20 5.75
C TYR B 42 13.48 16.60 5.99
N TYR B 43 14.26 17.63 5.71
CA TYR B 43 13.83 18.99 5.99
C TYR B 43 12.98 19.48 4.85
N VAL B 44 12.80 18.63 3.82
CA VAL B 44 11.91 18.92 2.69
C VAL B 44 10.78 17.90 2.57
N PHE B 45 11.10 16.62 2.76
CA PHE B 45 10.18 15.49 2.65
C PHE B 45 9.99 14.96 4.07
N PRO B 46 8.91 15.39 4.77
CA PRO B 46 8.73 15.03 6.20
C PRO B 46 8.62 13.52 6.47
N GLY B 47 8.34 12.75 5.46
CA GLY B 47 8.28 11.32 5.65
C GLY B 47 9.63 10.68 5.64
N ALA B 48 10.68 11.41 5.25
CA ALA B 48 12.02 10.83 5.08
C ALA B 48 12.79 10.89 6.40
N SER B 49 12.19 10.30 7.42
CA SER B 49 12.77 10.21 8.75
C SER B 49 13.66 8.96 8.86
N HIS B 50 13.65 8.11 7.85
CA HIS B 50 14.39 6.83 7.92
C HIS B 50 15.94 7.00 8.01
N ASN B 51 16.55 6.10 8.75
CA ASN B 51 17.95 6.12 8.96
C ASN B 51 18.62 4.94 8.22
N ARG B 52 19.94 5.03 8.14
CA ARG B 52 20.79 4.06 7.44
C ARG B 52 20.66 2.65 8.01
N PHE B 53 20.31 2.57 9.30
CA PHE B 53 20.18 1.29 10.00
C PHE B 53 19.17 0.40 9.30
N GLU B 54 17.94 0.88 9.16
CA GLU B 54 16.90 0.05 8.60
C GLU B 54 17.22 -0.26 7.14
N HIS B 55 17.85 0.68 6.47
CA HIS B 55 18.21 0.44 5.07
C HIS B 55 19.25 -0.68 4.98
N SER B 56 20.17 -0.68 5.91
CA SER B 56 21.17 -1.71 5.97
C SER B 56 20.61 -3.11 6.18
N LEU B 57 19.64 -3.22 7.07
CA LEU B 57 18.93 -4.48 7.24
C LEU B 57 18.31 -4.92 5.93
N GLY B 58 17.66 -4.00 5.25
CA GLY B 58 17.05 -4.33 3.96
C GLY B 58 18.08 -4.85 2.94
N VAL B 59 19.25 -4.24 2.92
CA VAL B 59 20.25 -4.61 1.93
C VAL B 59 20.77 -6.03 2.25
N GLY B 60 21.01 -6.31 3.51
CA GLY B 60 21.45 -7.63 3.91
C GLY B 60 20.46 -8.70 3.55
N TYR B 61 19.19 -8.39 3.77
CA TYR B 61 18.12 -9.30 3.49
C TYR B 61 18.09 -9.61 2.00
N LEU B 62 18.07 -8.58 1.17
CA LEU B 62 17.96 -8.77 -0.27
C LEU B 62 19.18 -9.47 -0.83
N ALA B 63 20.35 -9.16 -0.28
CA ALA B 63 21.56 -9.88 -0.66
C ALA B 63 21.31 -11.37 -0.47
N GLY B 64 20.82 -11.72 0.72
CA GLY B 64 20.54 -13.10 1.06
C GLY B 64 19.51 -13.73 0.14
N CYS B 65 18.47 -12.97 -0.18
CA CYS B 65 17.44 -13.49 -1.10
C CYS B 65 18.07 -13.87 -2.44
N LEU B 66 18.95 -13.03 -2.96
CA LEU B 66 19.50 -13.30 -4.26
C LEU B 66 20.45 -14.51 -4.24
N VAL B 67 21.34 -14.55 -3.26
CA VAL B 67 22.32 -15.65 -3.20
C VAL B 67 21.61 -16.99 -3.02
N HIS B 68 20.58 -17.00 -2.17
CA HIS B 68 19.75 -18.20 -1.95
C HIS B 68 19.01 -18.63 -3.21
N ALA B 69 18.42 -17.66 -3.89
CA ALA B 69 17.69 -17.96 -5.13
C ALA B 69 18.62 -18.68 -6.13
N LEU B 70 19.85 -18.17 -6.26
CA LEU B 70 20.82 -18.75 -7.17
C LEU B 70 21.24 -20.16 -6.77
N GLY B 71 21.48 -20.36 -5.48
CA GLY B 71 21.89 -21.63 -4.97
C GLY B 71 20.82 -22.68 -5.15
N GLU B 72 19.56 -22.29 -4.95
CA GLU B 72 18.44 -23.20 -5.10
C GLU B 72 18.25 -23.59 -6.57
N LYS B 73 18.27 -22.59 -7.46
CA LYS B 73 18.13 -22.85 -8.89
C LYS B 73 19.33 -23.62 -9.46
N GLN B 74 20.53 -23.32 -8.98
CA GLN B 74 21.74 -23.87 -9.57
C GLN B 74 22.67 -24.52 -8.53
N PRO B 75 22.33 -25.73 -8.11
CA PRO B 75 23.16 -26.52 -7.18
C PRO B 75 24.60 -26.69 -7.65
N GLU B 76 24.79 -26.74 -8.97
CA GLU B 76 26.12 -26.92 -9.54
C GLU B 76 27.08 -25.79 -9.19
N LEU B 77 26.56 -24.65 -8.76
CA LEU B 77 27.40 -23.51 -8.40
C LEU B 77 28.12 -23.73 -7.07
N GLN B 78 27.66 -24.69 -6.29
CA GLN B 78 28.30 -25.06 -5.02
C GLN B 78 28.30 -23.91 -4.01
N ILE B 79 27.24 -23.10 -4.03
CA ILE B 79 27.11 -21.99 -3.09
C ILE B 79 26.91 -22.60 -1.73
N SER B 80 27.73 -22.20 -0.76
CA SER B 80 27.61 -22.70 0.62
C SER B 80 26.92 -21.68 1.54
N GLU B 81 26.51 -22.13 2.72
CA GLU B 81 25.93 -21.28 3.74
C GLU B 81 26.96 -20.23 4.13
N ARG B 82 28.22 -20.65 4.15
CA ARG B 82 29.33 -19.75 4.36
C ARG B 82 29.27 -18.56 3.41
N ASP B 83 29.12 -18.83 2.13
CA ASP B 83 28.98 -17.80 1.10
C ASP B 83 27.77 -16.91 1.35
N VAL B 84 26.66 -17.56 1.69
CA VAL B 84 25.44 -16.84 1.92
C VAL B 84 25.64 -15.82 3.02
N LEU B 85 26.23 -16.29 4.11
CA LEU B 85 26.43 -15.42 5.29
C LEU B 85 27.38 -14.29 5.00
N CYS B 86 28.45 -14.59 4.25
CA CYS B 86 29.41 -13.56 3.86
C CYS B 86 28.80 -12.47 3.01
N VAL B 87 27.93 -12.87 2.08
CA VAL B 87 27.23 -11.96 1.22
C VAL B 87 26.27 -11.10 2.05
N GLN B 88 25.51 -11.74 2.95
CA GLN B 88 24.61 -11.02 3.81
C GLN B 88 25.37 -10.02 4.68
N ILE B 89 26.50 -10.45 5.22
CA ILE B 89 27.28 -9.59 6.09
C ILE B 89 27.74 -8.38 5.29
N ALA B 90 28.18 -8.62 4.07
CA ALA B 90 28.63 -7.50 3.26
C ALA B 90 27.45 -6.55 2.96
N GLY B 91 26.27 -7.11 2.74
CA GLY B 91 25.11 -6.30 2.45
C GLY B 91 24.70 -5.45 3.63
N LEU B 92 24.74 -6.06 4.82
CA LEU B 92 24.45 -5.38 6.07
C LEU B 92 25.39 -4.29 6.29
N CYS B 93 26.65 -4.50 5.94
CA CYS B 93 27.73 -3.61 6.37
C CYS B 93 28.22 -2.61 5.34
N ARG B 94 27.66 -2.60 4.14
CA ARG B 94 28.19 -1.68 3.14
C ARG B 94 27.88 -0.22 3.46
N ASN B 95 26.86 0.05 4.27
CA ASN B 95 26.57 1.41 4.71
C ASN B 95 27.22 1.82 6.03
N LEU B 96 28.00 0.95 6.66
CA LEU B 96 28.67 1.28 7.90
C LEU B 96 29.48 2.58 7.90
N GLY B 97 30.09 2.90 6.77
CA GLY B 97 31.01 4.03 6.72
C GLY B 97 30.39 5.40 6.61
N HIS B 98 29.07 5.47 6.52
CA HIS B 98 28.41 6.76 6.31
C HIS B 98 28.51 7.62 7.52
N GLY B 99 28.67 8.92 7.28
CA GLY B 99 28.82 9.92 8.35
C GLY B 99 27.52 10.70 8.50
N PRO B 100 27.53 11.73 9.33
CA PRO B 100 26.37 12.56 9.54
C PRO B 100 25.72 13.03 8.26
N PHE B 101 24.41 12.89 8.20
CA PHE B 101 23.61 13.24 7.07
C PHE B 101 24.06 12.56 5.77
N SER B 102 24.59 11.35 5.93
CA SER B 102 24.95 10.45 4.80
C SER B 102 25.80 11.19 3.76
N HIS B 103 25.32 11.32 2.53
CA HIS B 103 26.12 11.83 1.45
C HIS B 103 26.59 13.26 1.62
N MET B 104 25.98 13.99 2.53
CA MET B 104 26.52 15.30 2.87
C MET B 104 27.95 15.20 3.36
N PHE B 105 28.21 14.17 4.17
CA PHE B 105 29.47 14.08 4.85
C PHE B 105 30.62 13.78 3.88
N ASP B 106 30.51 12.74 3.07
CA ASP B 106 31.62 12.41 2.15
C ASP B 106 31.50 13.20 0.84
N GLY B 107 30.29 13.65 0.50
CA GLY B 107 30.09 14.49 -0.68
C GLY B 107 30.43 15.97 -0.50
N ARG B 108 30.26 16.53 0.69
CA ARG B 108 30.50 17.95 0.88
C ARG B 108 31.51 18.24 1.94
N PHE B 109 31.28 17.76 3.16
CA PHE B 109 32.10 18.19 4.29
C PHE B 109 33.58 17.75 4.22
N ILE B 110 33.82 16.45 4.07
CA ILE B 110 35.20 15.94 4.00
C ILE B 110 36.02 16.54 2.84
N PRO B 111 35.44 16.61 1.63
CA PRO B 111 36.17 17.32 0.57
C PRO B 111 36.59 18.76 0.90
N LEU B 112 35.76 19.52 1.61
CA LEU B 112 36.14 20.86 2.01
C LEU B 112 37.08 20.87 3.22
N ALA B 113 36.91 19.95 4.18
CA ALA B 113 37.66 20.03 5.43
C ALA B 113 39.00 19.32 5.33
N ARG B 114 39.09 18.32 4.47
CA ARG B 114 40.32 17.57 4.25
C ARG B 114 40.48 17.35 2.73
N PRO B 115 40.80 18.41 2.00
CA PRO B 115 40.93 18.24 0.56
C PRO B 115 42.04 17.28 0.14
N GLU B 116 43.04 17.12 0.97
CA GLU B 116 44.16 16.23 0.66
C GLU B 116 43.78 14.76 0.71
N VAL B 117 42.75 14.40 1.47
CA VAL B 117 42.46 12.97 1.72
C VAL B 117 41.53 12.51 0.63
N LYS B 118 41.53 11.22 0.34
CA LYS B 118 40.55 10.63 -0.56
C LYS B 118 39.70 9.65 0.26
N TRP B 119 38.52 10.10 0.65
CA TRP B 119 37.71 9.36 1.58
C TRP B 119 36.39 9.20 0.91
N THR B 120 35.87 8.00 0.98
CA THR B 120 34.49 7.71 0.61
C THR B 120 33.89 6.93 1.76
N HIS B 121 32.57 6.94 1.86
CA HIS B 121 31.92 6.13 2.87
C HIS B 121 32.26 4.63 2.71
N GLU B 122 32.48 4.15 1.48
CA GLU B 122 32.84 2.74 1.27
C GLU B 122 34.15 2.38 2.02
N GLN B 123 35.11 3.29 1.99
CA GLN B 123 36.38 3.06 2.67
C GLN B 123 36.12 3.06 4.16
N GLY B 124 35.33 4.03 4.61
CA GLY B 124 34.82 4.05 5.96
C GLY B 124 34.11 2.79 6.40
N SER B 125 33.33 2.19 5.49
CA SER B 125 32.59 0.97 5.81
C SER B 125 33.56 -0.17 6.11
N VAL B 126 34.66 -0.19 5.37
CA VAL B 126 35.64 -1.25 5.46
C VAL B 126 36.41 -1.11 6.76
N MET B 127 36.79 0.11 7.08
CA MET B 127 37.51 0.35 8.33
C MET B 127 36.59 0.10 9.53
N MET B 128 35.33 0.55 9.43
CA MET B 128 34.38 0.36 10.52
C MET B 128 34.17 -1.12 10.75
N PHE B 129 34.07 -1.84 9.65
CA PHE B 129 33.80 -3.25 9.72
C PHE B 129 34.92 -3.98 10.47
N GLU B 130 36.14 -3.64 10.14
CA GLU B 130 37.30 -4.17 10.83
C GLU B 130 37.24 -3.86 12.32
N HIS B 131 36.95 -2.62 12.65
CA HIS B 131 36.83 -2.20 14.02
C HIS B 131 35.69 -2.95 14.74
N LEU B 132 34.55 -3.10 14.07
CA LEU B 132 33.44 -3.81 14.64
C LEU B 132 33.81 -5.26 14.98
N ILE B 133 34.40 -5.97 14.03
CA ILE B 133 34.79 -7.36 14.23
C ILE B 133 35.81 -7.51 15.36
N ASN B 134 36.84 -6.68 15.34
CA ASN B 134 37.93 -6.78 16.31
C ASN B 134 37.56 -6.39 17.72
N SER B 135 36.78 -5.31 17.84
CA SER B 135 36.30 -4.80 19.11
C SER B 135 35.35 -5.71 19.81
N ASN B 136 34.59 -6.50 19.08
CA ASN B 136 33.49 -7.22 19.71
C ASN B 136 33.64 -8.73 19.67
N GLY B 137 34.84 -9.25 19.40
CA GLY B 137 35.04 -10.69 19.44
C GLY B 137 34.23 -11.49 18.45
N ILE B 138 33.99 -10.93 17.26
CA ILE B 138 33.12 -11.57 16.29
C ILE B 138 33.83 -12.74 15.61
N LYS B 139 35.14 -12.65 15.45
CA LYS B 139 35.88 -13.69 14.68
C LYS B 139 35.62 -15.11 15.20
N PRO B 140 35.67 -15.33 16.51
CA PRO B 140 35.33 -16.64 17.02
C PRO B 140 33.90 -17.07 16.70
N VAL B 141 32.97 -16.12 16.73
CA VAL B 141 31.58 -16.43 16.36
C VAL B 141 31.48 -16.80 14.89
N MET B 142 32.23 -16.11 14.04
CA MET B 142 32.27 -16.46 12.64
C MET B 142 32.72 -17.90 12.47
N GLU B 143 33.81 -18.26 13.14
CA GLU B 143 34.35 -19.63 13.06
C GLU B 143 33.34 -20.64 13.55
N GLN B 144 32.62 -20.28 14.61
CA GLN B 144 31.61 -21.17 15.17
C GLN B 144 30.53 -21.53 14.14
N TYR B 145 30.29 -20.68 13.14
CA TYR B 145 29.31 -20.97 12.11
C TYR B 145 29.94 -21.34 10.78
N GLY B 146 31.21 -21.73 10.78
CA GLY B 146 31.84 -22.34 9.62
C GLY B 146 32.57 -21.38 8.69
N LEU B 147 32.61 -20.11 9.04
CA LEU B 147 33.38 -19.15 8.26
C LEU B 147 34.85 -19.31 8.57
N ILE B 148 35.69 -18.88 7.64
CA ILE B 148 37.13 -18.86 7.82
C ILE B 148 37.46 -17.38 7.73
N PRO B 149 37.65 -16.74 8.88
CA PRO B 149 37.83 -15.29 8.98
C PRO B 149 38.82 -14.62 8.02
N GLU B 150 40.00 -15.21 7.82
CA GLU B 150 41.01 -14.50 7.04
C GLU B 150 40.47 -14.31 5.63
N GLU B 151 40.00 -15.38 5.01
CA GLU B 151 39.45 -15.31 3.65
C GLU B 151 38.16 -14.49 3.64
N ASP B 152 37.28 -14.79 4.58
CA ASP B 152 35.94 -14.28 4.51
C ASP B 152 35.85 -12.77 4.84
N ILE B 153 36.69 -12.30 5.76
CA ILE B 153 36.77 -10.90 6.05
C ILE B 153 37.31 -10.15 4.87
N CYS B 154 38.27 -10.73 4.18
CA CYS B 154 38.80 -10.14 2.95
C CYS B 154 37.70 -10.12 1.90
N PHE B 155 37.00 -11.25 1.75
CA PHE B 155 35.89 -11.35 0.82
C PHE B 155 34.82 -10.27 1.11
N ILE B 156 34.50 -10.07 2.37
CA ILE B 156 33.46 -9.12 2.76
C ILE B 156 33.90 -7.70 2.41
N LYS B 157 35.14 -7.38 2.73
CA LYS B 157 35.70 -6.07 2.38
C LYS B 157 35.72 -5.83 0.86
N GLU B 158 36.14 -6.84 0.13
CA GLU B 158 36.19 -6.75 -1.31
C GLU B 158 34.79 -6.49 -1.90
N GLN B 159 33.77 -7.11 -1.30
CA GLN B 159 32.40 -6.93 -1.78
C GLN B 159 31.89 -5.49 -1.64
N ILE B 160 32.43 -4.78 -0.67
CA ILE B 160 32.03 -3.42 -0.36
C ILE B 160 32.82 -2.42 -1.21
N VAL B 161 34.13 -2.60 -1.28
CA VAL B 161 35.01 -1.56 -1.78
C VAL B 161 35.74 -1.94 -3.08
N GLY B 162 35.59 -3.19 -3.54
CA GLY B 162 36.34 -3.66 -4.70
C GLY B 162 37.68 -4.26 -4.28
N PRO B 163 38.53 -4.62 -5.27
CA PRO B 163 39.81 -5.25 -4.98
C PRO B 163 40.68 -4.39 -4.08
N LEU B 164 41.41 -5.04 -3.18
CA LEU B 164 42.39 -4.36 -2.34
C LEU B 164 43.76 -4.62 -3.01
N LEU B 172 43.90 -10.81 -15.32
CA LEU B 172 44.05 -11.50 -14.05
C LEU B 172 42.83 -11.27 -13.17
N TRP B 173 42.55 -12.25 -12.32
CA TRP B 173 41.48 -12.21 -11.32
C TRP B 173 42.02 -11.43 -10.16
N PRO B 174 41.49 -10.22 -9.91
CA PRO B 174 42.07 -9.34 -8.90
C PRO B 174 41.58 -9.59 -7.46
N TYR B 175 40.67 -10.53 -7.26
CA TYR B 175 40.08 -10.75 -5.95
C TYR B 175 40.75 -11.92 -5.22
N LYS B 176 40.94 -11.79 -3.92
CA LYS B 176 41.54 -12.83 -3.07
C LYS B 176 40.49 -13.61 -2.27
N GLY B 177 39.36 -12.99 -1.95
CA GLY B 177 38.40 -13.57 -1.03
C GLY B 177 37.65 -14.76 -1.57
N ARG B 178 37.40 -14.74 -2.87
CA ARG B 178 36.82 -15.88 -3.58
C ARG B 178 37.48 -16.05 -4.96
N PRO B 179 37.51 -17.27 -5.49
CA PRO B 179 38.04 -17.53 -6.83
C PRO B 179 37.07 -17.18 -7.96
N GLU B 180 37.56 -17.30 -9.19
CA GLU B 180 36.81 -16.95 -10.40
C GLU B 180 35.50 -17.69 -10.57
N ASN B 181 35.43 -18.91 -10.05
CA ASN B 181 34.21 -19.73 -10.15
C ASN B 181 33.12 -19.29 -9.18
N LYS B 182 33.45 -18.35 -8.29
CA LYS B 182 32.46 -17.70 -7.41
C LYS B 182 32.35 -16.21 -7.72
N SER B 183 32.87 -15.80 -8.87
CA SER B 183 32.81 -14.41 -9.31
C SER B 183 31.46 -13.70 -9.14
N PHE B 184 30.39 -14.40 -9.51
CA PHE B 184 29.02 -13.89 -9.42
C PHE B 184 28.67 -13.36 -8.02
N LEU B 185 29.29 -13.92 -6.99
CA LEU B 185 29.04 -13.46 -5.62
C LEU B 185 29.37 -11.99 -5.45
N TYR B 186 30.38 -11.51 -6.17
CA TYR B 186 30.74 -10.09 -6.11
C TYR B 186 29.76 -9.15 -6.83
N GLU B 187 28.74 -9.69 -7.48
CA GLU B 187 27.80 -8.86 -8.27
C GLU B 187 26.55 -8.44 -7.46
N ILE B 188 26.47 -8.86 -6.21
CA ILE B 188 25.23 -8.80 -5.47
C ILE B 188 25.11 -7.53 -4.65
N VAL B 189 26.15 -7.24 -3.87
CA VAL B 189 26.07 -6.20 -2.87
C VAL B 189 26.43 -4.84 -3.43
N SER B 190 27.55 -4.79 -4.15
CA SER B 190 28.00 -3.53 -4.75
C SER B 190 28.63 -3.87 -6.08
N ASN B 191 27.83 -3.78 -7.13
CA ASN B 191 28.18 -4.25 -8.45
C ASN B 191 28.98 -3.20 -9.19
N LYS B 192 30.29 -3.38 -9.19
CA LYS B 192 31.22 -2.44 -9.81
C LYS B 192 31.20 -2.51 -11.34
N ARG B 193 30.70 -3.59 -11.95
CA ARG B 193 30.58 -3.64 -13.42
C ARG B 193 29.45 -2.76 -13.98
N ASN B 194 28.29 -2.74 -13.33
CA ASN B 194 27.14 -2.03 -13.89
C ASN B 194 26.18 -1.36 -12.88
N GLY B 195 26.47 -1.43 -11.59
CA GLY B 195 25.66 -0.76 -10.58
C GLY B 195 24.34 -1.42 -10.27
N ILE B 196 24.07 -2.58 -10.85
CA ILE B 196 22.82 -3.27 -10.55
C ILE B 196 23.05 -4.19 -9.36
N ASP B 197 22.60 -3.75 -8.19
CA ASP B 197 22.84 -4.47 -6.92
C ASP B 197 21.73 -4.21 -5.91
N VAL B 198 21.76 -4.97 -4.84
CA VAL B 198 20.67 -4.94 -3.85
C VAL B 198 20.60 -3.63 -3.06
N ASP B 199 21.66 -2.87 -3.01
CA ASP B 199 21.59 -1.60 -2.32
C ASP B 199 20.55 -0.68 -2.98
N LYS B 200 20.57 -0.63 -4.31
CA LYS B 200 19.62 0.16 -5.05
C LYS B 200 18.23 -0.34 -4.86
N TRP B 201 18.06 -1.66 -4.84
CA TRP B 201 16.71 -2.17 -4.77
C TRP B 201 16.06 -1.78 -3.44
N ASP B 202 16.82 -1.84 -2.33
CA ASP B 202 16.24 -1.49 -1.06
C ASP B 202 15.91 0.00 -1.03
N TYR B 203 16.85 0.85 -1.43
CA TYR B 203 16.60 2.28 -1.31
C TYR B 203 15.53 2.76 -2.22
N PHE B 204 15.36 2.14 -3.38
CA PHE B 204 14.21 2.49 -4.23
C PHE B 204 12.91 2.26 -3.50
N ALA B 205 12.75 1.05 -2.96
CA ALA B 205 11.51 0.73 -2.29
C ALA B 205 11.33 1.60 -1.03
N ARG B 206 12.40 1.72 -0.23
CA ARG B 206 12.27 2.35 1.07
C ARG B 206 12.09 3.86 0.91
N ASP B 207 12.90 4.48 0.10
CA ASP B 207 12.77 5.90 -0.13
C ASP B 207 11.42 6.22 -0.69
N CYS B 208 10.91 5.41 -1.61
CA CYS B 208 9.62 5.70 -2.19
C CYS B 208 8.51 5.63 -1.16
N HIS B 209 8.55 4.60 -0.32
CA HIS B 209 7.62 4.41 0.80
C HIS B 209 7.58 5.63 1.73
N HIS B 210 8.75 6.17 2.06
CA HIS B 210 8.84 7.30 2.98
C HIS B 210 8.61 8.64 2.34
N LEU B 211 9.02 8.79 1.08
CA LEU B 211 8.91 10.04 0.38
C LEU B 211 7.49 10.28 -0.08
N GLY B 212 6.81 9.21 -0.45
CA GLY B 212 5.52 9.31 -1.14
C GLY B 212 5.65 9.22 -2.66
N ILE B 213 6.78 8.75 -3.17
CA ILE B 213 7.04 8.62 -4.63
C ILE B 213 6.83 7.15 -5.03
N GLN B 214 6.85 6.83 -6.33
CA GLN B 214 6.83 5.41 -6.76
C GLN B 214 8.04 4.78 -7.46
N ASN B 215 8.36 3.58 -6.97
CA ASN B 215 9.35 2.75 -7.58
C ASN B 215 8.78 1.99 -8.79
N ASN B 216 9.42 2.14 -9.95
CA ASN B 216 8.93 1.52 -11.17
C ASN B 216 9.65 0.19 -11.49
N PHE B 217 10.66 -0.18 -10.70
CA PHE B 217 11.38 -1.42 -10.90
C PHE B 217 11.09 -2.47 -9.80
N ASP B 218 10.71 -3.68 -10.22
CA ASP B 218 10.44 -4.76 -9.31
C ASP B 218 11.70 -5.64 -9.05
N TYR B 219 12.27 -5.48 -7.86
CA TYR B 219 13.49 -6.19 -7.51
C TYR B 219 13.24 -7.67 -7.29
N LYS B 220 12.11 -8.04 -6.68
CA LYS B 220 11.85 -9.44 -6.44
C LYS B 220 11.75 -10.22 -7.74
N ARG B 221 11.13 -9.60 -8.74
CA ARG B 221 11.08 -10.19 -10.07
C ARG B 221 12.48 -10.43 -10.63
N PHE B 222 13.37 -9.46 -10.50
CA PHE B 222 14.71 -9.59 -11.03
C PHE B 222 15.44 -10.77 -10.41
N ILE B 223 15.20 -10.98 -9.12
CA ILE B 223 15.81 -12.10 -8.44
C ILE B 223 15.31 -13.41 -9.02
N LYS B 224 14.01 -13.52 -9.25
CA LYS B 224 13.47 -14.77 -9.77
C LYS B 224 13.98 -15.14 -11.17
N PHE B 225 14.35 -14.15 -11.98
CA PHE B 225 14.82 -14.43 -13.31
C PHE B 225 16.33 -14.42 -13.42
N ALA B 226 17.05 -14.22 -12.33
CA ALA B 226 18.51 -14.18 -12.39
C ALA B 226 19.11 -15.60 -12.48
N ARG B 227 20.15 -15.75 -13.30
CA ARG B 227 20.84 -17.02 -13.50
C ARG B 227 22.32 -16.74 -13.66
N VAL B 228 23.14 -17.68 -13.27
CA VAL B 228 24.58 -17.55 -13.51
C VAL B 228 24.95 -18.28 -14.80
N CYS B 229 25.68 -17.61 -15.68
CA CYS B 229 26.21 -18.22 -16.90
C CYS B 229 27.65 -17.83 -17.07
N GLU B 230 28.38 -18.61 -17.86
CA GLU B 230 29.74 -18.30 -18.20
C GLU B 230 29.77 -17.10 -19.16
N VAL B 231 30.54 -16.09 -18.80
CA VAL B 231 30.74 -14.91 -19.65
C VAL B 231 32.24 -14.62 -19.63
N ASP B 232 32.87 -14.74 -20.79
CA ASP B 232 34.33 -14.54 -20.95
C ASP B 232 35.14 -15.31 -19.90
N ASN B 233 34.82 -16.58 -19.68
CA ASN B 233 35.54 -17.38 -18.67
C ASN B 233 35.34 -16.95 -17.22
N GLU B 234 34.26 -16.22 -16.97
CA GLU B 234 33.86 -15.86 -15.63
C GLU B 234 32.44 -16.38 -15.45
N LEU B 235 32.10 -16.82 -14.25
CA LEU B 235 30.70 -17.09 -13.94
C LEU B 235 30.01 -15.81 -13.45
N ARG B 236 29.11 -15.26 -14.27
CA ARG B 236 28.42 -14.02 -13.95
C ARG B 236 26.93 -14.18 -13.80
N ILE B 237 26.34 -13.33 -12.97
CA ILE B 237 24.90 -13.25 -12.91
C ILE B 237 24.38 -12.66 -14.21
N CYS B 238 23.40 -13.32 -14.81
CA CYS B 238 22.77 -12.82 -16.01
C CYS B 238 21.30 -12.64 -15.75
N ALA B 239 20.70 -11.75 -16.51
CA ALA B 239 19.27 -11.49 -16.46
C ALA B 239 18.58 -12.10 -17.68
N ARG B 240 17.33 -12.49 -17.50
CA ARG B 240 16.52 -12.93 -18.62
C ARG B 240 16.37 -11.79 -19.63
N ASP B 241 16.48 -12.13 -20.91
CA ASP B 241 16.39 -11.17 -22.00
C ASP B 241 15.22 -10.21 -21.91
N LYS B 242 14.04 -10.74 -21.68
CA LYS B 242 12.88 -9.85 -21.63
C LYS B 242 12.90 -8.86 -20.47
N GLU B 243 13.80 -9.01 -19.50
CA GLU B 243 13.98 -8.07 -18.41
C GLU B 243 14.75 -6.80 -18.74
N VAL B 244 15.30 -6.73 -19.94
CA VAL B 244 16.16 -5.59 -20.28
C VAL B 244 15.40 -4.23 -20.20
N GLY B 245 14.15 -4.21 -20.60
CA GLY B 245 13.33 -3.00 -20.48
C GLY B 245 13.19 -2.59 -19.04
N ASN B 246 13.13 -3.58 -18.17
CA ASN B 246 13.00 -3.30 -16.73
C ASN B 246 14.25 -2.70 -16.16
N LEU B 247 15.40 -3.14 -16.66
CA LEU B 247 16.67 -2.59 -16.23
C LEU B 247 16.82 -1.14 -16.67
N TYR B 248 16.35 -0.81 -17.87
CA TYR B 248 16.35 0.59 -18.30
C TYR B 248 15.41 1.39 -17.39
N ASP B 249 14.27 0.82 -17.04
CA ASP B 249 13.34 1.47 -16.11
C ASP B 249 13.96 1.71 -14.75
N MET B 250 14.78 0.75 -14.32
CA MET B 250 15.43 0.84 -13.02
C MET B 250 16.28 2.09 -12.96
N PHE B 251 17.08 2.34 -13.99
CA PHE B 251 17.93 3.56 -14.00
C PHE B 251 17.10 4.82 -14.23
N HIS B 252 15.99 4.70 -14.95
CA HIS B 252 15.10 5.83 -15.01
C HIS B 252 14.55 6.22 -13.60
N THR B 253 14.18 5.21 -12.83
CA THR B 253 13.65 5.45 -11.50
C THR B 253 14.68 6.11 -10.63
N ARG B 254 15.87 5.56 -10.67
CA ARG B 254 17.01 6.15 -9.97
C ARG B 254 17.11 7.61 -10.29
N ASN B 255 17.08 7.94 -11.57
CA ASN B 255 17.20 9.32 -11.95
C ASN B 255 16.00 10.21 -11.53
N SER B 256 14.79 9.67 -11.59
CA SER B 256 13.62 10.34 -11.04
C SER B 256 13.80 10.67 -9.56
N LEU B 257 14.38 9.74 -8.81
CA LEU B 257 14.58 9.94 -7.38
C LEU B 257 15.65 10.99 -7.07
N HIS B 258 16.69 11.02 -7.89
CA HIS B 258 17.66 12.10 -7.82
C HIS B 258 17.04 13.45 -8.14
N ARG B 259 16.29 13.55 -9.23
CA ARG B 259 15.72 14.84 -9.60
C ARG B 259 14.78 15.36 -8.53
N ARG B 260 13.92 14.48 -8.03
CA ARG B 260 12.85 14.92 -7.14
C ARG B 260 13.30 15.15 -5.73
N ALA B 261 14.19 14.29 -5.27
CA ALA B 261 14.52 14.25 -3.87
C ALA B 261 16.01 14.41 -3.57
N TYR B 262 16.85 13.53 -4.08
CA TYR B 262 18.26 13.50 -3.62
C TYR B 262 18.97 14.76 -3.98
N GLN B 263 18.55 15.41 -5.06
CA GLN B 263 19.17 16.64 -5.46
C GLN B 263 18.17 17.77 -5.44
N HIS B 264 17.17 17.67 -4.58
CA HIS B 264 16.21 18.73 -4.44
C HIS B 264 16.96 20.01 -4.07
N LYS B 265 16.59 21.12 -4.68
CA LYS B 265 17.30 22.38 -4.49
C LYS B 265 17.41 22.78 -3.05
N VAL B 266 16.30 22.64 -2.33
CA VAL B 266 16.25 23.06 -0.95
C VAL B 266 16.85 22.03 0.01
N GLY B 267 16.63 20.73 -0.24
CA GLY B 267 17.36 19.73 0.48
C GLY B 267 18.86 19.91 0.38
N ASN B 268 19.34 20.20 -0.83
CA ASN B 268 20.76 20.45 -1.01
C ASN B 268 21.27 21.70 -0.27
N ILE B 269 20.52 22.81 -0.32
CA ILE B 269 20.98 24.02 0.35
C ILE B 269 21.05 23.79 1.86
N ILE B 270 20.13 23.03 2.40
CA ILE B 270 20.16 22.68 3.82
C ILE B 270 21.37 21.82 4.13
N ASP B 271 21.68 20.84 3.28
CA ASP B 271 22.94 20.10 3.45
C ASP B 271 24.15 21.00 3.43
N THR B 272 24.11 21.96 2.54
CA THR B 272 25.18 22.97 2.42
C THR B 272 25.32 23.80 3.68
N MET B 273 24.20 24.20 4.27
CA MET B 273 24.25 25.04 5.47
C MET B 273 24.78 24.22 6.66
N ILE B 274 24.39 22.97 6.70
CA ILE B 274 24.88 22.09 7.72
C ILE B 274 26.38 21.91 7.56
N THR B 275 26.82 21.68 6.34
CA THR B 275 28.26 21.58 6.04
C THR B 275 28.97 22.82 6.55
N ASP B 276 28.44 23.98 6.19
CA ASP B 276 29.02 25.25 6.60
C ASP B 276 29.14 25.34 8.12
N ALA B 277 28.08 24.99 8.81
CA ALA B 277 28.11 24.98 10.25
C ALA B 277 29.18 24.01 10.78
N PHE B 278 29.31 22.82 10.18
CA PHE B 278 30.29 21.84 10.65
C PHE B 278 31.69 22.41 10.50
N LEU B 279 31.91 23.04 9.36
CA LEU B 279 33.19 23.72 9.11
C LEU B 279 33.50 24.79 10.18
N LYS B 280 32.54 25.63 10.52
CA LYS B 280 32.75 26.65 11.57
C LYS B 280 32.87 26.08 12.97
N ALA B 281 32.39 24.87 13.17
CA ALA B 281 32.50 24.22 14.48
C ALA B 281 33.69 23.26 14.58
N ASP B 282 34.30 22.91 13.45
CA ASP B 282 35.25 21.79 13.40
C ASP B 282 36.37 21.89 14.44
N ASP B 283 36.85 23.10 14.67
CA ASP B 283 37.93 23.38 15.62
C ASP B 283 37.52 23.28 17.10
N TYR B 284 36.23 23.35 17.42
CA TYR B 284 35.79 23.41 18.81
C TYR B 284 35.06 22.17 19.34
N ILE B 285 34.46 21.37 18.47
CA ILE B 285 33.82 20.13 18.91
C ILE B 285 34.83 19.04 19.11
N GLU B 286 34.60 18.32 20.20
CA GLU B 286 35.49 17.24 20.58
C GLU B 286 34.76 15.92 20.56
N ILE B 287 35.35 14.93 19.92
CA ILE B 287 34.81 13.60 19.95
C ILE B 287 35.85 12.67 20.49
N THR B 288 35.51 11.99 21.58
CA THR B 288 36.49 11.14 22.24
C THR B 288 36.69 9.83 21.47
N GLY B 289 37.92 9.54 21.12
CA GLY B 289 38.27 8.29 20.44
C GLY B 289 39.00 7.34 21.37
N ALA B 290 39.82 6.49 20.77
CA ALA B 290 40.57 5.49 21.53
C ALA B 290 41.49 6.14 22.58
N GLY B 291 41.50 5.55 23.77
CA GLY B 291 42.35 5.99 24.87
C GLY B 291 42.00 7.36 25.42
N GLY B 292 40.80 7.85 25.14
CA GLY B 292 40.42 9.21 25.54
C GLY B 292 40.96 10.33 24.65
N LYS B 293 41.63 9.99 23.56
CA LYS B 293 42.13 11.01 22.66
C LYS B 293 40.94 11.79 22.08
N LYS B 294 41.07 13.11 21.96
CA LYS B 294 40.02 13.96 21.37
C LYS B 294 40.21 14.19 19.86
N TYR B 295 39.15 14.00 19.10
CA TYR B 295 39.17 14.22 17.64
C TYR B 295 38.22 15.30 17.27
N ARG B 296 38.38 15.79 16.06
CA ARG B 296 37.51 16.80 15.50
C ARG B 296 36.57 16.07 14.61
N ILE B 297 35.60 16.80 14.13
CA ILE B 297 34.63 16.23 13.18
C ILE B 297 35.36 15.73 11.93
N SER B 298 36.30 16.53 11.45
CA SER B 298 37.03 16.20 10.22
C SER B 298 38.09 15.14 10.43
N THR B 299 38.50 14.91 11.66
CA THR B 299 39.50 13.87 11.91
C THR B 299 38.97 12.61 12.52
N ALA B 300 37.71 12.60 12.91
CA ALA B 300 37.09 11.42 13.49
C ALA B 300 37.19 10.23 12.54
N ILE B 301 37.31 10.51 11.23
CA ILE B 301 37.48 9.45 10.24
C ILE B 301 38.81 8.71 10.36
N ASP B 302 39.74 9.21 11.19
CA ASP B 302 41.01 8.52 11.44
C ASP B 302 41.00 7.58 12.62
N ASP B 303 39.94 7.60 13.43
CA ASP B 303 39.85 6.66 14.54
C ASP B 303 38.41 6.14 14.62
N MET B 304 38.25 4.84 14.50
CA MET B 304 36.93 4.26 14.34
C MET B 304 36.16 4.31 15.65
N GLU B 305 36.84 4.34 16.77
CA GLU B 305 36.15 4.53 18.04
C GLU B 305 35.48 5.92 18.13
N ALA B 306 36.15 6.94 17.61
CA ALA B 306 35.58 8.28 17.55
C ALA B 306 34.54 8.32 16.47
N TYR B 307 34.82 7.71 15.32
CA TYR B 307 33.87 7.72 14.20
C TYR B 307 32.58 7.08 14.59
N THR B 308 32.69 6.05 15.42
CA THR B 308 31.52 5.38 15.98
C THR B 308 30.53 6.34 16.59
N LYS B 309 31.00 7.40 17.20
CA LYS B 309 30.14 8.42 17.83
C LYS B 309 29.88 9.63 17.00
N LEU B 310 30.20 9.57 15.72
CA LEU B 310 29.95 10.73 14.87
C LEU B 310 28.70 10.45 14.09
N THR B 311 27.64 11.11 14.50
CA THR B 311 26.33 10.93 13.89
C THR B 311 25.63 12.27 13.74
N ASP B 312 24.36 12.22 13.36
CA ASP B 312 23.56 13.43 13.23
C ASP B 312 23.50 14.21 14.55
N ASN B 313 23.73 13.54 15.65
CA ASN B 313 23.87 14.19 16.95
C ASN B 313 24.73 15.46 16.98
N ILE B 314 25.77 15.50 16.18
CA ILE B 314 26.65 16.68 16.12
C ILE B 314 25.89 17.95 15.79
N PHE B 315 24.94 17.82 14.88
CA PHE B 315 24.05 18.89 14.53
C PHE B 315 23.42 19.49 15.79
N LEU B 316 22.88 18.65 16.65
CA LEU B 316 22.19 19.13 17.84
C LEU B 316 23.16 19.63 18.89
N GLU B 317 24.30 18.99 18.99
CA GLU B 317 25.36 19.48 19.86
C GLU B 317 25.75 20.94 19.52
N ILE B 318 25.77 21.27 18.24
CA ILE B 318 26.06 22.64 17.84
C ILE B 318 24.86 23.54 18.12
N LEU B 319 23.68 23.06 17.76
CA LEU B 319 22.46 23.84 17.89
C LEU B 319 22.25 24.22 19.35
N TYR B 320 22.43 23.26 20.26
CA TYR B 320 22.18 23.46 21.68
C TYR B 320 23.37 24.00 22.49
N SER B 321 24.50 24.24 21.86
CA SER B 321 25.65 24.77 22.60
C SER B 321 25.44 26.20 23.07
N THR B 322 26.17 26.53 24.13
CA THR B 322 26.22 27.89 24.66
C THR B 322 27.61 28.51 24.54
N ASP B 323 28.60 27.70 24.22
CA ASP B 323 29.97 28.19 24.05
C ASP B 323 30.00 29.32 23.02
N PRO B 324 30.60 30.48 23.36
CA PRO B 324 30.62 31.58 22.41
C PRO B 324 31.48 31.32 21.19
N LYS B 325 32.44 30.41 21.31
CA LYS B 325 33.25 30.04 20.13
C LYS B 325 32.38 29.42 19.05
N LEU B 326 31.27 28.78 19.44
CA LEU B 326 30.39 28.09 18.51
C LEU B 326 29.27 28.97 18.00
N LYS B 327 29.25 30.23 18.38
CA LYS B 327 28.17 31.11 18.03
C LYS B 327 27.92 31.17 16.52
N ASP B 328 28.97 31.22 15.73
CA ASP B 328 28.82 31.32 14.29
C ASP B 328 28.17 30.06 13.69
N ALA B 329 28.65 28.89 14.11
CA ALA B 329 28.07 27.63 13.64
C ALA B 329 26.62 27.48 14.11
N ARG B 330 26.37 27.87 15.35
CA ARG B 330 25.05 27.78 15.95
C ARG B 330 24.08 28.68 15.20
N GLU B 331 24.51 29.88 14.80
CA GLU B 331 23.66 30.81 14.07
C GLU B 331 23.17 30.23 12.76
N ILE B 332 24.05 29.53 12.06
CA ILE B 332 23.70 28.93 10.77
C ILE B 332 22.58 27.92 10.96
N LEU B 333 22.75 27.04 11.94
CA LEU B 333 21.73 26.04 12.25
C LEU B 333 20.43 26.69 12.69
N LYS B 334 20.53 27.76 13.48
CA LYS B 334 19.33 28.50 13.88
C LYS B 334 18.59 29.05 12.65
N GLN B 335 19.34 29.49 11.63
CA GLN B 335 18.74 29.99 10.41
CA GLN B 335 18.76 30.00 10.40
C GLN B 335 17.99 28.90 9.64
N ILE B 336 18.49 27.68 9.71
CA ILE B 336 17.76 26.57 9.18
C ILE B 336 16.38 26.42 9.87
N GLU B 337 16.33 26.53 11.18
CA GLU B 337 15.08 26.38 11.94
C GLU B 337 14.05 27.46 11.61
N TYR B 338 14.51 28.71 11.42
CA TYR B 338 13.60 29.80 11.05
C TYR B 338 13.30 29.79 9.57
N ARG B 339 13.90 28.86 8.86
CA ARG B 339 13.78 28.80 7.41
C ARG B 339 14.38 30.03 6.67
N ASN B 340 15.39 30.65 7.26
CA ASN B 340 16.12 31.71 6.60
C ASN B 340 17.31 31.09 5.92
N LEU B 341 17.08 30.53 4.73
CA LEU B 341 18.11 29.68 4.07
C LEU B 341 19.06 30.43 3.12
N PHE B 342 20.23 29.86 2.80
CA PHE B 342 21.09 30.37 1.69
C PHE B 342 20.24 30.39 0.48
N LYS B 343 20.44 31.40 -0.37
CA LYS B 343 19.49 31.69 -1.44
C LYS B 343 19.95 31.17 -2.79
N TYR B 344 19.01 30.54 -3.47
CA TYR B 344 19.20 30.06 -4.81
C TYR B 344 19.30 31.22 -5.80
N VAL B 345 20.40 31.25 -6.55
CA VAL B 345 20.65 32.31 -7.52
C VAL B 345 20.30 31.88 -8.94
N GLY B 346 20.62 30.64 -9.30
CA GLY B 346 20.32 30.15 -10.64
C GLY B 346 20.98 28.81 -10.93
N GLU B 347 20.67 28.29 -12.10
CA GLU B 347 21.29 27.07 -12.56
C GLU B 347 21.50 27.14 -14.08
N THR B 348 22.50 26.42 -14.54
CA THR B 348 22.77 26.34 -15.97
C THR B 348 21.81 25.34 -16.58
N GLN B 349 21.65 25.37 -17.89
CA GLN B 349 20.88 24.31 -18.53
C GLN B 349 21.80 23.12 -18.55
N PRO B 350 21.25 21.91 -18.65
CA PRO B 350 22.11 20.74 -18.65
C PRO B 350 23.01 20.73 -19.87
N THR B 351 24.26 20.31 -19.69
CA THR B 351 25.16 20.02 -20.82
C THR B 351 25.61 18.57 -20.74
N GLY B 352 25.74 17.97 -21.91
CA GLY B 352 26.02 16.56 -22.08
C GLY B 352 27.34 15.98 -21.58
N GLN B 353 28.30 16.85 -21.36
CA GLN B 353 29.68 16.38 -21.18
C GLN B 353 29.88 15.46 -19.92
N ILE B 354 29.30 15.83 -18.76
CA ILE B 354 29.90 15.50 -17.42
C ILE B 354 31.36 16.01 -17.42
N LYS B 355 31.47 17.25 -17.88
CA LYS B 355 32.75 17.89 -18.11
C LYS B 355 33.49 18.09 -16.80
N ILE B 356 32.84 18.78 -15.86
CA ILE B 356 33.49 19.19 -14.62
C ILE B 356 33.76 18.03 -13.65
N LYS B 357 35.00 17.92 -13.23
CA LYS B 357 35.43 16.80 -12.41
C LYS B 357 35.42 17.21 -10.96
N ARG B 358 35.27 16.21 -10.08
CA ARG B 358 35.25 16.40 -8.63
C ARG B 358 36.34 17.34 -8.10
N GLU B 359 37.57 17.20 -8.60
CA GLU B 359 38.67 18.03 -8.12
C GLU B 359 38.47 19.51 -8.46
N ASP B 360 37.76 19.77 -9.56
CA ASP B 360 37.49 21.14 -10.01
C ASP B 360 36.46 21.90 -9.16
N TYR B 361 35.62 21.17 -8.41
CA TYR B 361 34.49 21.77 -7.71
C TYR B 361 34.91 22.94 -6.80
N GLU B 362 36.01 22.75 -6.06
CA GLU B 362 36.47 23.69 -5.02
C GLU B 362 36.81 25.07 -5.61
N SER B 363 37.30 25.09 -6.86
CA SER B 363 37.71 26.36 -7.47
C SER B 363 36.55 27.22 -7.98
N LEU B 364 35.36 26.61 -8.04
CA LEU B 364 34.25 27.22 -8.76
C LEU B 364 33.72 28.51 -8.13
N PRO B 365 33.62 28.56 -6.78
CA PRO B 365 33.12 29.82 -6.18
C PRO B 365 34.07 30.98 -6.44
N LYS B 366 35.38 30.71 -6.40
CA LYS B 366 36.41 31.71 -6.73
C LYS B 366 36.16 32.25 -8.13
N GLU B 367 35.92 31.33 -9.05
CA GLU B 367 35.58 31.69 -10.43
C GLU B 367 34.36 32.59 -10.59
N VAL B 368 33.27 32.27 -9.88
CA VAL B 368 32.02 33.05 -10.02
C VAL B 368 32.25 34.45 -9.49
N ALA B 369 32.96 34.55 -8.37
CA ALA B 369 33.34 35.83 -7.76
C ALA B 369 34.27 36.64 -8.69
N SER B 370 35.19 35.95 -9.38
CA SER B 370 36.07 36.58 -10.37
C SER B 370 35.33 37.22 -11.53
N ALA B 371 34.17 36.70 -11.91
CA ALA B 371 33.44 37.25 -13.04
C ALA B 371 33.17 38.74 -12.82
N LYS B 372 33.37 39.55 -13.86
CA LYS B 372 33.12 40.99 -13.77
C LYS B 372 31.90 41.34 -14.59
N PRO B 373 30.74 41.55 -13.93
CA PRO B 373 29.56 41.92 -14.70
C PRO B 373 29.49 43.40 -15.04
N LYS B 374 28.67 43.72 -16.03
CA LYS B 374 28.25 45.10 -16.30
C LYS B 374 27.74 45.88 -15.06
N VAL B 379 27.82 46.80 -4.08
CA VAL B 379 27.91 45.52 -3.37
C VAL B 379 28.86 44.55 -4.12
N LYS B 380 30.07 44.37 -3.59
CA LYS B 380 31.00 43.37 -4.12
C LYS B 380 30.88 42.06 -3.33
N LEU B 381 31.07 40.92 -4.00
CA LEU B 381 30.94 39.61 -3.36
C LEU B 381 32.22 38.82 -3.46
N LYS B 382 32.51 38.04 -2.43
CA LYS B 382 33.72 37.21 -2.36
C LYS B 382 33.36 35.76 -2.62
N ALA B 383 34.38 34.93 -2.86
CA ALA B 383 34.18 33.51 -3.13
C ALA B 383 33.46 32.82 -1.97
N GLU B 384 33.76 33.24 -0.76
CA GLU B 384 33.14 32.64 0.43
C GLU B 384 31.61 32.87 0.44
N ASP B 385 31.15 33.91 -0.25
CA ASP B 385 29.73 34.19 -0.29
C ASP B 385 28.94 33.25 -1.19
N PHE B 386 29.62 32.59 -2.13
CA PHE B 386 28.94 31.76 -3.14
C PHE B 386 29.08 30.30 -2.81
N ILE B 387 28.05 29.55 -3.18
CA ILE B 387 28.13 28.10 -3.20
C ILE B 387 27.79 27.67 -4.60
N VAL B 388 28.59 26.73 -5.11
CA VAL B 388 28.38 26.19 -6.44
C VAL B 388 28.27 24.68 -6.35
N ASP B 389 27.16 24.16 -6.83
CA ASP B 389 26.79 22.80 -6.65
C ASP B 389 26.77 22.16 -8.02
N VAL B 390 27.62 21.17 -8.23
CA VAL B 390 27.67 20.47 -9.48
C VAL B 390 26.78 19.26 -9.38
N ILE B 391 25.79 19.18 -10.26
CA ILE B 391 24.83 18.13 -10.21
C ILE B 391 24.97 17.21 -11.43
N ASN B 392 25.35 15.98 -11.16
CA ASN B 392 25.39 14.96 -12.16
C ASN B 392 24.08 14.17 -12.25
N MET B 393 23.62 13.97 -13.49
CA MET B 393 22.59 13.03 -13.81
C MET B 393 23.24 12.05 -14.77
N ASP B 394 23.32 10.80 -14.37
CA ASP B 394 23.77 9.80 -15.30
C ASP B 394 23.18 8.43 -14.95
N TYR B 395 23.68 7.40 -15.60
CA TYR B 395 23.22 6.05 -15.39
C TYR B 395 24.20 5.30 -14.52
N GLY B 396 24.94 6.05 -13.69
CA GLY B 396 25.80 5.48 -12.68
C GLY B 396 27.18 5.07 -13.15
N MET B 397 27.48 5.27 -14.43
CA MET B 397 28.81 4.94 -14.95
C MET B 397 29.28 6.03 -15.90
N GLN B 398 29.14 7.27 -15.44
CA GLN B 398 29.56 8.42 -16.20
C GLN B 398 28.91 8.36 -17.58
N GLU B 399 29.69 8.36 -18.66
CA GLU B 399 29.13 8.39 -20.03
C GLU B 399 28.63 7.03 -20.50
N LYS B 400 28.96 5.95 -19.82
CA LYS B 400 28.67 4.63 -20.36
C LYS B 400 27.25 4.20 -20.04
N ASN B 401 26.70 3.38 -20.92
CA ASN B 401 25.39 2.79 -20.75
C ASN B 401 25.60 1.48 -19.95
N PRO B 402 25.09 1.43 -18.72
CA PRO B 402 25.39 0.22 -17.91
C PRO B 402 24.78 -1.05 -18.49
N ILE B 403 23.73 -0.92 -19.28
CA ILE B 403 23.07 -2.10 -19.84
C ILE B 403 23.97 -2.80 -20.86
N ASP B 404 24.90 -2.04 -21.48
CA ASP B 404 25.87 -2.64 -22.36
C ASP B 404 26.77 -3.55 -21.57
N HIS B 405 26.80 -3.39 -20.24
CA HIS B 405 27.64 -4.21 -19.38
C HIS B 405 26.86 -5.26 -18.61
N VAL B 406 25.72 -5.66 -19.14
CA VAL B 406 24.87 -6.66 -18.51
C VAL B 406 24.80 -7.82 -19.47
N SER B 407 24.86 -9.03 -18.93
CA SER B 407 24.68 -10.23 -19.69
C SER B 407 23.28 -10.74 -19.50
N PHE B 408 22.71 -11.27 -20.58
CA PHE B 408 21.38 -11.84 -20.58
C PHE B 408 21.37 -13.31 -21.08
N TYR B 409 20.28 -14.02 -20.83
CA TYR B 409 20.08 -15.35 -21.39
C TYR B 409 18.65 -15.45 -21.93
N CYS B 410 18.43 -16.36 -22.88
CA CYS B 410 17.08 -16.57 -23.41
C CYS B 410 16.51 -17.86 -22.90
N LYS B 411 15.19 -17.92 -22.94
CA LYS B 411 14.44 -19.04 -22.39
C LYS B 411 14.86 -20.36 -23.02
N THR B 412 15.07 -20.33 -24.33
CA THR B 412 15.40 -21.52 -25.10
C THR B 412 16.85 -21.99 -24.94
N ALA B 413 17.76 -21.11 -24.48
CA ALA B 413 19.16 -21.49 -24.22
C ALA B 413 19.68 -20.83 -22.94
N PRO B 414 19.30 -21.37 -21.77
CA PRO B 414 19.54 -20.67 -20.52
C PRO B 414 21.00 -20.52 -20.14
N ASN B 415 21.89 -21.31 -20.74
CA ASN B 415 23.30 -21.30 -20.37
C ASN B 415 24.17 -20.44 -21.25
N ARG B 416 23.60 -19.93 -22.33
CA ARG B 416 24.36 -19.08 -23.25
C ARG B 416 24.11 -17.60 -22.95
N ALA B 417 25.17 -16.89 -22.54
CA ALA B 417 25.06 -15.48 -22.24
C ALA B 417 25.11 -14.67 -23.53
N ILE B 418 24.32 -13.60 -23.59
CA ILE B 418 24.33 -12.72 -24.75
C ILE B 418 24.30 -11.25 -24.36
N ARG B 419 24.65 -10.38 -25.30
CA ARG B 419 24.55 -8.94 -25.10
C ARG B 419 23.32 -8.46 -25.83
N ILE B 420 22.67 -7.41 -25.30
CA ILE B 420 21.56 -6.78 -25.98
C ILE B 420 21.87 -5.30 -26.07
N THR B 421 21.94 -4.75 -27.28
CA THR B 421 22.28 -3.34 -27.48
C THR B 421 21.05 -2.45 -27.35
N LYS B 422 21.27 -1.16 -27.16
CA LYS B 422 20.20 -0.19 -26.94
C LYS B 422 19.19 -0.19 -28.09
N ASN B 423 19.71 -0.19 -29.30
CA ASN B 423 18.88 -0.18 -30.49
C ASN B 423 18.03 -1.43 -30.65
N GLN B 424 18.45 -2.54 -30.05
CA GLN B 424 17.61 -3.72 -30.04
C GLN B 424 16.39 -3.53 -29.15
N VAL B 425 16.42 -2.60 -28.21
CA VAL B 425 15.36 -2.49 -27.22
C VAL B 425 14.33 -1.44 -27.58
N SER B 426 14.77 -0.19 -27.72
CA SER B 426 13.85 0.92 -28.03
C SER B 426 14.61 2.14 -28.57
N GLN B 427 13.98 2.82 -29.49
CA GLN B 427 14.49 4.09 -30.02
C GLN B 427 14.11 5.26 -29.13
N LEU B 428 13.32 4.98 -28.09
CA LEU B 428 12.90 6.03 -27.18
C LEU B 428 13.87 6.19 -26.02
N LEU B 429 14.93 5.39 -25.99
CA LEU B 429 15.90 5.45 -24.93
C LEU B 429 16.81 6.65 -25.13
N PRO B 430 17.56 7.03 -24.08
CA PRO B 430 18.45 8.18 -24.20
C PRO B 430 19.58 8.01 -25.23
N GLU B 431 19.91 9.09 -25.94
CA GLU B 431 21.06 9.11 -26.84
C GLU B 431 22.33 9.37 -26.04
N LYS B 432 22.18 10.05 -24.90
CA LYS B 432 23.27 10.34 -23.95
C LYS B 432 22.97 9.70 -22.60
N PHE B 433 24.01 9.26 -21.89
CA PHE B 433 23.82 8.66 -20.58
C PHE B 433 24.36 9.46 -19.39
N ALA B 434 24.83 10.68 -19.67
CA ALA B 434 25.35 11.56 -18.63
C ALA B 434 25.19 13.00 -18.97
N GLU B 435 24.92 13.80 -17.94
CA GLU B 435 24.82 15.23 -18.07
C GLU B 435 25.11 15.88 -16.71
N GLN B 436 25.28 17.19 -16.74
CA GLN B 436 25.66 17.94 -15.58
C GLN B 436 24.88 19.26 -15.54
N LEU B 437 24.55 19.70 -14.35
CA LEU B 437 24.02 21.04 -14.14
C LEU B 437 24.79 21.71 -13.04
N ILE B 438 24.89 23.03 -13.11
CA ILE B 438 25.51 23.78 -12.05
C ILE B 438 24.49 24.68 -11.40
N ARG B 439 24.36 24.58 -10.08
CA ARG B 439 23.51 25.46 -9.31
C ARG B 439 24.37 26.34 -8.48
N VAL B 440 23.94 27.59 -8.34
CA VAL B 440 24.67 28.56 -7.58
C VAL B 440 23.78 29.14 -6.49
N TYR B 441 24.36 29.27 -5.31
CA TYR B 441 23.65 29.85 -4.18
C TYR B 441 24.47 30.93 -3.53
N CYS B 442 23.78 31.82 -2.85
CA CYS B 442 24.41 32.91 -2.15
C CYS B 442 24.13 32.86 -0.64
N LYS B 443 25.18 32.98 0.15
CA LYS B 443 25.06 32.95 1.60
C LYS B 443 24.54 34.25 2.17
N LYS B 444 24.75 35.37 1.47
CA LYS B 444 24.19 36.63 1.90
C LYS B 444 22.77 36.69 1.35
N VAL B 445 21.81 37.02 2.20
CA VAL B 445 20.40 36.90 1.85
C VAL B 445 19.67 38.23 1.61
N ASP B 446 20.36 39.35 1.81
CA ASP B 446 19.77 40.69 1.62
C ASP B 446 19.63 41.16 0.18
N ARG B 447 18.41 41.32 -0.32
CA ARG B 447 18.15 41.80 -1.69
C ARG B 447 19.31 42.39 -2.51
N LYS B 448 20.11 43.27 -1.91
CA LYS B 448 21.21 43.88 -2.63
C LYS B 448 22.25 42.82 -3.01
N SER B 449 22.60 41.97 -2.04
CA SER B 449 23.53 40.86 -2.23
C SER B 449 23.04 39.89 -3.31
N LEU B 450 21.74 39.57 -3.26
CA LEU B 450 21.10 38.68 -4.23
C LEU B 450 21.16 39.19 -5.64
N TYR B 451 20.85 40.46 -5.81
CA TYR B 451 20.84 41.07 -7.14
C TYR B 451 22.25 40.95 -7.75
N ALA B 452 23.24 41.32 -6.95
CA ALA B 452 24.62 41.22 -7.35
C ALA B 452 25.00 39.77 -7.71
N ALA B 453 24.61 38.82 -6.86
CA ALA B 453 24.94 37.39 -7.07
C ALA B 453 24.44 36.93 -8.42
N ARG B 454 23.21 37.31 -8.75
CA ARG B 454 22.64 37.04 -10.09
C ARG B 454 23.50 37.57 -11.23
N GLN B 455 24.03 38.78 -11.07
CA GLN B 455 24.88 39.38 -12.08
C GLN B 455 26.13 38.56 -12.27
N TYR B 456 26.82 38.29 -11.16
CA TYR B 456 28.02 37.47 -11.22
C TYR B 456 27.71 36.14 -11.93
N PHE B 457 26.58 35.53 -11.58
CA PHE B 457 26.22 34.23 -12.11
C PHE B 457 26.03 34.24 -13.61
N VAL B 458 25.21 35.18 -14.08
CA VAL B 458 24.96 35.31 -15.52
C VAL B 458 26.26 35.60 -16.31
N GLN B 459 27.09 36.45 -15.76
CA GLN B 459 28.35 36.79 -16.37
C GLN B 459 29.23 35.56 -16.43
N TRP B 460 29.31 34.85 -15.32
CA TRP B 460 30.13 33.66 -15.28
C TRP B 460 29.65 32.63 -16.32
N CYS B 461 28.33 32.49 -16.47
CA CYS B 461 27.77 31.57 -17.46
C CYS B 461 28.20 31.95 -18.87
N ALA B 462 28.15 33.25 -19.16
CA ALA B 462 28.60 33.76 -20.46
C ALA B 462 30.11 33.51 -20.65
N ASP B 463 30.92 33.81 -19.63
CA ASP B 463 32.38 33.57 -19.70
C ASP B 463 32.72 32.11 -19.99
N ARG B 464 32.03 31.20 -19.31
CA ARG B 464 32.31 29.77 -19.42
C ARG B 464 31.63 29.14 -20.61
N ASN B 465 30.77 29.88 -21.31
CA ASN B 465 29.99 29.30 -22.41
C ASN B 465 28.96 28.26 -21.94
N PHE B 466 28.32 28.51 -20.80
CA PHE B 466 27.20 27.71 -20.30
C PHE B 466 25.92 28.42 -20.71
N THR B 467 24.76 28.00 -20.23
CA THR B 467 23.56 28.75 -20.58
C THR B 467 22.49 28.82 -19.47
N LYS B 468 21.54 29.75 -19.67
CA LYS B 468 20.22 29.77 -19.00
C LYS B 468 20.15 30.67 -17.78
N PRO B 469 18.89 31.00 -17.37
CA PRO B 469 18.55 31.58 -16.05
C PRO B 469 18.68 30.59 -14.86
N ASP C 1 1.02 36.36 0.56
CA ASP C 1 1.41 34.92 0.59
C ASP C 1 0.21 33.98 0.50
N THR C 2 0.37 32.92 -0.29
CA THR C 2 -0.57 31.79 -0.27
C THR C 2 0.19 30.48 0.16
N MET C 3 -0.31 29.31 -0.23
CA MET C 3 -0.09 28.10 0.55
C MET C 3 1.23 27.44 0.24
N LYS C 4 1.88 26.86 1.26
CA LYS C 4 2.90 25.86 1.00
C LYS C 4 2.27 24.50 0.87
N VAL C 5 2.89 23.67 0.05
CA VAL C 5 2.43 22.35 -0.18
C VAL C 5 3.53 21.44 0.33
N ILE C 6 3.14 20.42 1.09
CA ILE C 6 4.07 19.47 1.64
C ILE C 6 3.59 18.11 1.27
N ASN C 7 4.53 17.30 0.80
CA ASN C 7 4.19 15.93 0.42
C ASN C 7 4.40 15.08 1.65
N ASP C 8 3.30 14.58 2.17
CA ASP C 8 3.29 13.64 3.28
C ASP C 8 2.91 12.26 2.77
N PRO C 9 3.67 11.24 3.16
CA PRO C 9 3.34 9.90 2.65
C PRO C 9 1.98 9.38 3.10
N ILE C 10 1.47 9.82 4.25
CA ILE C 10 0.18 9.34 4.70
C ILE C 10 -0.95 10.07 4.01
N HIS C 11 -0.87 11.40 3.94
CA HIS C 11 -1.99 12.19 3.46
C HIS C 11 -1.82 12.74 2.06
N GLY C 12 -0.63 12.59 1.47
CA GLY C 12 -0.35 13.13 0.17
C GLY C 12 0.02 14.58 0.28
N HIS C 13 -0.31 15.34 -0.74
CA HIS C 13 0.06 16.75 -0.79
C HIS C 13 -0.90 17.59 0.00
N ILE C 14 -0.37 18.20 1.04
CA ILE C 14 -1.08 18.95 2.04
C ILE C 14 -0.81 20.43 1.83
N GLU C 15 -1.83 21.25 1.87
CA GLU C 15 -1.68 22.70 1.75
C GLU C 15 -1.65 23.34 3.12
N LEU C 16 -0.67 24.20 3.37
CA LEU C 16 -0.55 24.90 4.65
C LEU C 16 -0.62 26.41 4.47
N HIS C 17 -1.57 27.01 5.16
CA HIS C 17 -1.74 28.44 5.21
C HIS C 17 -0.49 29.11 5.78
N PRO C 18 -0.09 30.29 5.23
CA PRO C 18 1.17 30.92 5.64
C PRO C 18 1.31 31.14 7.15
N LEU C 19 0.20 31.41 7.84
CA LEU C 19 0.25 31.54 9.28
C LEU C 19 0.72 30.25 9.95
N LEU C 20 0.28 29.13 9.45
CA LEU C 20 0.70 27.84 9.98
C LEU C 20 2.19 27.63 9.71
N VAL C 21 2.63 28.00 8.49
CA VAL C 21 4.05 27.89 8.12
C VAL C 21 4.93 28.68 9.05
N ARG C 22 4.45 29.86 9.41
CA ARG C 22 5.19 30.71 10.32
C ARG C 22 5.38 30.07 11.66
N ILE C 23 4.35 29.37 12.11
CA ILE C 23 4.39 28.66 13.39
C ILE C 23 5.33 27.47 13.35
N ILE C 24 5.29 26.78 12.22
CA ILE C 24 6.09 25.59 12.05
C ILE C 24 7.58 25.95 12.01
N ASP C 25 7.90 27.09 11.40
CA ASP C 25 9.29 27.43 11.18
C ASP C 25 9.90 28.17 12.37
N THR C 26 9.89 27.49 13.52
CA THR C 26 10.39 28.01 14.77
C THR C 26 11.16 26.92 15.51
N PRO C 27 12.12 27.32 16.36
CA PRO C 27 12.83 26.33 17.16
C PRO C 27 11.88 25.45 17.96
N GLN C 28 10.81 26.02 18.47
CA GLN C 28 9.91 25.29 19.35
C GLN C 28 9.19 24.20 18.61
N PHE C 29 8.82 24.46 17.35
CA PHE C 29 8.13 23.45 16.60
C PHE C 29 9.12 22.44 15.97
N GLN C 30 10.23 22.94 15.46
CA GLN C 30 11.16 22.10 14.74
C GLN C 30 11.84 21.09 15.67
N ARG C 31 11.83 21.41 16.96
CA ARG C 31 12.26 20.51 18.03
C ARG C 31 11.69 19.10 17.85
N LEU C 32 10.46 19.05 17.37
CA LEU C 32 9.74 17.79 17.26
C LEU C 32 10.33 16.85 16.23
N ARG C 33 11.25 17.36 15.40
CA ARG C 33 12.01 16.51 14.53
C ARG C 33 12.93 15.58 15.29
N TYR C 34 13.21 15.88 16.56
CA TYR C 34 14.21 15.14 17.33
C TYR C 34 13.62 14.32 18.45
N ILE C 35 12.33 14.01 18.32
CA ILE C 35 11.59 13.21 19.29
C ILE C 35 10.85 12.14 18.52
N LYS C 36 11.24 10.89 18.71
CA LYS C 36 10.62 9.75 18.07
C LYS C 36 9.19 9.54 18.54
N GLN C 37 8.27 9.32 17.59
CA GLN C 37 6.89 9.08 17.92
C GLN C 37 6.74 7.94 18.92
N LEU C 38 7.46 6.84 18.69
CA LEU C 38 7.26 5.61 19.47
C LEU C 38 8.38 5.30 20.45
N GLY C 39 9.22 6.31 20.73
CA GLY C 39 10.36 6.13 21.66
C GLY C 39 11.15 4.83 21.42
N GLY C 40 11.26 4.01 22.46
CA GLY C 40 11.96 2.75 22.40
C GLY C 40 11.40 1.75 21.43
N GLY C 41 10.17 1.97 20.96
CA GLY C 41 9.61 1.17 19.88
C GLY C 41 10.51 1.03 18.67
N TYR C 42 11.30 2.08 18.37
CA TYR C 42 12.19 2.07 17.21
C TYR C 42 13.27 1.00 17.36
N TYR C 43 13.56 0.64 18.60
CA TYR C 43 14.55 -0.36 18.91
C TYR C 43 13.98 -1.77 18.75
N VAL C 44 12.68 -1.87 18.44
CA VAL C 44 12.00 -3.14 18.13
C VAL C 44 11.42 -3.20 16.73
N PHE C 45 10.83 -2.10 16.26
CA PHE C 45 10.25 -1.96 14.93
C PHE C 45 11.11 -1.00 14.13
N PRO C 46 12.03 -1.50 13.30
CA PRO C 46 12.99 -0.62 12.62
C PRO C 46 12.39 0.38 11.67
N GLY C 47 11.16 0.17 11.27
CA GLY C 47 10.51 1.17 10.45
C GLY C 47 9.99 2.38 11.23
N ALA C 48 9.99 2.31 12.56
CA ALA C 48 9.36 3.35 13.39
C ALA C 48 10.34 4.46 13.71
N SER C 49 10.87 5.04 12.66
CA SER C 49 11.85 6.09 12.75
C SER C 49 11.16 7.45 12.82
N HIS C 50 9.86 7.47 12.64
CA HIS C 50 9.11 8.72 12.52
C HIS C 50 9.10 9.52 13.83
N ASN C 51 9.11 10.82 13.66
CA ASN C 51 9.15 11.73 14.78
C ASN C 51 7.82 12.46 14.90
N ARG C 52 7.68 13.11 16.04
CA ARG C 52 6.49 13.87 16.38
C ARG C 52 6.16 14.99 15.40
N PHE C 53 7.19 15.51 14.76
CA PHE C 53 7.04 16.62 13.84
C PHE C 53 6.08 16.27 12.71
N GLU C 54 6.37 15.20 12.00
CA GLU C 54 5.55 14.83 10.84
C GLU C 54 4.13 14.41 11.30
N HIS C 55 4.05 13.81 12.49
CA HIS C 55 2.77 13.47 13.04
C HIS C 55 1.97 14.77 13.30
N SER C 56 2.64 15.79 13.78
CA SER C 56 1.95 17.07 14.12
C SER C 56 1.39 17.72 12.87
N LEU C 57 2.15 17.68 11.77
CA LEU C 57 1.64 18.14 10.50
C LEU C 57 0.35 17.41 10.12
N GLY C 58 0.37 16.09 10.27
CA GLY C 58 -0.78 15.28 9.93
C GLY C 58 -1.99 15.68 10.77
N VAL C 59 -1.77 15.93 12.04
CA VAL C 59 -2.88 16.26 12.91
C VAL C 59 -3.50 17.62 12.51
N GLY C 60 -2.66 18.61 12.26
CA GLY C 60 -3.14 19.92 11.83
C GLY C 60 -3.93 19.84 10.52
N TYR C 61 -3.42 19.04 9.58
CA TYR C 61 -4.11 18.82 8.34
C TYR C 61 -5.51 18.21 8.53
N LEU C 62 -5.56 17.09 9.27
CA LEU C 62 -6.84 16.42 9.48
C LEU C 62 -7.82 17.32 10.25
N ALA C 63 -7.32 18.07 11.20
CA ALA C 63 -8.18 18.99 11.96
C ALA C 63 -8.87 19.92 10.95
N GLY C 64 -8.07 20.47 10.05
CA GLY C 64 -8.58 21.33 8.98
C GLY C 64 -9.57 20.65 8.07
N CYS C 65 -9.32 19.38 7.70
CA CYS C 65 -10.26 18.62 6.89
C CYS C 65 -11.60 18.50 7.57
N LEU C 66 -11.61 18.20 8.86
CA LEU C 66 -12.88 18.01 9.54
C LEU C 66 -13.67 19.34 9.70
N VAL C 67 -12.99 20.40 10.13
CA VAL C 67 -13.67 21.68 10.36
C VAL C 67 -14.22 22.20 9.04
N HIS C 68 -13.44 22.07 7.96
CA HIS C 68 -13.90 22.44 6.61
C HIS C 68 -15.09 21.63 6.14
N ALA C 69 -15.03 20.32 6.35
CA ALA C 69 -16.11 19.43 5.93
C ALA C 69 -17.42 19.88 6.59
N LEU C 70 -17.35 20.21 7.87
CA LEU C 70 -18.51 20.63 8.62
C LEU C 70 -19.06 21.95 8.12
N GLY C 71 -18.18 22.90 7.88
CA GLY C 71 -18.57 24.22 7.38
C GLY C 71 -19.21 24.13 6.01
N GLU C 72 -18.71 23.24 5.15
CA GLU C 72 -19.27 23.06 3.82
C GLU C 72 -20.63 22.40 3.89
N LYS C 73 -20.75 21.34 4.67
CA LYS C 73 -22.02 20.63 4.85
C LYS C 73 -23.04 21.50 5.58
N GLN C 74 -22.62 22.26 6.57
CA GLN C 74 -23.54 23.00 7.42
C GLN C 74 -23.19 24.48 7.54
N PRO C 75 -23.49 25.25 6.48
CA PRO C 75 -23.31 26.72 6.52
C PRO C 75 -23.94 27.40 7.72
N GLU C 76 -25.06 26.86 8.20
CA GLU C 76 -25.75 27.43 9.36
C GLU C 76 -24.92 27.49 10.64
N LEU C 77 -23.84 26.72 10.67
CA LEU C 77 -22.97 26.71 11.85
C LEU C 77 -22.08 27.96 11.93
N GLN C 78 -21.96 28.69 10.82
CA GLN C 78 -21.24 29.97 10.80
C GLN C 78 -19.74 29.82 11.12
N ILE C 79 -19.17 28.70 10.71
CA ILE C 79 -17.75 28.45 10.91
C ILE C 79 -16.95 29.44 10.03
N SER C 80 -16.01 30.16 10.64
CA SER C 80 -15.19 31.17 9.93
C SER C 80 -13.80 30.66 9.67
N GLU C 81 -13.09 31.34 8.79
CA GLU C 81 -11.70 30.99 8.44
C GLU C 81 -10.86 31.15 9.69
N ARG C 82 -11.22 32.13 10.49
CA ARG C 82 -10.62 32.29 11.80
C ARG C 82 -10.69 31.02 12.67
N ASP C 83 -11.88 30.44 12.75
CA ASP C 83 -12.11 29.18 13.46
C ASP C 83 -11.24 28.07 12.86
N VAL C 84 -11.24 27.99 11.53
CA VAL C 84 -10.52 26.95 10.84
C VAL C 84 -9.05 27.00 11.20
N LEU C 85 -8.48 28.19 11.16
CA LEU C 85 -7.07 28.38 11.44
C LEU C 85 -6.73 28.09 12.89
N CYS C 86 -7.61 28.52 13.80
CA CYS C 86 -7.44 28.22 15.22
C CYS C 86 -7.46 26.72 15.52
N VAL C 87 -8.34 26.00 14.86
CA VAL C 87 -8.43 24.57 15.00
C VAL C 87 -7.14 23.94 14.46
N GLN C 88 -6.71 24.40 13.29
CA GLN C 88 -5.52 23.81 12.65
C GLN C 88 -4.31 24.07 13.50
N ILE C 89 -4.24 25.27 14.06
CA ILE C 89 -3.13 25.61 14.94
C ILE C 89 -3.13 24.69 16.15
N ALA C 90 -4.30 24.45 16.72
CA ALA C 90 -4.36 23.59 17.87
C ALA C 90 -3.95 22.18 17.51
N GLY C 91 -4.34 21.72 16.33
CA GLY C 91 -3.96 20.36 15.87
C GLY C 91 -2.46 20.24 15.66
N LEU C 92 -1.86 21.26 15.05
CA LEU C 92 -0.42 21.32 14.82
C LEU C 92 0.35 21.33 16.08
N CYS C 93 -0.21 21.99 17.08
CA CYS C 93 0.53 22.22 18.32
C CYS C 93 0.23 21.33 19.51
N ARG C 94 -0.69 20.39 19.38
CA ARG C 94 -1.04 19.61 20.57
C ARG C 94 0.07 18.67 21.00
N ASN C 95 0.99 18.33 20.10
CA ASN C 95 2.14 17.51 20.47
C ASN C 95 3.37 18.26 20.90
N LEU C 96 3.31 19.59 20.93
CA LEU C 96 4.47 20.41 21.30
C LEU C 96 5.11 20.05 22.63
N GLY C 97 4.30 19.59 23.57
CA GLY C 97 4.80 19.33 24.93
C GLY C 97 5.54 18.02 25.16
N HIS C 98 5.64 17.18 24.15
CA HIS C 98 6.27 15.87 24.32
C HIS C 98 7.72 16.02 24.59
N GLY C 99 8.22 15.16 25.47
CA GLY C 99 9.63 15.15 25.86
C GLY C 99 10.32 13.97 25.19
N PRO C 100 11.56 13.74 25.57
CA PRO C 100 12.35 12.66 24.96
C PRO C 100 11.65 11.33 24.96
N PHE C 101 11.67 10.67 23.81
CA PHE C 101 11.03 9.37 23.63
C PHE C 101 9.53 9.40 23.96
N SER C 102 8.93 10.57 23.73
CA SER C 102 7.47 10.75 23.82
C SER C 102 6.93 10.20 25.14
N HIS C 103 6.06 9.21 25.10
CA HIS C 103 5.33 8.76 26.31
C HIS C 103 6.22 8.17 27.40
N MET C 104 7.45 7.79 27.07
CA MET C 104 8.41 7.42 28.10
C MET C 104 8.63 8.54 29.10
N PHE C 105 8.68 9.79 28.58
CA PHE C 105 9.01 10.94 29.40
C PHE C 105 7.93 11.28 30.43
N ASP C 106 6.68 11.45 30.01
CA ASP C 106 5.62 11.78 30.97
C ASP C 106 4.99 10.54 31.57
N GLY C 107 5.10 9.41 30.89
CA GLY C 107 4.63 8.14 31.43
C GLY C 107 5.55 7.45 32.42
N ARG C 108 6.85 7.61 32.30
CA ARG C 108 7.78 6.89 33.20
C ARG C 108 8.72 7.82 33.94
N PHE C 109 9.48 8.63 33.20
CA PHE C 109 10.52 9.40 33.83
C PHE C 109 10.04 10.49 34.82
N ILE C 110 9.19 11.39 34.39
CA ILE C 110 8.71 12.45 35.28
C ILE C 110 8.00 11.90 36.56
N PRO C 111 7.12 10.89 36.41
CA PRO C 111 6.52 10.33 37.63
C PRO C 111 7.56 9.80 38.64
N LEU C 112 8.65 9.20 38.17
CA LEU C 112 9.69 8.72 39.09
C LEU C 112 10.62 9.83 39.57
N ALA C 113 10.90 10.82 38.74
CA ALA C 113 11.87 11.85 39.09
C ALA C 113 11.26 13.02 39.87
N ARG C 114 9.97 13.28 39.66
CA ARG C 114 9.27 14.36 40.37
C ARG C 114 7.90 13.82 40.76
N PRO C 115 7.88 12.91 41.73
CA PRO C 115 6.57 12.34 42.11
C PRO C 115 5.62 13.40 42.70
N GLU C 116 6.16 14.50 43.23
CA GLU C 116 5.33 15.59 43.75
C GLU C 116 4.59 16.40 42.68
N VAL C 117 5.08 16.41 41.44
CA VAL C 117 4.46 17.24 40.41
C VAL C 117 3.37 16.44 39.70
N LYS C 118 2.40 17.14 39.12
CA LYS C 118 1.42 16.52 38.20
C LYS C 118 1.66 17.12 36.80
N TRP C 119 2.33 16.38 35.93
CA TRP C 119 2.74 16.92 34.62
C TRP C 119 2.27 15.98 33.56
N THR C 120 1.75 16.56 32.48
CA THR C 120 1.45 15.82 31.26
C THR C 120 2.04 16.58 30.08
N HIS C 121 2.27 15.87 28.98
CA HIS C 121 2.71 16.53 27.76
C HIS C 121 1.72 17.60 27.32
N GLU C 122 0.43 17.41 27.57
CA GLU C 122 -0.56 18.44 27.18
C GLU C 122 -0.26 19.80 27.83
N GLN C 123 0.14 19.74 29.10
CA GLN C 123 0.41 20.95 29.83
C GLN C 123 1.63 21.57 29.24
N GLY C 124 2.59 20.70 28.95
CA GLY C 124 3.77 21.10 28.21
C GLY C 124 3.50 21.72 26.86
N SER C 125 2.51 21.18 26.14
CA SER C 125 2.15 21.72 24.83
C SER C 125 1.61 23.17 24.90
N VAL C 126 0.87 23.44 25.97
CA VAL C 126 0.27 24.73 26.20
C VAL C 126 1.35 25.74 26.56
N MET C 127 2.27 25.33 27.43
CA MET C 127 3.36 26.22 27.81
C MET C 127 4.28 26.47 26.61
N MET C 128 4.58 25.42 25.87
CA MET C 128 5.49 25.54 24.72
C MET C 128 4.85 26.37 23.64
N PHE C 129 3.55 26.21 23.48
CA PHE C 129 2.83 27.05 22.54
C PHE C 129 2.93 28.58 22.88
N GLU C 130 2.72 28.90 24.14
CA GLU C 130 2.89 30.29 24.62
C GLU C 130 4.25 30.78 24.27
N HIS C 131 5.25 29.98 24.60
CA HIS C 131 6.64 30.37 24.40
C HIS C 131 6.94 30.54 22.92
N LEU C 132 6.43 29.63 22.09
CA LEU C 132 6.56 29.75 20.64
C LEU C 132 5.95 31.05 20.09
N ILE C 133 4.72 31.34 20.45
CA ILE C 133 4.05 32.57 19.98
C ILE C 133 4.80 33.83 20.43
N ASN C 134 5.17 33.87 21.70
CA ASN C 134 5.76 35.07 22.28
C ASN C 134 7.17 35.32 21.79
N SER C 135 7.96 34.25 21.68
CA SER C 135 9.33 34.33 21.24
C SER C 135 9.48 34.71 19.77
N ASN C 136 8.51 34.41 18.93
CA ASN C 136 8.71 34.53 17.50
C ASN C 136 7.79 35.51 16.83
N GLY C 137 7.17 36.41 17.60
CA GLY C 137 6.38 37.45 16.98
C GLY C 137 5.21 36.97 16.13
N ILE C 138 4.56 35.89 16.58
CA ILE C 138 3.46 35.31 15.85
C ILE C 138 2.17 36.09 16.04
N LYS C 139 1.97 36.71 17.20
CA LYS C 139 0.71 37.45 17.46
C LYS C 139 0.34 38.48 16.37
N PRO C 140 1.32 39.29 15.92
CA PRO C 140 1.00 40.24 14.85
C PRO C 140 0.61 39.55 13.56
N VAL C 141 1.25 38.41 13.27
CA VAL C 141 0.89 37.65 12.08
C VAL C 141 -0.53 37.10 12.20
N MET C 142 -0.89 36.63 13.38
CA MET C 142 -2.23 36.16 13.61
C MET C 142 -3.24 37.28 13.28
N GLU C 143 -2.98 38.47 13.81
CA GLU C 143 -3.87 39.64 13.56
C GLU C 143 -3.96 39.97 12.11
N GLN C 144 -2.83 39.87 11.43
CA GLN C 144 -2.80 40.12 10.00
C GLN C 144 -3.75 39.19 9.21
N TYR C 145 -4.04 38.01 9.73
CA TYR C 145 -4.95 37.09 9.04
C TYR C 145 -6.33 37.04 9.69
N GLY C 146 -6.65 38.03 10.51
CA GLY C 146 -7.99 38.18 11.04
C GLY C 146 -8.27 37.50 12.37
N LEU C 147 -7.26 36.89 12.99
CA LEU C 147 -7.44 36.31 14.32
C LEU C 147 -7.42 37.42 15.35
N ILE C 148 -8.04 37.17 16.49
CA ILE C 148 -8.01 38.07 17.64
C ILE C 148 -7.28 37.29 18.72
N PRO C 149 -5.98 37.59 18.91
CA PRO C 149 -5.10 36.82 19.77
C PRO C 149 -5.61 36.49 21.18
N GLU C 150 -6.26 37.43 21.87
CA GLU C 150 -6.66 37.16 23.26
C GLU C 150 -7.59 36.00 23.29
N GLU C 151 -8.68 36.09 22.53
CA GLU C 151 -9.70 35.04 22.47
C GLU C 151 -9.13 33.77 21.85
N ASP C 152 -8.39 33.91 20.75
CA ASP C 152 -8.01 32.78 19.95
C ASP C 152 -6.90 31.96 20.59
N ILE C 153 -5.98 32.62 21.27
CA ILE C 153 -4.91 31.92 21.96
C ILE C 153 -5.50 31.15 23.09
N CYS C 154 -6.49 31.72 23.75
CA CYS C 154 -7.17 31.00 24.81
C CYS C 154 -7.91 29.81 24.24
N PHE C 155 -8.58 30.04 23.10
CA PHE C 155 -9.29 28.98 22.41
C PHE C 155 -8.35 27.83 22.05
N ILE C 156 -7.18 28.18 21.53
CA ILE C 156 -6.23 27.17 21.08
C ILE C 156 -5.73 26.36 22.27
N LYS C 157 -5.38 27.04 23.34
CA LYS C 157 -4.96 26.35 24.54
C LYS C 157 -6.06 25.43 25.07
N GLU C 158 -7.27 25.93 25.07
CA GLU C 158 -8.37 25.14 25.60
C GLU C 158 -8.56 23.85 24.77
N GLN C 159 -8.32 23.95 23.47
CA GLN C 159 -8.49 22.80 22.58
C GLN C 159 -7.50 21.66 22.88
N ILE C 160 -6.36 22.03 23.42
CA ILE C 160 -5.28 21.12 23.72
C ILE C 160 -5.45 20.51 25.10
N VAL C 161 -5.74 21.35 26.09
CA VAL C 161 -5.66 20.94 27.47
C VAL C 161 -7.00 20.91 28.22
N GLY C 162 -8.07 21.37 27.58
CA GLY C 162 -9.35 21.52 28.27
C GLY C 162 -9.46 22.88 28.96
N PRO C 163 -10.52 23.06 29.76
CA PRO C 163 -10.76 24.37 30.38
C PRO C 163 -9.62 24.80 31.27
N LEU C 164 -9.34 26.10 31.29
CA LEU C 164 -8.37 26.69 32.19
C LEU C 164 -9.12 27.33 33.36
N LEU C 172 -23.16 24.44 33.13
CA LEU C 172 -22.53 25.68 32.70
C LEU C 172 -21.37 25.40 31.73
N TRP C 173 -21.17 26.35 30.84
CA TRP C 173 -20.13 26.28 29.81
C TRP C 173 -18.80 26.75 30.38
N PRO C 174 -17.80 25.84 30.46
CA PRO C 174 -16.55 26.17 31.14
C PRO C 174 -15.49 26.79 30.24
N TYR C 175 -15.80 26.98 28.95
CA TYR C 175 -14.80 27.47 28.00
C TYR C 175 -14.98 28.96 27.73
N LYS C 176 -13.87 29.67 27.57
CA LYS C 176 -13.86 31.10 27.28
C LYS C 176 -13.57 31.42 25.83
N GLY C 177 -12.85 30.53 25.15
CA GLY C 177 -12.34 30.84 23.81
C GLY C 177 -13.42 30.87 22.74
N ARG C 178 -14.43 30.02 22.90
CA ARG C 178 -15.61 30.01 22.04
C ARG C 178 -16.87 29.73 22.85
N PRO C 179 -18.03 30.23 22.39
CA PRO C 179 -19.31 29.99 23.06
C PRO C 179 -19.90 28.60 22.79
N GLU C 180 -20.99 28.29 23.48
CA GLU C 180 -21.67 27.01 23.38
C GLU C 180 -22.08 26.62 21.98
N ASN C 181 -22.40 27.62 21.16
CA ASN C 181 -22.85 27.37 19.78
C ASN C 181 -21.70 27.00 18.84
N LYS C 182 -20.46 27.09 19.34
CA LYS C 182 -19.29 26.58 18.64
C LYS C 182 -18.64 25.42 19.42
N SER C 183 -19.38 24.84 20.36
CA SER C 183 -18.92 23.72 21.15
C SER C 183 -18.24 22.60 20.38
N PHE C 184 -18.84 22.22 19.26
CA PHE C 184 -18.32 21.16 18.39
C PHE C 184 -16.85 21.38 17.98
N LEU C 185 -16.41 22.64 17.91
CA LEU C 185 -15.02 22.93 17.56
C LEU C 185 -14.07 22.29 18.55
N TYR C 186 -14.49 22.16 19.81
CA TYR C 186 -13.63 21.53 20.83
C TYR C 186 -13.57 20.01 20.75
N GLU C 187 -14.29 19.41 19.80
CA GLU C 187 -14.33 17.95 19.66
C GLU C 187 -13.34 17.39 18.62
N ILE C 188 -12.58 18.27 17.98
CA ILE C 188 -11.79 17.91 16.82
C ILE C 188 -10.38 17.46 17.14
N VAL C 189 -9.69 18.27 17.93
CA VAL C 189 -8.28 18.10 18.12
C VAL C 189 -7.98 17.18 19.27
N SER C 190 -8.64 17.41 20.39
CA SER C 190 -8.45 16.57 21.57
C SER C 190 -9.77 16.42 22.29
N ASN C 191 -10.49 15.34 21.97
CA ASN C 191 -11.83 15.15 22.37
C ASN C 191 -11.91 14.58 23.76
N LYS C 192 -12.18 15.45 24.73
CA LYS C 192 -12.19 15.09 26.13
C LYS C 192 -13.42 14.27 26.51
N ARG C 193 -14.47 14.34 25.70
CA ARG C 193 -15.65 13.53 25.98
C ARG C 193 -15.41 12.01 25.66
N ASN C 194 -14.75 11.68 24.57
CA ASN C 194 -14.66 10.29 24.16
C ASN C 194 -13.39 9.85 23.46
N GLY C 195 -12.45 10.76 23.31
CA GLY C 195 -11.18 10.42 22.70
C GLY C 195 -11.19 10.22 21.19
N ILE C 196 -12.32 10.45 20.53
CA ILE C 196 -12.37 10.33 19.07
C ILE C 196 -12.00 11.69 18.45
N ASP C 197 -10.76 11.78 17.96
CA ASP C 197 -10.18 13.02 17.47
C ASP C 197 -9.12 12.75 16.44
N VAL C 198 -8.70 13.82 15.77
CA VAL C 198 -7.79 13.70 14.64
C VAL C 198 -6.41 13.23 15.04
N ASP C 199 -6.02 13.40 16.29
CA ASP C 199 -4.73 12.92 16.71
C ASP C 199 -4.64 11.40 16.49
N LYS C 200 -5.68 10.69 16.89
CA LYS C 200 -5.66 9.23 16.75
C LYS C 200 -5.67 8.84 15.31
N TRP C 201 -6.41 9.59 14.50
CA TRP C 201 -6.54 9.17 13.12
C TRP C 201 -5.22 9.26 12.41
N ASP C 202 -4.47 10.31 12.67
CA ASP C 202 -3.14 10.41 12.05
C ASP C 202 -2.22 9.30 12.55
N TYR C 203 -2.14 9.11 13.87
CA TYR C 203 -1.20 8.13 14.36
C TYR C 203 -1.54 6.71 13.94
N PHE C 204 -2.82 6.37 13.79
CA PHE C 204 -3.20 5.03 13.32
C PHE C 204 -2.65 4.81 11.96
N ALA C 205 -2.88 5.78 11.08
CA ALA C 205 -2.39 5.64 9.72
C ALA C 205 -0.87 5.66 9.67
N ARG C 206 -0.27 6.60 10.38
CA ARG C 206 1.17 6.80 10.27
C ARG C 206 1.93 5.64 10.92
N ASP C 207 1.55 5.28 12.12
CA ASP C 207 2.21 4.19 12.81
C ASP C 207 2.09 2.91 12.03
N CYS C 208 0.93 2.67 11.42
CA CYS C 208 0.76 1.42 10.67
C CYS C 208 1.66 1.37 9.47
N HIS C 209 1.73 2.48 8.78
CA HIS C 209 2.62 2.65 7.63
C HIS C 209 4.08 2.34 7.97
N HIS C 210 4.55 2.85 9.10
CA HIS C 210 5.94 2.67 9.49
C HIS C 210 6.23 1.37 10.19
N LEU C 211 5.25 0.92 10.95
CA LEU C 211 5.30 -0.33 11.70
C LEU C 211 5.33 -1.58 10.85
N GLY C 212 4.63 -1.57 9.72
CA GLY C 212 4.41 -2.80 8.99
C GLY C 212 3.01 -3.36 9.18
N ILE C 213 2.07 -2.49 9.53
CA ILE C 213 0.67 -2.87 9.70
C ILE C 213 -0.25 -1.93 8.94
N GLN C 214 -1.50 -2.35 8.71
CA GLN C 214 -2.52 -1.46 8.16
C GLN C 214 -3.75 -1.32 9.06
N ASN C 215 -4.12 -0.07 9.32
CA ASN C 215 -5.19 0.30 10.24
C ASN C 215 -6.57 -0.20 9.77
N ASN C 216 -7.41 -0.61 10.71
CA ASN C 216 -8.75 -1.10 10.39
C ASN C 216 -9.85 -0.03 10.38
N PHE C 217 -9.50 1.19 10.74
CA PHE C 217 -10.46 2.30 10.76
C PHE C 217 -10.09 3.41 9.78
N ASP C 218 -11.06 3.86 9.00
CA ASP C 218 -10.81 4.90 8.02
C ASP C 218 -11.25 6.28 8.50
N TYR C 219 -10.27 7.15 8.72
CA TYR C 219 -10.51 8.51 9.19
C TYR C 219 -11.31 9.34 8.20
N LYS C 220 -11.00 9.18 6.92
CA LYS C 220 -11.66 9.97 5.88
C LYS C 220 -13.15 9.69 5.81
N ARG C 221 -13.53 8.44 5.97
CA ARG C 221 -14.93 8.07 5.94
C ARG C 221 -15.68 8.74 7.09
N PHE C 222 -15.05 8.78 8.26
CA PHE C 222 -15.68 9.33 9.44
C PHE C 222 -15.96 10.83 9.26
N ILE C 223 -15.04 11.51 8.59
CA ILE C 223 -15.20 12.94 8.33
C ILE C 223 -16.40 13.13 7.42
N LYS C 224 -16.54 12.30 6.39
CA LYS C 224 -17.63 12.49 5.46
C LYS C 224 -19.02 12.28 6.08
N PHE C 225 -19.11 11.45 7.13
CA PHE C 225 -20.40 11.17 7.74
C PHE C 225 -20.63 11.96 9.01
N ALA C 226 -19.71 12.84 9.37
CA ALA C 226 -19.87 13.61 10.58
C ALA C 226 -20.84 14.79 10.35
N ARG C 227 -21.68 15.04 11.34
CA ARG C 227 -22.65 16.14 11.31
C ARG C 227 -22.75 16.73 12.69
N VAL C 228 -23.08 18.02 12.76
CA VAL C 228 -23.31 18.66 14.05
C VAL C 228 -24.80 18.61 14.34
N CYS C 229 -25.17 18.12 15.52
CA CYS C 229 -26.55 18.13 15.98
C CYS C 229 -26.60 18.66 17.41
N GLU C 230 -27.78 19.14 17.82
CA GLU C 230 -27.99 19.56 19.20
C GLU C 230 -28.04 18.31 20.09
N VAL C 231 -27.24 18.33 21.15
CA VAL C 231 -27.24 17.28 22.16
C VAL C 231 -27.20 17.97 23.51
N ASP C 232 -28.27 17.78 24.30
CA ASP C 232 -28.43 18.42 25.61
C ASP C 232 -28.13 19.91 25.57
N ASN C 233 -28.67 20.64 24.60
CA ASN C 233 -28.40 22.08 24.48
C ASN C 233 -26.98 22.48 24.14
N GLU C 234 -26.22 21.54 23.58
CA GLU C 234 -24.88 21.79 23.05
C GLU C 234 -24.90 21.38 21.59
N LEU C 235 -24.19 22.10 20.74
CA LEU C 235 -23.99 21.65 19.38
C LEU C 235 -22.77 20.73 19.35
N ARG C 236 -23.01 19.44 19.12
CA ARG C 236 -21.94 18.45 19.12
C ARG C 236 -21.79 17.77 17.78
N ILE C 237 -20.56 17.33 17.51
CA ILE C 237 -20.31 16.47 16.35
C ILE C 237 -20.95 15.12 16.60
N CYS C 238 -21.77 14.65 15.66
CA CYS C 238 -22.36 13.30 15.74
C CYS C 238 -21.90 12.49 14.58
N ALA C 239 -21.94 11.18 14.75
CA ALA C 239 -21.63 10.25 13.71
C ALA C 239 -22.91 9.57 13.17
N ARG C 240 -22.88 9.16 11.91
CA ARG C 240 -23.94 8.36 11.38
C ARG C 240 -24.03 7.02 12.12
N ASP C 241 -25.26 6.60 12.41
CA ASP C 241 -25.52 5.36 13.16
C ASP C 241 -24.75 4.15 12.66
N LYS C 242 -24.77 3.96 11.36
CA LYS C 242 -24.03 3.00 10.56
C LYS C 242 -22.56 2.83 10.95
N GLU C 243 -21.97 3.93 11.36
CA GLU C 243 -20.60 4.02 11.69
C GLU C 243 -20.21 3.47 13.07
N VAL C 244 -21.17 3.11 13.91
CA VAL C 244 -20.86 2.73 15.28
C VAL C 244 -19.97 1.50 15.33
N GLY C 245 -20.20 0.53 14.48
CA GLY C 245 -19.31 -0.62 14.38
C GLY C 245 -17.88 -0.18 14.04
N ASN C 246 -17.75 0.85 13.17
CA ASN C 246 -16.43 1.33 12.82
C ASN C 246 -15.74 1.96 14.01
N LEU C 247 -16.50 2.65 14.87
CA LEU C 247 -15.90 3.27 16.03
C LEU C 247 -15.41 2.23 16.99
N TYR C 248 -16.15 1.13 17.14
CA TYR C 248 -15.69 0.02 18.00
C TYR C 248 -14.44 -0.59 17.40
N ASP C 249 -14.41 -0.71 16.09
CA ASP C 249 -13.20 -1.15 15.39
C ASP C 249 -12.03 -0.20 15.62
N MET C 250 -12.30 1.08 15.65
CA MET C 250 -11.27 2.06 15.88
C MET C 250 -10.56 1.76 17.19
N PHE C 251 -11.32 1.56 18.27
CA PHE C 251 -10.71 1.34 19.58
C PHE C 251 -10.13 -0.07 19.67
N HIS C 252 -10.67 -1.01 18.91
CA HIS C 252 -10.01 -2.30 18.79
C HIS C 252 -8.62 -2.11 18.16
N THR C 253 -8.52 -1.26 17.15
CA THR C 253 -7.26 -1.04 16.45
C THR C 253 -6.29 -0.42 17.41
N ARG C 254 -6.75 0.60 18.10
CA ARG C 254 -5.95 1.28 19.09
C ARG C 254 -5.38 0.25 20.03
N ASN C 255 -6.22 -0.63 20.52
CA ASN C 255 -5.78 -1.64 21.47
C ASN C 255 -4.83 -2.69 20.88
N SER C 256 -5.08 -3.10 19.65
CA SER C 256 -4.14 -3.91 18.93
C SER C 256 -2.76 -3.23 18.84
N LEU C 257 -2.74 -1.92 18.60
CA LEU C 257 -1.51 -1.21 18.39
C LEU C 257 -0.74 -1.10 19.71
N HIS C 258 -1.49 -0.94 20.79
CA HIS C 258 -0.90 -1.01 22.13
C HIS C 258 -0.31 -2.39 22.43
N ARG C 259 -1.06 -3.43 22.17
CA ARG C 259 -0.60 -4.80 22.42
C ARG C 259 0.67 -5.09 21.61
N ARG C 260 0.62 -4.79 20.33
CA ARG C 260 1.67 -5.18 19.43
C ARG C 260 2.91 -4.31 19.49
N ALA C 261 2.72 -3.00 19.64
CA ALA C 261 3.81 -2.08 19.51
C ALA C 261 4.03 -1.16 20.73
N TYR C 262 3.05 -0.37 21.13
CA TYR C 262 3.29 0.67 22.15
C TYR C 262 3.63 0.06 23.52
N GLN C 263 3.14 -1.14 23.79
CA GLN C 263 3.43 -1.85 25.02
C GLN C 263 4.15 -3.14 24.73
N HIS C 264 4.89 -3.18 23.63
CA HIS C 264 5.68 -4.37 23.31
C HIS C 264 6.60 -4.62 24.50
N LYS C 265 6.73 -5.88 24.88
CA LYS C 265 7.45 -6.27 26.09
C LYS C 265 8.93 -5.79 26.07
N VAL C 266 9.57 -5.87 24.91
CA VAL C 266 10.93 -5.42 24.76
C VAL C 266 10.99 -3.91 24.56
N GLY C 267 10.07 -3.33 23.81
CA GLY C 267 10.06 -1.87 23.64
C GLY C 267 9.93 -1.24 25.01
N ASN C 268 9.10 -1.82 25.85
CA ASN C 268 8.90 -1.26 27.18
C ASN C 268 10.13 -1.38 28.07
N ILE C 269 10.81 -2.52 28.00
CA ILE C 269 12.01 -2.72 28.79
C ILE C 269 13.11 -1.78 28.33
N ILE C 270 13.19 -1.50 27.05
CA ILE C 270 14.13 -0.48 26.55
C ILE C 270 13.74 0.91 27.06
N ASP C 271 12.46 1.23 27.03
CA ASP C 271 12.01 2.53 27.61
C ASP C 271 12.36 2.63 29.09
N THR C 272 12.23 1.49 29.76
CA THR C 272 12.53 1.39 31.17
C THR C 272 14.01 1.58 31.43
N MET C 273 14.85 1.01 30.59
CA MET C 273 16.31 1.14 30.75
C MET C 273 16.74 2.59 30.46
N ILE C 274 16.11 3.22 29.48
CA ILE C 274 16.40 4.62 29.18
C ILE C 274 16.00 5.46 30.36
N THR C 275 14.81 5.19 30.90
CA THR C 275 14.33 5.93 32.05
C THR C 275 15.32 5.81 33.18
N ASP C 276 15.77 4.61 33.43
CA ASP C 276 16.73 4.33 34.46
C ASP C 276 18.00 5.14 34.24
N ALA C 277 18.50 5.14 33.02
CA ALA C 277 19.66 5.92 32.70
C ALA C 277 19.41 7.43 32.94
N PHE C 278 18.24 7.96 32.55
CA PHE C 278 17.93 9.39 32.76
C PHE C 278 17.94 9.74 34.25
N LEU C 279 17.36 8.83 35.03
CA LEU C 279 17.38 8.96 36.49
C LEU C 279 18.79 9.03 37.08
N LYS C 280 19.68 8.12 36.67
CA LYS C 280 21.06 8.15 37.11
C LYS C 280 21.84 9.36 36.59
N ALA C 281 21.37 9.98 35.50
CA ALA C 281 22.06 11.15 34.94
C ALA C 281 21.45 12.48 35.40
N ASP C 282 20.28 12.42 36.04
CA ASP C 282 19.47 13.64 36.22
C ASP C 282 20.19 14.76 36.96
N ASP C 283 20.98 14.36 37.96
CA ASP C 283 21.76 15.28 38.78
C ASP C 283 22.94 15.91 38.06
N TYR C 284 23.41 15.34 36.95
CA TYR C 284 24.65 15.80 36.33
C TYR C 284 24.48 16.56 35.03
N ILE C 285 23.41 16.27 34.28
CA ILE C 285 23.20 16.95 33.01
C ILE C 285 22.65 18.35 33.32
N GLU C 286 23.22 19.39 32.71
CA GLU C 286 22.72 20.76 32.88
C GLU C 286 22.13 21.28 31.58
N ILE C 287 20.95 21.85 31.64
CA ILE C 287 20.31 22.40 30.47
C ILE C 287 20.04 23.86 30.75
N THR C 288 20.60 24.72 29.92
CA THR C 288 20.47 26.15 30.15
C THR C 288 19.10 26.63 29.71
N GLY C 289 18.41 27.30 30.63
CA GLY C 289 17.13 27.92 30.33
C GLY C 289 17.22 29.43 30.26
N ALA C 290 16.11 30.11 30.56
CA ALA C 290 16.02 31.57 30.46
C ALA C 290 17.00 32.24 31.40
N GLY C 291 17.65 33.29 30.90
CA GLY C 291 18.62 34.03 31.67
C GLY C 291 19.85 33.25 32.05
N GLY C 292 20.14 32.14 31.37
CA GLY C 292 21.31 31.32 31.70
C GLY C 292 21.11 30.41 32.91
N LYS C 293 19.90 30.38 33.46
CA LYS C 293 19.63 29.51 34.61
C LYS C 293 19.78 28.03 34.18
N LYS C 294 20.37 27.21 35.04
CA LYS C 294 20.61 25.80 34.72
C LYS C 294 19.49 24.91 35.25
N TYR C 295 19.04 23.99 34.40
CA TYR C 295 18.03 23.02 34.78
C TYR C 295 18.53 21.61 34.65
N ARG C 296 17.80 20.69 35.25
CA ARG C 296 18.03 19.27 35.13
C ARG C 296 17.01 18.72 34.14
N ILE C 297 17.18 17.46 33.78
CA ILE C 297 16.29 16.82 32.83
C ILE C 297 14.90 16.86 33.43
N SER C 298 14.83 16.58 34.73
CA SER C 298 13.55 16.54 35.44
C SER C 298 12.98 17.94 35.69
N THR C 299 13.78 18.98 35.66
CA THR C 299 13.25 20.35 35.92
C THR C 299 13.09 21.19 34.67
N ALA C 300 13.60 20.70 33.54
CA ALA C 300 13.52 21.45 32.29
C ALA C 300 12.10 21.78 31.95
N ILE C 301 11.18 20.97 32.49
CA ILE C 301 9.77 21.19 32.26
C ILE C 301 9.25 22.47 32.91
N ASP C 302 10.02 23.08 33.79
CA ASP C 302 9.59 24.32 34.41
C ASP C 302 9.96 25.55 33.60
N ASP C 303 10.79 25.40 32.56
CA ASP C 303 11.19 26.56 31.75
C ASP C 303 11.26 26.16 30.30
N MET C 304 10.47 26.85 29.47
CA MET C 304 10.31 26.41 28.07
C MET C 304 11.56 26.63 27.20
N GLU C 305 12.38 27.59 27.59
CA GLU C 305 13.61 27.81 26.88
C GLU C 305 14.52 26.62 27.09
N ALA C 306 14.52 26.06 28.30
CA ALA C 306 15.32 24.85 28.58
C ALA C 306 14.65 23.64 27.90
N TYR C 307 13.33 23.55 28.01
CA TYR C 307 12.62 22.43 27.46
C TYR C 307 12.81 22.33 25.96
N THR C 308 12.87 23.50 25.30
CA THR C 308 13.10 23.57 23.87
C THR C 308 14.29 22.73 23.45
N LYS C 309 15.28 22.65 24.33
CA LYS C 309 16.49 21.91 24.09
C LYS C 309 16.47 20.48 24.61
N LEU C 310 15.32 19.97 25.07
CA LEU C 310 15.29 18.66 25.65
C LEU C 310 14.64 17.69 24.68
N THR C 311 15.46 16.86 24.07
CA THR C 311 14.99 15.95 23.01
C THR C 311 15.68 14.63 23.16
N ASP C 312 15.50 13.76 22.18
CA ASP C 312 16.16 12.43 22.20
C ASP C 312 17.68 12.56 22.24
N ASN C 313 18.19 13.69 21.78
CA ASN C 313 19.60 14.01 21.95
C ASN C 313 20.22 13.71 23.36
N ILE C 314 19.44 13.89 24.42
CA ILE C 314 19.91 13.62 25.78
C ILE C 314 20.43 12.16 25.91
N PHE C 315 19.76 11.23 25.24
CA PHE C 315 20.20 9.83 25.16
C PHE C 315 21.64 9.75 24.65
N LEU C 316 21.94 10.42 23.56
CA LEU C 316 23.26 10.35 22.97
C LEU C 316 24.31 11.13 23.77
N GLU C 317 23.91 12.25 24.33
CA GLU C 317 24.73 12.97 25.26
C GLU C 317 25.21 12.05 26.40
N ILE C 318 24.32 11.22 26.93
CA ILE C 318 24.71 10.31 28.01
C ILE C 318 25.60 9.19 27.43
N LEU C 319 25.17 8.64 26.31
CA LEU C 319 25.89 7.52 25.69
C LEU C 319 27.33 7.90 25.38
N TYR C 320 27.51 9.08 24.78
CA TYR C 320 28.85 9.53 24.34
C TYR C 320 29.65 10.25 25.41
N SER C 321 29.12 10.45 26.61
CA SER C 321 29.88 11.17 27.64
C SER C 321 31.11 10.40 28.11
N THR C 322 32.06 11.17 28.65
CA THR C 322 33.23 10.60 29.31
C THR C 322 33.27 10.96 30.81
N ASP C 323 32.42 11.88 31.25
CA ASP C 323 32.38 12.28 32.66
C ASP C 323 32.15 11.07 33.54
N PRO C 324 33.00 10.88 34.56
CA PRO C 324 32.85 9.67 35.39
C PRO C 324 31.59 9.68 36.23
N LYS C 325 31.04 10.86 36.50
CA LYS C 325 29.80 10.94 37.25
C LYS C 325 28.66 10.27 36.47
N LEU C 326 28.77 10.25 35.15
CA LEU C 326 27.74 9.64 34.28
C LEU C 326 27.99 8.17 33.95
N LYS C 327 29.02 7.57 34.52
CA LYS C 327 29.39 6.22 34.17
C LYS C 327 28.23 5.23 34.34
N ASP C 328 27.48 5.36 35.42
CA ASP C 328 26.39 4.44 35.67
C ASP C 328 25.27 4.57 34.64
N ALA C 329 24.89 5.79 34.31
CA ALA C 329 23.90 6.04 33.29
C ALA C 329 24.39 5.56 31.91
N ARG C 330 25.64 5.83 31.63
CA ARG C 330 26.24 5.46 30.36
C ARG C 330 26.28 3.94 30.19
N GLU C 331 26.57 3.20 31.25
CA GLU C 331 26.63 1.74 31.20
C GLU C 331 25.31 1.12 30.80
N ILE C 332 24.22 1.68 31.33
CA ILE C 332 22.89 1.18 31.01
C ILE C 332 22.62 1.31 29.50
N LEU C 333 22.88 2.50 28.96
CA LEU C 333 22.69 2.77 27.52
C LEU C 333 23.59 1.89 26.67
N LYS C 334 24.82 1.68 27.11
CA LYS C 334 25.73 0.75 26.44
C LYS C 334 25.18 -0.67 26.40
N GLN C 335 24.50 -1.10 27.47
CA GLN C 335 23.88 -2.41 27.49
C GLN C 335 22.74 -2.52 26.46
N ILE C 336 22.03 -1.42 26.23
CA ILE C 336 21.03 -1.39 25.20
C ILE C 336 21.69 -1.70 23.86
N GLU C 337 22.85 -1.08 23.59
CA GLU C 337 23.52 -1.23 22.29
C GLU C 337 24.02 -2.64 22.03
N TYR C 338 24.54 -3.28 23.07
CA TYR C 338 24.94 -4.69 22.94
C TYR C 338 23.75 -5.63 23.00
N ARG C 339 22.56 -5.10 23.23
CA ARG C 339 21.36 -5.93 23.42
C ARG C 339 21.45 -6.83 24.66
N ASN C 340 22.19 -6.38 25.67
CA ASN C 340 22.12 -7.01 26.98
C ASN C 340 21.04 -6.29 27.75
N LEU C 341 19.80 -6.68 27.48
CA LEU C 341 18.66 -6.03 28.05
C LEU C 341 18.27 -7.05 29.07
N PHE C 342 17.38 -6.61 29.90
CA PHE C 342 16.79 -7.52 30.80
C PHE C 342 15.81 -8.44 30.12
N LYS C 343 15.62 -9.61 30.70
CA LYS C 343 14.92 -10.68 30.03
C LYS C 343 13.48 -10.74 30.52
N TYR C 344 12.58 -10.87 29.55
CA TYR C 344 11.20 -11.06 29.79
C TYR C 344 10.94 -12.46 30.38
N VAL C 345 10.28 -12.50 31.51
CA VAL C 345 9.98 -13.74 32.21
C VAL C 345 8.54 -14.18 31.98
N GLY C 346 7.59 -13.25 31.97
CA GLY C 346 6.19 -13.60 31.82
C GLY C 346 5.25 -12.44 32.03
N GLU C 347 3.96 -12.71 31.80
CA GLU C 347 2.89 -11.76 32.00
C GLU C 347 1.69 -12.43 32.65
N THR C 348 0.96 -11.67 33.45
CA THR C 348 -0.20 -12.15 34.18
C THR C 348 -1.14 -10.97 34.35
N GLN C 349 -2.39 -11.24 34.71
CA GLN C 349 -3.29 -10.20 35.21
C GLN C 349 -3.92 -10.48 36.56
N PRO C 350 -4.32 -9.40 37.26
CA PRO C 350 -5.25 -9.55 38.36
C PRO C 350 -6.58 -10.10 37.88
N THR C 351 -7.18 -10.97 38.67
CA THR C 351 -8.54 -11.46 38.39
C THR C 351 -9.61 -10.60 39.05
N GLY C 352 -9.27 -9.98 40.18
CA GLY C 352 -10.10 -8.95 40.81
C GLY C 352 -10.40 -7.73 39.96
N GLN C 353 -11.58 -7.14 40.15
CA GLN C 353 -11.89 -5.81 39.59
C GLN C 353 -11.09 -4.67 40.18
N ILE C 354 -10.39 -4.87 41.30
CA ILE C 354 -9.57 -3.78 41.84
C ILE C 354 -8.16 -3.88 41.26
N LYS C 355 -7.65 -2.73 40.92
CA LYS C 355 -6.45 -2.59 40.21
C LYS C 355 -5.34 -2.18 41.18
N ILE C 356 -4.17 -2.65 40.79
CA ILE C 356 -2.95 -2.25 41.41
C ILE C 356 -2.72 -0.77 41.18
N LYS C 357 -2.46 -0.06 42.27
CA LYS C 357 -2.35 1.39 42.24
C LYS C 357 -0.90 1.78 42.11
N ARG C 358 -0.66 2.96 41.55
CA ARG C 358 0.69 3.47 41.32
C ARG C 358 1.60 3.35 42.55
N GLU C 359 1.09 3.63 43.75
CA GLU C 359 1.91 3.56 44.97
C GLU C 359 2.39 2.14 45.26
N ASP C 360 1.59 1.15 44.86
CA ASP C 360 1.92 -0.25 45.07
C ASP C 360 3.04 -0.77 44.16
N TYR C 361 3.32 -0.08 43.05
CA TYR C 361 4.21 -0.62 42.02
C TYR C 361 5.55 -1.00 42.63
N GLU C 362 6.07 -0.13 43.49
CA GLU C 362 7.44 -0.27 44.00
C GLU C 362 7.62 -1.55 44.80
N SER C 363 6.56 -1.99 45.46
CA SER C 363 6.67 -3.11 46.36
C SER C 363 6.66 -4.46 45.60
N LEU C 364 6.33 -4.41 44.32
CA LEU C 364 6.06 -5.62 43.56
C LEU C 364 7.24 -6.54 43.31
N PRO C 365 8.40 -5.98 42.96
CA PRO C 365 9.58 -6.84 42.88
C PRO C 365 9.92 -7.58 44.19
N LYS C 366 9.78 -6.89 45.32
CA LYS C 366 10.00 -7.52 46.62
C LYS C 366 9.11 -8.72 46.77
N GLU C 367 7.85 -8.53 46.44
CA GLU C 367 6.86 -9.59 46.48
C GLU C 367 7.18 -10.81 45.60
N VAL C 368 7.64 -10.57 44.38
CA VAL C 368 7.99 -11.68 43.50
C VAL C 368 9.18 -12.48 44.05
N ALA C 369 10.19 -11.75 44.55
CA ALA C 369 11.34 -12.35 45.22
C ALA C 369 10.96 -13.12 46.50
N SER C 370 10.00 -12.59 47.25
CA SER C 370 9.44 -13.28 48.43
C SER C 370 8.83 -14.62 48.12
N ALA C 371 8.26 -14.79 46.93
CA ALA C 371 7.59 -16.04 46.62
C ALA C 371 8.55 -17.21 46.77
N LYS C 372 8.08 -18.30 47.37
CA LYS C 372 8.90 -19.48 47.56
C LYS C 372 8.42 -20.59 46.68
N PRO C 373 9.11 -20.83 45.55
CA PRO C 373 8.70 -21.94 44.72
C PRO C 373 9.32 -23.23 45.30
N ASP C 378 18.17 -23.57 42.76
CA ASP C 378 19.56 -23.50 42.27
C ASP C 378 20.22 -22.20 42.66
N VAL C 379 19.72 -21.08 42.10
CA VAL C 379 20.20 -19.74 42.46
C VAL C 379 19.03 -19.06 43.14
N LYS C 380 19.35 -18.26 44.15
CA LYS C 380 18.34 -17.43 44.79
C LYS C 380 18.36 -16.05 44.14
N LEU C 381 17.20 -15.40 44.08
CA LEU C 381 17.08 -14.08 43.45
C LEU C 381 16.53 -13.05 44.41
N LYS C 382 16.99 -11.82 44.27
CA LYS C 382 16.59 -10.72 45.14
C LYS C 382 15.63 -9.81 44.42
N ALA C 383 14.97 -8.91 45.15
CA ALA C 383 14.06 -7.94 44.58
C ALA C 383 14.73 -7.06 43.51
N GLU C 384 15.99 -6.68 43.73
CA GLU C 384 16.73 -5.85 42.78
C GLU C 384 16.90 -6.56 41.43
N ASP C 385 16.84 -7.89 41.42
CA ASP C 385 16.98 -8.63 40.19
C ASP C 385 15.74 -8.59 39.30
N PHE C 386 14.58 -8.29 39.87
CA PHE C 386 13.32 -8.35 39.14
C PHE C 386 12.87 -6.96 38.75
N ILE C 387 12.21 -6.87 37.60
CA ILE C 387 11.45 -5.68 37.21
C ILE C 387 10.02 -6.09 36.95
N VAL C 388 9.10 -5.32 37.51
CA VAL C 388 7.68 -5.59 37.38
C VAL C 388 7.03 -4.34 36.77
N ASP C 389 6.38 -4.51 35.63
CA ASP C 389 5.85 -3.42 34.83
C ASP C 389 4.36 -3.57 34.80
N VAL C 390 3.65 -2.58 35.33
CA VAL C 390 2.21 -2.63 35.40
C VAL C 390 1.69 -1.83 34.22
N ILE C 391 0.90 -2.45 33.35
CA ILE C 391 0.39 -1.77 32.17
C ILE C 391 -1.14 -1.72 32.18
N ASN C 392 -1.66 -0.49 32.16
CA ASN C 392 -3.10 -0.28 32.06
C ASN C 392 -3.53 -0.23 30.60
N MET C 393 -4.39 -1.15 30.16
CA MET C 393 -4.87 -1.21 28.81
C MET C 393 -6.36 -0.89 28.86
N ASP C 394 -6.83 0.04 28.04
CA ASP C 394 -8.26 0.36 28.04
C ASP C 394 -8.75 1.04 26.74
N TYR C 395 -9.97 1.60 26.75
CA TYR C 395 -10.56 2.25 25.56
C TYR C 395 -10.40 3.76 25.69
N GLY C 396 -9.40 4.17 26.47
CA GLY C 396 -9.02 5.57 26.57
C GLY C 396 -9.77 6.37 27.61
N MET C 397 -10.72 5.76 28.32
CA MET C 397 -11.47 6.47 29.38
C MET C 397 -11.59 5.61 30.62
N GLN C 398 -10.49 4.99 31.02
CA GLN C 398 -10.46 4.11 32.18
C GLN C 398 -11.51 3.02 32.01
N GLU C 399 -12.47 2.92 32.93
CA GLU C 399 -13.44 1.86 32.89
C GLU C 399 -14.58 2.15 31.92
N LYS C 400 -14.70 3.38 31.44
CA LYS C 400 -15.90 3.71 30.68
C LYS C 400 -15.77 3.26 29.22
N ASN C 401 -16.90 2.98 28.60
CA ASN C 401 -17.01 2.69 27.16
C ASN C 401 -17.19 4.04 26.45
N PRO C 402 -16.20 4.43 25.63
CA PRO C 402 -16.30 5.76 25.01
C PRO C 402 -17.46 5.90 24.02
N ILE C 403 -17.92 4.80 23.47
CA ILE C 403 -19.01 4.85 22.50
C ILE C 403 -20.33 5.26 23.19
N ASP C 404 -20.47 4.97 24.48
CA ASP C 404 -21.62 5.42 25.23
C ASP C 404 -21.63 6.94 25.27
N HIS C 405 -20.49 7.57 25.00
CA HIS C 405 -20.38 9.01 25.02
C HIS C 405 -20.28 9.60 23.63
N VAL C 406 -20.86 8.91 22.65
CA VAL C 406 -20.88 9.38 21.29
C VAL C 406 -22.33 9.54 20.95
N SER C 407 -22.63 10.61 20.22
CA SER C 407 -23.95 10.82 19.68
C SER C 407 -23.98 10.41 18.21
N PHE C 408 -25.11 9.87 17.80
CA PHE C 408 -25.32 9.45 16.44
C PHE C 408 -26.58 10.01 15.85
N TYR C 409 -26.69 9.95 14.53
CA TYR C 409 -27.91 10.35 13.85
C TYR C 409 -28.26 9.28 12.81
N CYS C 410 -29.53 9.17 12.48
N CYS C 410 -29.53 9.17 12.48
CA CYS C 410 -29.95 8.21 11.45
CA CYS C 410 -29.97 8.20 11.46
C CYS C 410 -30.31 8.93 10.16
C CYS C 410 -30.30 8.92 10.16
N LYS C 411 -30.27 8.17 9.06
CA LYS C 411 -30.45 8.72 7.71
C LYS C 411 -31.80 9.43 7.56
N THR C 412 -32.82 8.83 8.15
CA THR C 412 -34.18 9.32 8.06
C THR C 412 -34.45 10.54 8.95
N ALA C 413 -33.63 10.77 9.98
CA ALA C 413 -33.75 11.93 10.86
C ALA C 413 -32.39 12.47 11.21
N PRO C 414 -31.74 13.15 10.26
CA PRO C 414 -30.39 13.65 10.49
C PRO C 414 -30.14 14.58 11.65
N ASN C 415 -31.18 15.23 12.16
CA ASN C 415 -30.98 16.28 13.15
C ASN C 415 -31.24 15.83 14.53
N ARG C 416 -31.76 14.63 14.66
CA ARG C 416 -32.04 14.07 15.97
C ARG C 416 -30.89 13.18 16.46
N ALA C 417 -30.22 13.61 17.52
CA ALA C 417 -29.11 12.89 18.06
C ALA C 417 -29.61 11.75 18.93
N ILE C 418 -28.98 10.60 18.87
CA ILE C 418 -29.38 9.43 19.66
C ILE C 418 -28.18 8.71 20.25
N ARG C 419 -28.43 7.87 21.25
CA ARG C 419 -27.39 7.04 21.84
C ARG C 419 -27.59 5.64 21.31
N ILE C 420 -26.50 4.91 21.14
CA ILE C 420 -26.56 3.53 20.74
C ILE C 420 -25.74 2.73 21.74
N THR C 421 -26.38 1.82 22.45
CA THR C 421 -25.70 1.07 23.50
C THR C 421 -24.97 -0.11 22.89
N LYS C 422 -24.05 -0.65 23.66
CA LYS C 422 -23.23 -1.76 23.22
C LYS C 422 -24.07 -2.98 22.75
N ASN C 423 -25.08 -3.32 23.52
CA ASN C 423 -25.99 -4.44 23.23
C ASN C 423 -26.78 -4.25 21.98
N GLN C 424 -27.00 -3.01 21.58
CA GLN C 424 -27.63 -2.77 20.30
C GLN C 424 -26.72 -3.09 19.12
N VAL C 425 -25.41 -3.14 19.33
CA VAL C 425 -24.47 -3.32 18.23
C VAL C 425 -24.06 -4.77 18.07
N SER C 426 -23.49 -5.35 19.11
CA SER C 426 -23.07 -6.74 19.06
C SER C 426 -22.90 -7.27 20.47
N GLN C 427 -23.22 -8.55 20.63
CA GLN C 427 -22.92 -9.26 21.88
C GLN C 427 -21.47 -9.73 21.93
N LEU C 428 -20.72 -9.55 20.85
CA LEU C 428 -19.34 -10.04 20.79
C LEU C 428 -18.33 -8.98 21.25
N LEU C 429 -18.82 -7.82 21.68
CA LEU C 429 -17.96 -6.73 22.11
C LEU C 429 -17.49 -7.00 23.52
N PRO C 430 -16.50 -6.24 23.99
CA PRO C 430 -15.99 -6.48 25.35
C PRO C 430 -17.00 -6.25 26.48
N GLU C 431 -16.96 -7.10 27.50
CA GLU C 431 -17.78 -6.89 28.71
C GLU C 431 -17.13 -5.83 29.59
N LYS C 432 -15.82 -5.71 29.46
CA LYS C 432 -15.01 -4.76 30.21
C LYS C 432 -14.28 -3.83 29.23
N PHE C 433 -13.99 -2.61 29.68
CA PHE C 433 -13.26 -1.68 28.86
C PHE C 433 -11.85 -1.27 29.37
N ALA C 434 -11.41 -1.90 30.45
CA ALA C 434 -10.14 -1.61 31.05
C ALA C 434 -9.58 -2.85 31.72
N GLU C 435 -8.26 -2.99 31.68
CA GLU C 435 -7.59 -4.12 32.30
C GLU C 435 -6.16 -3.74 32.64
N GLN C 436 -5.51 -4.61 33.37
CA GLN C 436 -4.18 -4.37 33.77
C GLN C 436 -3.35 -5.65 33.41
N LEU C 437 -2.17 -5.45 32.85
CA LEU C 437 -1.23 -6.53 32.56
C LEU C 437 0.00 -6.29 33.40
N ILE C 438 0.51 -7.34 34.04
CA ILE C 438 1.72 -7.25 34.80
C ILE C 438 2.75 -8.03 34.01
N ARG C 439 3.85 -7.36 33.61
CA ARG C 439 4.97 -8.03 32.96
C ARG C 439 6.11 -8.07 33.96
N VAL C 440 6.82 -9.18 33.97
CA VAL C 440 7.96 -9.37 34.87
C VAL C 440 9.21 -9.66 34.06
N TYR C 441 10.30 -9.04 34.48
CA TYR C 441 11.55 -9.19 33.81
C TYR C 441 12.61 -9.53 34.82
N CYS C 442 13.67 -10.15 34.33
CA CYS C 442 14.83 -10.42 35.14
C CYS C 442 16.13 -9.74 34.63
N LYS C 443 16.85 -9.08 35.54
CA LYS C 443 18.08 -8.37 35.20
C LYS C 443 19.24 -9.32 35.01
N LYS C 444 19.19 -10.49 35.62
CA LYS C 444 20.20 -11.51 35.41
C LYS C 444 19.80 -12.32 34.21
N VAL C 445 20.73 -12.49 33.28
CA VAL C 445 20.40 -13.02 31.95
C VAL C 445 20.87 -14.43 31.69
N ASP C 446 21.62 -15.01 32.62
CA ASP C 446 22.11 -16.39 32.44
C ASP C 446 20.95 -17.37 32.57
N ARG C 447 21.07 -18.52 31.94
CA ARG C 447 19.97 -19.52 31.88
C ARG C 447 19.52 -19.95 33.29
N LYS C 448 20.46 -20.07 34.21
CA LYS C 448 20.15 -20.49 35.58
C LYS C 448 19.27 -19.46 36.27
N SER C 449 19.66 -18.20 36.17
CA SER C 449 18.89 -17.09 36.73
C SER C 449 17.49 -17.00 36.13
N LEU C 450 17.40 -17.17 34.82
CA LEU C 450 16.13 -17.17 34.10
C LEU C 450 15.18 -18.25 34.56
N TYR C 451 15.69 -19.47 34.68
CA TYR C 451 14.86 -20.60 35.05
C TYR C 451 14.24 -20.33 36.41
N ALA C 452 15.08 -19.88 37.33
CA ALA C 452 14.64 -19.49 38.67
C ALA C 452 13.58 -18.37 38.63
N ALA C 453 13.83 -17.33 37.84
CA ALA C 453 12.91 -16.19 37.74
C ALA C 453 11.53 -16.66 37.35
N ARG C 454 11.48 -17.54 36.37
CA ARG C 454 10.24 -18.19 35.97
C ARG C 454 9.48 -18.86 37.13
N GLN C 455 10.23 -19.57 37.95
CA GLN C 455 9.64 -20.27 39.11
C GLN C 455 9.04 -19.28 40.07
N TYR C 456 9.83 -18.26 40.45
CA TYR C 456 9.33 -17.20 41.31
C TYR C 456 8.05 -16.60 40.74
N PHE C 457 8.06 -16.32 39.43
CA PHE C 457 6.93 -15.64 38.79
C PHE C 457 5.68 -16.44 38.89
N VAL C 458 5.75 -17.69 38.49
CA VAL C 458 4.56 -18.58 38.52
C VAL C 458 4.03 -18.76 39.95
N GLN C 459 4.96 -18.91 40.91
CA GLN C 459 4.60 -19.05 42.31
C GLN C 459 3.91 -17.78 42.82
N TRP C 460 4.49 -16.65 42.50
CA TRP C 460 3.88 -15.39 42.86
C TRP C 460 2.47 -15.24 42.29
N CYS C 461 2.28 -15.61 41.02
CA CYS C 461 0.97 -15.53 40.40
C CYS C 461 -0.05 -16.39 41.16
N ALA C 462 0.38 -17.59 41.56
CA ALA C 462 -0.48 -18.50 42.35
C ALA C 462 -0.79 -17.92 43.74
N ASP C 463 0.22 -17.39 44.42
CA ASP C 463 0.04 -16.73 45.71
C ASP C 463 -0.93 -15.56 45.67
N ARG C 464 -0.83 -14.73 44.65
CA ARG C 464 -1.68 -13.56 44.53
C ARG C 464 -3.04 -13.86 43.94
N ASN C 465 -3.25 -15.08 43.44
CA ASN C 465 -4.49 -15.42 42.73
C ASN C 465 -4.61 -14.64 41.40
N PHE C 466 -3.49 -14.48 40.71
CA PHE C 466 -3.49 -13.90 39.37
C PHE C 466 -3.66 -15.01 38.34
N THR C 467 -3.78 -14.63 37.06
CA THR C 467 -4.14 -15.55 36.00
C THR C 467 -2.93 -16.38 35.69
N LYS C 468 -3.11 -17.62 35.29
CA LYS C 468 -1.98 -18.48 35.06
C LYS C 468 -1.26 -17.97 33.80
N PRO C 469 0.05 -17.69 33.90
CA PRO C 469 0.80 -17.34 32.71
C PRO C 469 0.63 -18.41 31.63
N GLN C 470 0.58 -17.94 30.39
CA GLN C 470 0.31 -18.79 29.25
C GLN C 470 1.23 -19.99 29.17
N ASP C 471 2.48 -19.82 29.58
CA ASP C 471 3.49 -20.86 29.50
C ASP C 471 3.82 -21.50 30.85
N GLY C 472 2.97 -21.27 31.85
CA GLY C 472 3.13 -21.89 33.16
C GLY C 472 3.45 -23.39 33.14
N ASP C 473 2.73 -24.18 32.35
CA ASP C 473 2.96 -25.65 32.33
C ASP C 473 4.38 -25.97 31.93
N VAL C 474 4.93 -25.16 31.02
CA VAL C 474 6.25 -25.41 30.47
C VAL C 474 7.36 -24.82 31.32
N ILE C 475 7.26 -23.55 31.67
CA ILE C 475 8.32 -22.87 32.42
C ILE C 475 8.32 -23.22 33.90
N ALA C 476 7.18 -23.68 34.42
CA ALA C 476 7.13 -24.10 35.81
C ALA C 476 6.32 -25.39 35.97
N PRO C 477 6.94 -26.53 35.56
CA PRO C 477 6.47 -27.86 35.92
C PRO C 477 7.06 -28.29 37.27
N ASP D 1 -32.02 16.30 -1.80
CA ASP D 1 -31.08 15.27 -2.28
C ASP D 1 -29.66 15.60 -1.86
N THR D 2 -29.00 14.66 -1.17
CA THR D 2 -27.58 14.83 -0.87
C THR D 2 -26.77 13.82 -1.68
N MET D 3 -25.47 13.85 -1.42
CA MET D 3 -24.49 13.16 -2.23
C MET D 3 -24.54 11.70 -1.85
N LYS D 4 -24.28 10.82 -2.80
CA LYS D 4 -23.87 9.45 -2.45
C LYS D 4 -22.37 9.43 -2.27
N VAL D 5 -21.95 8.56 -1.37
CA VAL D 5 -20.57 8.35 -1.12
C VAL D 5 -20.25 6.94 -1.59
N ILE D 6 -19.15 6.81 -2.31
CA ILE D 6 -18.70 5.51 -2.80
C ILE D 6 -17.26 5.32 -2.35
N ASN D 7 -16.96 4.14 -1.84
CA ASN D 7 -15.60 3.82 -1.46
C ASN D 7 -14.91 3.19 -2.66
N ASP D 8 -13.93 3.91 -3.18
CA ASP D 8 -13.08 3.45 -4.27
C ASP D 8 -11.69 3.19 -3.73
N PRO D 9 -11.11 2.02 -4.05
CA PRO D 9 -9.84 1.71 -3.47
C PRO D 9 -8.74 2.68 -3.90
N ILE D 10 -8.85 3.28 -5.07
CA ILE D 10 -7.81 4.16 -5.53
C ILE D 10 -7.97 5.51 -4.89
N HIS D 11 -9.17 6.04 -4.86
CA HIS D 11 -9.38 7.45 -4.46
C HIS D 11 -9.99 7.62 -3.10
N GLY D 12 -10.42 6.53 -2.49
CA GLY D 12 -11.07 6.58 -1.19
C GLY D 12 -12.53 6.89 -1.36
N HIS D 13 -13.09 7.56 -0.35
CA HIS D 13 -14.51 7.87 -0.32
C HIS D 13 -14.79 9.10 -1.15
N ILE D 14 -15.56 8.87 -2.21
CA ILE D 14 -15.86 9.80 -3.27
C ILE D 14 -17.29 10.22 -3.10
N GLU D 15 -17.55 11.52 -3.23
CA GLU D 15 -18.91 12.03 -3.19
C GLU D 15 -19.43 12.20 -4.61
N LEU D 16 -20.64 11.73 -4.87
CA LEU D 16 -21.29 11.92 -6.18
C LEU D 16 -22.60 12.70 -6.05
N HIS D 17 -22.70 13.78 -6.78
CA HIS D 17 -23.92 14.59 -6.90
C HIS D 17 -25.06 13.75 -7.52
N PRO D 18 -26.31 13.97 -7.08
CA PRO D 18 -27.40 13.06 -7.45
C PRO D 18 -27.65 12.96 -8.94
N LEU D 19 -27.40 14.04 -9.67
CA LEU D 19 -27.47 14.00 -11.11
C LEU D 19 -26.51 12.97 -11.69
N LEU D 20 -25.31 12.90 -11.16
CA LEU D 20 -24.33 11.94 -11.60
C LEU D 20 -24.83 10.54 -11.28
N VAL D 21 -25.39 10.35 -10.09
CA VAL D 21 -25.94 9.07 -9.70
C VAL D 21 -27.04 8.66 -10.67
N ARG D 22 -27.87 9.61 -11.07
CA ARG D 22 -28.97 9.32 -11.99
C ARG D 22 -28.45 8.83 -13.37
N ILE D 23 -27.34 9.39 -13.82
CA ILE D 23 -26.69 8.96 -15.04
C ILE D 23 -26.02 7.58 -14.90
N ILE D 24 -25.40 7.35 -13.75
CA ILE D 24 -24.73 6.10 -13.47
C ILE D 24 -25.72 4.94 -13.39
N ASP D 25 -26.89 5.20 -12.82
CA ASP D 25 -27.87 4.15 -12.62
C ASP D 25 -28.79 3.97 -13.84
N THR D 26 -28.14 3.64 -14.95
CA THR D 26 -28.80 3.36 -16.20
C THR D 26 -28.17 2.14 -16.87
N PRO D 27 -28.95 1.43 -17.69
CA PRO D 27 -28.40 0.28 -18.39
C PRO D 27 -27.15 0.65 -19.20
N GLN D 28 -27.15 1.86 -19.76
CA GLN D 28 -26.05 2.30 -20.62
C GLN D 28 -24.77 2.48 -19.86
N PHE D 29 -24.86 2.97 -18.62
CA PHE D 29 -23.65 3.13 -17.83
C PHE D 29 -23.22 1.82 -17.16
N GLN D 30 -24.19 1.07 -16.66
CA GLN D 30 -23.88 -0.09 -15.83
C GLN D 30 -23.27 -1.20 -16.65
N ARG D 31 -23.53 -1.11 -17.95
CA ARG D 31 -22.91 -1.95 -18.95
C ARG D 31 -21.42 -2.08 -18.75
N LEU D 32 -20.80 -0.98 -18.31
CA LEU D 32 -19.36 -0.90 -18.15
C LEU D 32 -18.82 -1.81 -17.07
N ARG D 33 -19.70 -2.36 -16.23
CA ARG D 33 -19.30 -3.37 -15.28
C ARG D 33 -18.89 -4.65 -15.95
N TYR D 34 -19.26 -4.82 -17.21
CA TYR D 34 -19.04 -6.09 -17.89
C TYR D 34 -18.06 -5.97 -19.03
N ILE D 35 -17.19 -4.97 -18.93
CA ILE D 35 -16.12 -4.73 -19.89
C ILE D 35 -14.79 -4.49 -19.14
N LYS D 36 -13.85 -5.43 -19.29
CA LYS D 36 -12.56 -5.40 -18.60
C LYS D 36 -11.69 -4.30 -19.14
N GLN D 37 -11.06 -3.56 -18.22
CA GLN D 37 -10.24 -2.46 -18.57
C GLN D 37 -9.15 -2.90 -19.56
N LEU D 38 -8.53 -4.04 -19.29
CA LEU D 38 -7.33 -4.45 -19.99
C LEU D 38 -7.58 -5.62 -20.92
N GLY D 39 -8.84 -5.90 -21.20
CA GLY D 39 -9.19 -7.04 -22.02
C GLY D 39 -8.43 -8.32 -21.68
N GLY D 40 -7.76 -8.87 -22.69
CA GLY D 40 -7.00 -10.10 -22.51
C GLY D 40 -5.86 -10.02 -21.53
N GLY D 41 -5.50 -8.80 -21.13
CA GLY D 41 -4.51 -8.64 -20.08
C GLY D 41 -4.83 -9.44 -18.82
N TYR D 42 -6.13 -9.63 -18.52
CA TYR D 42 -6.54 -10.37 -17.33
C TYR D 42 -6.08 -11.83 -17.42
N TYR D 43 -5.88 -12.31 -18.63
CA TYR D 43 -5.44 -13.68 -18.83
C TYR D 43 -3.92 -13.82 -18.68
N VAL D 44 -3.25 -12.69 -18.40
CA VAL D 44 -1.82 -12.68 -18.08
C VAL D 44 -1.54 -12.13 -16.70
N PHE D 45 -2.24 -11.06 -16.33
CA PHE D 45 -2.13 -10.42 -15.01
C PHE D 45 -3.43 -10.70 -14.24
N PRO D 46 -3.47 -11.80 -13.45
CA PRO D 46 -4.69 -12.16 -12.72
C PRO D 46 -5.32 -11.09 -11.82
N GLY D 47 -4.56 -10.08 -11.44
CA GLY D 47 -5.16 -9.00 -10.65
C GLY D 47 -5.97 -8.02 -11.48
N ALA D 48 -5.86 -8.09 -12.81
CA ALA D 48 -6.46 -7.13 -13.71
C ALA D 48 -7.87 -7.53 -14.05
N SER D 49 -8.66 -7.71 -13.01
CA SER D 49 -10.06 -8.06 -13.10
C SER D 49 -10.95 -6.80 -13.28
N HIS D 50 -10.36 -5.63 -13.15
CA HIS D 50 -11.13 -4.38 -13.12
C HIS D 50 -11.81 -4.02 -14.43
N ASN D 51 -12.96 -3.41 -14.32
CA ASN D 51 -13.77 -3.09 -15.45
C ASN D 51 -13.84 -1.57 -15.63
N ARG D 52 -14.37 -1.18 -16.78
CA ARG D 52 -14.42 0.20 -17.21
C ARG D 52 -15.26 1.03 -16.32
N PHE D 53 -16.20 0.37 -15.65
CA PHE D 53 -17.13 1.05 -14.77
C PHE D 53 -16.40 1.80 -13.65
N GLU D 54 -15.63 1.07 -12.87
CA GLU D 54 -14.95 1.67 -11.75
C GLU D 54 -13.93 2.71 -12.27
N HIS D 55 -13.34 2.45 -13.43
CA HIS D 55 -12.38 3.43 -13.99
C HIS D 55 -13.13 4.76 -14.33
N SER D 56 -14.34 4.64 -14.87
CA SER D 56 -15.14 5.76 -15.24
C SER D 56 -15.50 6.61 -14.03
N LEU D 57 -15.85 5.96 -12.91
CA LEU D 57 -16.09 6.69 -11.66
C LEU D 57 -14.86 7.48 -11.27
N GLY D 58 -13.70 6.85 -11.36
CA GLY D 58 -12.47 7.52 -11.04
C GLY D 58 -12.22 8.74 -11.90
N VAL D 59 -12.51 8.61 -13.19
CA VAL D 59 -12.26 9.70 -14.12
C VAL D 59 -13.19 10.89 -13.80
N GLY D 60 -14.46 10.60 -13.53
CA GLY D 60 -15.41 11.63 -13.17
C GLY D 60 -15.04 12.36 -11.91
N TYR D 61 -14.58 11.59 -10.94
CA TYR D 61 -14.08 12.15 -9.70
C TYR D 61 -12.89 13.10 -9.90
N LEU D 62 -11.86 12.63 -10.59
CA LEU D 62 -10.65 13.43 -10.78
C LEU D 62 -10.96 14.67 -11.65
N ALA D 63 -11.85 14.52 -12.63
CA ALA D 63 -12.30 15.69 -13.39
C ALA D 63 -12.80 16.75 -12.43
N GLY D 64 -13.70 16.34 -11.53
CA GLY D 64 -14.29 17.23 -10.53
C GLY D 64 -13.27 17.82 -9.59
N CYS D 65 -12.28 17.03 -9.18
CA CYS D 65 -11.19 17.57 -8.35
C CYS D 65 -10.47 18.72 -9.06
N LEU D 66 -10.16 18.53 -10.33
CA LEU D 66 -9.39 19.54 -11.02
C LEU D 66 -10.22 20.84 -11.24
N VAL D 67 -11.45 20.70 -11.69
CA VAL D 67 -12.25 21.85 -11.99
C VAL D 67 -12.50 22.65 -10.70
N HIS D 68 -12.77 21.94 -9.60
CA HIS D 68 -12.95 22.57 -8.29
C HIS D 68 -11.68 23.29 -7.81
N ALA D 69 -10.54 22.62 -7.98
CA ALA D 69 -9.25 23.21 -7.56
C ALA D 69 -9.03 24.57 -8.28
N LEU D 70 -9.32 24.59 -9.57
CA LEU D 70 -9.16 25.79 -10.35
C LEU D 70 -10.11 26.90 -9.91
N GLY D 71 -11.36 26.55 -9.68
CA GLY D 71 -12.38 27.51 -9.25
C GLY D 71 -12.07 28.11 -7.89
N GLU D 72 -11.57 27.28 -6.99
CA GLU D 72 -11.19 27.74 -5.67
C GLU D 72 -9.97 28.67 -5.75
N LYS D 73 -8.94 28.28 -6.48
CA LYS D 73 -7.74 29.10 -6.66
C LYS D 73 -8.01 30.38 -7.44
N GLN D 74 -8.87 30.31 -8.45
CA GLN D 74 -9.07 31.44 -9.37
C GLN D 74 -10.56 31.81 -9.55
N PRO D 75 -11.14 32.49 -8.54
CA PRO D 75 -12.53 32.96 -8.61
C PRO D 75 -12.82 33.79 -9.86
N GLU D 76 -11.81 34.49 -10.37
CA GLU D 76 -11.98 35.32 -11.56
C GLU D 76 -12.34 34.54 -12.83
N LEU D 77 -12.14 33.23 -12.81
CA LEU D 77 -12.51 32.39 -13.95
C LEU D 77 -14.02 32.16 -14.04
N GLN D 78 -14.75 32.44 -12.97
CA GLN D 78 -16.21 32.39 -12.97
C GLN D 78 -16.73 30.97 -13.24
N ILE D 79 -15.98 29.96 -12.77
CA ILE D 79 -16.41 28.57 -12.92
C ILE D 79 -17.65 28.36 -12.09
N SER D 80 -18.71 27.82 -12.70
CA SER D 80 -20.00 27.55 -12.01
C SER D 80 -20.17 26.08 -11.69
N GLU D 81 -21.12 25.78 -10.82
CA GLU D 81 -21.43 24.40 -10.43
C GLU D 81 -21.94 23.67 -11.68
N ARG D 82 -22.62 24.41 -12.54
CA ARG D 82 -23.03 23.90 -13.83
C ARG D 82 -21.84 23.35 -14.61
N ASP D 83 -20.77 24.15 -14.69
CA ASP D 83 -19.54 23.75 -15.35
C ASP D 83 -18.94 22.51 -14.69
N VAL D 84 -18.92 22.53 -13.37
CA VAL D 84 -18.36 21.43 -12.62
C VAL D 84 -19.06 20.14 -12.98
N LEU D 85 -20.38 20.18 -12.98
CA LEU D 85 -21.19 18.99 -13.23
C LEU D 85 -21.03 18.50 -14.66
N CYS D 86 -20.97 19.43 -15.61
CA CYS D 86 -20.75 19.08 -17.00
C CYS D 86 -19.42 18.40 -17.24
N VAL D 87 -18.39 18.89 -16.56
CA VAL D 87 -17.07 18.32 -16.65
C VAL D 87 -17.11 16.91 -16.03
N GLN D 88 -17.76 16.78 -14.88
CA GLN D 88 -17.81 15.48 -14.21
C GLN D 88 -18.57 14.47 -15.02
N ILE D 89 -19.68 14.92 -15.61
CA ILE D 89 -20.43 14.07 -16.50
C ILE D 89 -19.55 13.61 -17.67
N ALA D 90 -18.78 14.52 -18.26
CA ALA D 90 -17.98 14.14 -19.37
C ALA D 90 -16.92 13.16 -18.95
N GLY D 91 -16.35 13.35 -17.78
CA GLY D 91 -15.35 12.43 -17.26
C GLY D 91 -15.91 11.04 -16.98
N LEU D 92 -17.11 10.99 -16.37
CA LEU D 92 -17.83 9.75 -16.16
C LEU D 92 -18.10 9.03 -17.43
N CYS D 93 -18.44 9.78 -18.48
CA CYS D 93 -18.98 9.19 -19.69
C CYS D 93 -18.02 9.01 -20.83
N ARG D 94 -16.76 9.39 -20.69
CA ARG D 94 -15.89 9.29 -21.86
C ARG D 94 -15.55 7.86 -22.23
N ASN D 95 -15.73 6.94 -21.29
CA ASN D 95 -15.54 5.52 -21.60
C ASN D 95 -16.77 4.76 -22.04
N LEU D 96 -17.91 5.44 -22.12
CA LEU D 96 -19.17 4.77 -22.49
C LEU D 96 -19.10 3.96 -23.78
N GLY D 97 -18.30 4.40 -24.74
CA GLY D 97 -18.30 3.80 -26.06
C GLY D 97 -17.48 2.51 -26.21
N HIS D 98 -16.81 2.07 -25.15
CA HIS D 98 -15.93 0.92 -25.26
C HIS D 98 -16.73 -0.33 -25.43
N GLY D 99 -16.19 -1.22 -26.24
CA GLY D 99 -16.84 -2.49 -26.57
C GLY D 99 -16.13 -3.61 -25.84
N PRO D 100 -16.53 -4.85 -26.10
CA PRO D 100 -15.95 -6.01 -25.42
C PRO D 100 -14.43 -6.01 -25.42
N PHE D 101 -13.86 -6.24 -24.26
CA PHE D 101 -12.43 -6.25 -24.07
C PHE D 101 -11.74 -4.94 -24.48
N SER D 102 -12.49 -3.86 -24.30
CA SER D 102 -11.99 -2.50 -24.48
C SER D 102 -11.26 -2.35 -25.81
N HIS D 103 -9.98 -2.01 -25.80
CA HIS D 103 -9.26 -1.64 -27.03
C HIS D 103 -9.16 -2.77 -28.04
N MET D 104 -9.39 -4.01 -27.62
CA MET D 104 -9.50 -5.08 -28.57
C MET D 104 -10.59 -4.79 -29.60
N PHE D 105 -11.69 -4.25 -29.14
CA PHE D 105 -12.88 -4.10 -29.98
C PHE D 105 -12.70 -3.04 -31.08
N ASP D 106 -12.31 -1.82 -30.71
CA ASP D 106 -12.08 -0.79 -31.75
C ASP D 106 -10.67 -0.88 -32.35
N GLY D 107 -9.72 -1.44 -31.63
CA GLY D 107 -8.39 -1.62 -32.15
C GLY D 107 -8.22 -2.83 -33.07
N ARG D 108 -8.94 -3.91 -32.84
CA ARG D 108 -8.74 -5.12 -33.65
C ARG D 108 -10.00 -5.57 -34.38
N PHE D 109 -11.09 -5.81 -33.64
CA PHE D 109 -12.26 -6.45 -34.22
C PHE D 109 -12.96 -5.60 -35.29
N ILE D 110 -13.35 -4.38 -34.95
CA ILE D 110 -14.06 -3.52 -35.90
C ILE D 110 -13.24 -3.23 -37.21
N PRO D 111 -11.95 -2.88 -37.08
CA PRO D 111 -11.15 -2.75 -38.30
C PRO D 111 -11.15 -4.00 -39.21
N LEU D 112 -11.12 -5.20 -38.65
CA LEU D 112 -11.18 -6.40 -39.48
C LEU D 112 -12.60 -6.73 -39.94
N ALA D 113 -13.61 -6.46 -39.13
CA ALA D 113 -14.97 -6.88 -39.48
C ALA D 113 -15.70 -5.88 -40.34
N ARG D 114 -15.35 -4.59 -40.22
CA ARG D 114 -15.96 -3.52 -40.98
C ARG D 114 -14.86 -2.59 -41.43
N PRO D 115 -14.05 -3.03 -42.37
CA PRO D 115 -12.95 -2.15 -42.78
C PRO D 115 -13.43 -0.86 -43.42
N GLU D 116 -14.63 -0.87 -43.98
CA GLU D 116 -15.21 0.33 -44.59
C GLU D 116 -15.60 1.43 -43.61
N VAL D 117 -15.85 1.08 -42.36
CA VAL D 117 -16.31 2.08 -41.40
C VAL D 117 -15.15 2.71 -40.66
N LYS D 118 -15.37 3.92 -40.16
CA LYS D 118 -14.42 4.61 -39.32
C LYS D 118 -15.03 4.77 -37.93
N TRP D 119 -14.64 3.91 -37.01
CA TRP D 119 -15.25 3.85 -35.69
C TRP D 119 -14.20 3.91 -34.62
N THR D 120 -14.44 4.71 -33.59
CA THR D 120 -13.63 4.71 -32.37
C THR D 120 -14.55 4.66 -31.17
N HIS D 121 -14.02 4.21 -30.04
CA HIS D 121 -14.80 4.19 -28.83
C HIS D 121 -15.30 5.60 -28.44
N GLU D 122 -14.54 6.65 -28.74
CA GLU D 122 -14.97 8.02 -28.42
C GLU D 122 -16.29 8.35 -29.11
N GLN D 123 -16.40 7.94 -30.38
CA GLN D 123 -17.59 8.24 -31.14
C GLN D 123 -18.70 7.46 -30.53
N GLY D 124 -18.41 6.19 -30.23
CA GLY D 124 -19.33 5.37 -29.46
C GLY D 124 -19.79 5.98 -28.14
N SER D 125 -18.87 6.65 -27.41
CA SER D 125 -19.20 7.26 -26.13
C SER D 125 -20.20 8.39 -26.30
N VAL D 126 -20.06 9.12 -27.40
CA VAL D 126 -20.94 10.23 -27.70
C VAL D 126 -22.33 9.73 -28.08
N MET D 127 -22.39 8.69 -28.91
CA MET D 127 -23.67 8.14 -29.32
C MET D 127 -24.37 7.46 -28.13
N MET D 128 -23.60 6.72 -27.34
CA MET D 128 -24.13 6.04 -26.16
C MET D 128 -24.65 7.09 -25.18
N PHE D 129 -23.93 8.19 -25.04
CA PHE D 129 -24.31 9.24 -24.12
C PHE D 129 -25.66 9.84 -24.53
N GLU D 130 -25.81 10.10 -25.81
CA GLU D 130 -27.08 10.58 -26.35
C GLU D 130 -28.21 9.60 -26.05
N HIS D 131 -27.94 8.33 -26.30
CA HIS D 131 -28.91 7.28 -26.05
C HIS D 131 -29.26 7.15 -24.57
N LEU D 132 -28.26 7.21 -23.70
CA LEU D 132 -28.46 7.22 -22.27
C LEU D 132 -29.36 8.37 -21.82
N ILE D 133 -29.04 9.59 -22.22
CA ILE D 133 -29.84 10.77 -21.86
C ILE D 133 -31.28 10.68 -22.35
N ASN D 134 -31.46 10.32 -23.62
CA ASN D 134 -32.79 10.29 -24.22
C ASN D 134 -33.66 9.16 -23.74
N SER D 135 -33.07 7.99 -23.58
CA SER D 135 -33.76 6.81 -23.10
C SER D 135 -34.23 6.88 -21.69
N ASN D 136 -33.57 7.66 -20.85
CA ASN D 136 -33.85 7.62 -19.41
C ASN D 136 -34.38 8.93 -18.84
N GLY D 137 -34.83 9.85 -19.68
CA GLY D 137 -35.40 11.11 -19.20
C GLY D 137 -34.47 11.99 -18.38
N ILE D 138 -33.18 12.01 -18.73
CA ILE D 138 -32.16 12.71 -17.94
C ILE D 138 -32.24 14.21 -18.17
N LYS D 139 -32.66 14.63 -19.35
CA LYS D 139 -32.71 16.07 -19.65
C LYS D 139 -33.49 16.91 -18.62
N PRO D 140 -34.71 16.48 -18.25
CA PRO D 140 -35.40 17.20 -17.18
C PRO D 140 -34.64 17.23 -15.84
N VAL D 141 -33.96 16.12 -15.52
CA VAL D 141 -33.14 16.10 -14.30
C VAL D 141 -32.01 17.11 -14.40
N MET D 142 -31.40 17.21 -15.56
CA MET D 142 -30.32 18.17 -15.75
C MET D 142 -30.82 19.57 -15.48
N GLU D 143 -31.99 19.88 -16.04
CA GLU D 143 -32.59 21.19 -15.83
C GLU D 143 -32.87 21.44 -14.37
N GLN D 144 -33.32 20.41 -13.68
CA GLN D 144 -33.65 20.50 -12.27
C GLN D 144 -32.45 20.89 -11.42
N TYR D 145 -31.23 20.60 -11.89
CA TYR D 145 -30.02 21.05 -11.19
C TYR D 145 -29.29 22.21 -11.87
N GLY D 146 -29.96 22.94 -12.75
CA GLY D 146 -29.43 24.23 -13.24
C GLY D 146 -28.63 24.16 -14.53
N LEU D 147 -28.55 22.97 -15.11
CA LEU D 147 -27.97 22.84 -16.45
C LEU D 147 -28.94 23.35 -17.52
N ILE D 148 -28.41 23.73 -18.67
CA ILE D 148 -29.17 24.06 -19.88
C ILE D 148 -28.81 23.03 -20.91
N PRO D 149 -29.65 22.02 -21.08
CA PRO D 149 -29.33 20.84 -21.89
C PRO D 149 -28.77 21.07 -23.27
N GLU D 150 -29.30 22.02 -24.02
CA GLU D 150 -28.88 22.15 -25.41
C GLU D 150 -27.39 22.49 -25.44
N GLU D 151 -26.99 23.50 -24.67
CA GLU D 151 -25.58 23.90 -24.58
C GLU D 151 -24.75 22.82 -23.90
N ASP D 152 -25.25 22.30 -22.80
CA ASP D 152 -24.43 21.47 -21.92
C ASP D 152 -24.21 20.07 -22.45
N ILE D 153 -25.20 19.54 -23.16
CA ILE D 153 -25.04 18.25 -23.84
C ILE D 153 -24.02 18.39 -24.95
N CYS D 154 -24.06 19.51 -25.65
CA CYS D 154 -23.10 19.76 -26.70
C CYS D 154 -21.73 19.87 -26.08
N PHE D 155 -21.65 20.61 -24.97
CA PHE D 155 -20.41 20.79 -24.26
C PHE D 155 -19.82 19.46 -23.82
N ILE D 156 -20.67 18.58 -23.30
CA ILE D 156 -20.21 17.28 -22.80
C ILE D 156 -19.68 16.43 -23.94
N LYS D 157 -20.39 16.43 -25.05
CA LYS D 157 -19.95 15.67 -26.21
C LYS D 157 -18.62 16.19 -26.73
N GLU D 158 -18.52 17.51 -26.79
CA GLU D 158 -17.30 18.12 -27.29
C GLU D 158 -16.10 17.75 -26.43
N GLN D 159 -16.34 17.61 -25.12
CA GLN D 159 -15.26 17.28 -24.18
C GLN D 159 -14.70 15.87 -24.43
N ILE D 160 -15.54 15.01 -24.98
CA ILE D 160 -15.19 13.62 -25.19
C ILE D 160 -14.52 13.45 -26.55
N VAL D 161 -15.10 14.06 -27.58
CA VAL D 161 -14.74 13.72 -28.94
C VAL D 161 -14.07 14.88 -29.71
N GLY D 162 -14.03 16.06 -29.11
CA GLY D 162 -13.58 17.25 -29.81
C GLY D 162 -14.71 17.98 -30.52
N PRO D 163 -14.39 19.01 -31.33
CA PRO D 163 -15.42 19.76 -32.04
C PRO D 163 -16.27 18.89 -32.92
N LEU D 164 -17.56 19.15 -32.96
CA LEU D 164 -18.44 18.28 -33.74
C LEU D 164 -18.40 18.52 -35.28
N GLU D 165 -18.53 19.77 -35.71
CA GLU D 165 -18.34 20.10 -37.13
C GLU D 165 -16.88 20.11 -37.52
N LEU D 172 -10.18 30.68 -35.46
CA LEU D 172 -11.55 30.68 -34.99
C LEU D 172 -11.76 29.60 -33.90
N TRP D 173 -12.65 29.91 -32.96
CA TRP D 173 -13.01 29.03 -31.87
C TRP D 173 -14.01 28.02 -32.40
N PRO D 174 -13.63 26.73 -32.43
CA PRO D 174 -14.47 25.72 -33.06
C PRO D 174 -15.54 25.08 -32.14
N TYR D 175 -15.57 25.45 -30.87
CA TYR D 175 -16.46 24.81 -29.91
C TYR D 175 -17.72 25.65 -29.70
N LYS D 176 -18.86 24.97 -29.57
CA LYS D 176 -20.16 25.61 -29.33
C LYS D 176 -20.59 25.56 -27.87
N GLY D 177 -20.13 24.56 -27.13
CA GLY D 177 -20.64 24.30 -25.80
C GLY D 177 -20.22 25.32 -24.75
N ARG D 178 -19.02 25.84 -24.90
CA ARG D 178 -18.50 26.90 -24.07
C ARG D 178 -17.69 27.88 -24.90
N PRO D 179 -17.62 29.15 -24.47
CA PRO D 179 -16.84 30.18 -25.17
C PRO D 179 -15.36 30.14 -24.84
N GLU D 180 -14.57 30.95 -25.55
CA GLU D 180 -13.11 30.95 -25.44
C GLU D 180 -12.60 31.21 -24.05
N ASN D 181 -13.37 31.96 -23.26
CA ASN D 181 -12.98 32.27 -21.89
C ASN D 181 -13.19 31.12 -20.91
N LYS D 182 -13.81 30.04 -21.38
CA LYS D 182 -13.88 28.77 -20.62
C LYS D 182 -13.11 27.65 -21.33
N SER D 183 -12.24 28.02 -22.26
CA SER D 183 -11.46 27.03 -23.02
C SER D 183 -10.75 25.96 -22.18
N PHE D 184 -10.17 26.36 -21.07
CA PHE D 184 -9.48 25.45 -20.14
C PHE D 184 -10.35 24.26 -19.72
N LEU D 185 -11.68 24.45 -19.69
CA LEU D 185 -12.55 23.36 -19.30
C LEU D 185 -12.37 22.17 -20.24
N TYR D 186 -12.07 22.44 -21.51
CA TYR D 186 -11.87 21.36 -22.49
C TYR D 186 -10.57 20.58 -22.33
N GLU D 187 -9.74 20.98 -21.37
CA GLU D 187 -8.41 20.35 -21.20
C GLU D 187 -8.40 19.25 -20.12
N ILE D 188 -9.54 19.04 -19.46
CA ILE D 188 -9.58 18.22 -18.26
C ILE D 188 -9.80 16.75 -18.56
N VAL D 189 -10.83 16.47 -19.38
CA VAL D 189 -11.32 15.13 -19.52
C VAL D 189 -10.62 14.35 -20.63
N SER D 190 -10.51 15.00 -21.79
CA SER D 190 -9.80 14.42 -22.92
C SER D 190 -9.07 15.52 -23.62
N ASN D 191 -7.81 15.67 -23.27
CA ASN D 191 -6.98 16.77 -23.71
C ASN D 191 -6.38 16.50 -25.07
N LYS D 192 -7.00 17.08 -26.09
CA LYS D 192 -6.61 16.85 -27.48
C LYS D 192 -5.31 17.56 -27.84
N ARG D 193 -4.91 18.56 -27.07
CA ARG D 193 -3.65 19.26 -27.36
C ARG D 193 -2.43 18.44 -26.97
N ASN D 194 -2.47 17.73 -25.84
CA ASN D 194 -1.27 17.00 -25.38
C ASN D 194 -1.50 15.69 -24.64
N GLY D 195 -2.75 15.26 -24.50
CA GLY D 195 -3.03 13.99 -23.85
C GLY D 195 -2.91 14.00 -22.33
N ILE D 196 -2.64 15.14 -21.70
CA ILE D 196 -2.53 15.18 -20.24
C ILE D 196 -3.90 15.50 -19.65
N ASP D 197 -4.55 14.46 -19.14
CA ASP D 197 -5.93 14.54 -18.69
C ASP D 197 -6.20 13.49 -17.62
N VAL D 198 -7.36 13.63 -17.00
CA VAL D 198 -7.70 12.81 -15.84
C VAL D 198 -7.91 11.35 -16.17
N ASP D 199 -8.19 11.03 -17.42
CA ASP D 199 -8.34 9.66 -17.77
C ASP D 199 -7.03 8.89 -17.47
N LYS D 200 -5.91 9.47 -17.89
CA LYS D 200 -4.61 8.84 -17.68
C LYS D 200 -4.28 8.72 -16.21
N TRP D 201 -4.63 9.75 -15.46
CA TRP D 201 -4.25 9.72 -14.06
C TRP D 201 -4.96 8.58 -13.35
N ASP D 202 -6.23 8.36 -13.64
CA ASP D 202 -6.94 7.28 -13.00
C ASP D 202 -6.35 5.94 -13.43
N TYR D 203 -6.22 5.72 -14.73
CA TYR D 203 -5.77 4.41 -15.15
C TYR D 203 -4.34 4.08 -14.69
N PHE D 204 -3.47 5.07 -14.57
CA PHE D 204 -2.15 4.81 -14.02
C PHE D 204 -2.28 4.22 -12.62
N ALA D 205 -3.04 4.90 -11.79
CA ALA D 205 -3.16 4.47 -10.40
C ALA D 205 -3.87 3.14 -10.32
N ARG D 206 -4.96 3.01 -11.08
CA ARG D 206 -5.79 1.85 -10.96
C ARG D 206 -5.10 0.59 -11.56
N ASP D 207 -4.57 0.70 -12.76
CA ASP D 207 -3.90 -0.40 -13.39
C ASP D 207 -2.73 -0.84 -12.57
N CYS D 208 -2.00 0.10 -11.98
CA CYS D 208 -0.86 -0.30 -11.16
C CYS D 208 -1.29 -1.08 -9.93
N HIS D 209 -2.33 -0.58 -9.27
CA HIS D 209 -2.93 -1.24 -8.10
C HIS D 209 -3.33 -2.69 -8.41
N HIS D 210 -3.92 -2.91 -9.58
CA HIS D 210 -4.40 -4.24 -9.95
C HIS D 210 -3.36 -5.15 -10.60
N LEU D 211 -2.45 -4.56 -11.34
CA LEU D 211 -1.41 -5.29 -11.99
C LEU D 211 -0.38 -5.78 -11.00
N GLY D 212 -0.14 -4.99 -9.96
CA GLY D 212 0.90 -5.28 -9.02
C GLY D 212 2.18 -4.53 -9.35
N ILE D 213 2.06 -3.43 -10.07
CA ILE D 213 3.13 -2.45 -10.13
C ILE D 213 2.83 -1.42 -9.01
N GLN D 214 3.85 -0.72 -8.49
CA GLN D 214 3.70 0.12 -7.30
C GLN D 214 3.13 1.54 -7.68
N ASN D 215 2.56 2.16 -6.65
CA ASN D 215 1.72 3.36 -6.71
C ASN D 215 2.25 4.72 -6.19
N ASN D 216 1.71 5.79 -6.75
CA ASN D 216 2.15 7.17 -6.45
C ASN D 216 1.04 8.22 -6.51
N PHE D 217 1.30 9.38 -5.92
CA PHE D 217 0.31 10.45 -5.82
C PHE D 217 0.59 11.70 -6.69
N ASP D 218 1.67 11.62 -7.49
CA ASP D 218 2.05 12.70 -8.41
C ASP D 218 0.83 13.30 -9.14
N TYR D 219 -0.23 12.53 -9.37
CA TYR D 219 -1.41 13.02 -10.11
C TYR D 219 -2.20 14.08 -9.29
N LYS D 220 -2.34 13.86 -7.99
CA LYS D 220 -2.94 14.90 -7.14
C LYS D 220 -2.04 16.13 -7.02
N ARG D 221 -0.74 15.89 -7.03
CA ARG D 221 0.23 16.98 -7.11
C ARG D 221 -0.01 17.90 -8.30
N PHE D 222 -0.25 17.31 -9.46
CA PHE D 222 -0.44 18.07 -10.68
C PHE D 222 -1.64 19.00 -10.57
N ILE D 223 -2.68 18.53 -9.89
CA ILE D 223 -3.86 19.34 -9.68
C ILE D 223 -3.56 20.54 -8.79
N LYS D 224 -2.80 20.33 -7.71
CA LYS D 224 -2.47 21.42 -6.82
C LYS D 224 -1.65 22.53 -7.46
N PHE D 225 -0.83 22.19 -8.45
CA PHE D 225 -0.01 23.20 -9.10
C PHE D 225 -0.57 23.72 -10.41
N ALA D 226 -1.75 23.26 -10.80
CA ALA D 226 -2.35 23.71 -12.04
C ALA D 226 -2.96 25.11 -11.90
N ARG D 227 -2.76 25.94 -12.90
CA ARG D 227 -3.32 27.31 -12.95
C ARG D 227 -3.75 27.62 -14.37
N VAL D 228 -4.75 28.46 -14.51
CA VAL D 228 -5.16 28.90 -15.84
C VAL D 228 -4.45 30.21 -16.15
N CYS D 229 -3.84 30.28 -17.33
CA CYS D 229 -3.23 31.51 -17.83
C CYS D 229 -3.59 31.74 -19.27
N GLU D 230 -3.47 32.97 -19.73
CA GLU D 230 -3.71 33.30 -21.12
C GLU D 230 -2.56 32.76 -21.96
N VAL D 231 -2.90 32.00 -22.99
CA VAL D 231 -1.93 31.48 -23.95
C VAL D 231 -2.53 31.72 -25.32
N ASP D 232 -1.85 32.55 -26.14
CA ASP D 232 -2.31 32.92 -27.47
C ASP D 232 -3.78 33.32 -27.48
N ASN D 233 -4.19 34.18 -26.57
CA ASN D 233 -5.59 34.65 -26.51
C ASN D 233 -6.61 33.57 -26.17
N GLU D 234 -6.15 32.48 -25.55
CA GLU D 234 -7.01 31.45 -25.00
C GLU D 234 -6.68 31.34 -23.52
N LEU D 235 -7.68 31.04 -22.68
CA LEU D 235 -7.39 30.68 -21.30
C LEU D 235 -7.12 29.17 -21.19
N ARG D 236 -5.86 28.80 -20.92
CA ARG D 236 -5.46 27.41 -20.84
C ARG D 236 -4.96 27.02 -19.48
N ILE D 237 -5.11 25.74 -19.16
CA ILE D 237 -4.50 25.17 -17.96
C ILE D 237 -3.01 25.10 -18.15
N CYS D 238 -2.25 25.63 -17.20
CA CYS D 238 -0.79 25.57 -17.25
C CYS D 238 -0.29 24.87 -16.03
N ALA D 239 0.89 24.30 -16.15
CA ALA D 239 1.54 23.63 -15.07
C ALA D 239 2.70 24.50 -14.52
N ARG D 240 3.01 24.34 -13.25
CA ARG D 240 4.14 24.97 -12.68
C ARG D 240 5.43 24.45 -13.34
N ASP D 241 6.35 25.36 -13.62
CA ASP D 241 7.58 25.05 -14.33
C ASP D 241 8.33 23.81 -13.77
N LYS D 242 8.45 23.80 -12.45
CA LYS D 242 8.97 22.74 -11.60
C LYS D 242 8.52 21.33 -12.00
N GLU D 243 7.29 21.27 -12.45
CA GLU D 243 6.61 20.05 -12.76
C GLU D 243 6.97 19.39 -14.08
N VAL D 244 7.75 20.06 -14.91
CA VAL D 244 7.98 19.54 -16.27
C VAL D 244 8.66 18.16 -16.27
N GLY D 245 9.57 17.93 -15.32
CA GLY D 245 10.19 16.62 -15.17
C GLY D 245 9.16 15.58 -14.86
N ASN D 246 8.15 15.96 -14.08
CA ASN D 246 7.12 15.01 -13.73
C ASN D 246 6.28 14.62 -14.93
N LEU D 247 6.02 15.57 -15.81
CA LEU D 247 5.24 15.29 -16.99
C LEU D 247 5.98 14.35 -17.90
N TYR D 248 7.29 14.52 -18.02
CA TYR D 248 8.09 13.55 -18.78
C TYR D 248 8.00 12.16 -18.13
N ASP D 249 8.05 12.12 -16.81
CA ASP D 249 7.92 10.87 -16.08
C ASP D 249 6.58 10.23 -16.34
N MET D 250 5.56 11.07 -16.42
CA MET D 250 4.22 10.59 -16.65
C MET D 250 4.19 9.77 -17.95
N PHE D 251 4.76 10.29 -19.03
CA PHE D 251 4.74 9.57 -20.30
C PHE D 251 5.70 8.39 -20.28
N HIS D 252 6.76 8.48 -19.48
CA HIS D 252 7.59 7.30 -19.28
C HIS D 252 6.78 6.15 -18.63
N THR D 253 5.97 6.50 -17.64
CA THR D 253 5.18 5.51 -16.93
C THR D 253 4.18 4.87 -17.91
N ARG D 254 3.50 5.72 -18.66
CA ARG D 254 2.59 5.28 -19.67
C ARG D 254 3.28 4.25 -20.54
N ASN D 255 4.49 4.56 -20.99
CA ASN D 255 5.21 3.64 -21.85
C ASN D 255 5.66 2.34 -21.20
N SER D 256 6.09 2.43 -19.94
CA SER D 256 6.37 1.27 -19.15
C SER D 256 5.15 0.36 -19.09
N LEU D 257 3.98 0.95 -18.92
CA LEU D 257 2.76 0.18 -18.74
C LEU D 257 2.39 -0.52 -20.06
N HIS D 258 2.64 0.17 -21.17
CA HIS D 258 2.45 -0.45 -22.49
C HIS D 258 3.40 -1.58 -22.71
N ARG D 259 4.66 -1.39 -22.42
CA ARG D 259 5.62 -2.46 -22.65
C ARG D 259 5.32 -3.69 -21.77
N ARG D 260 5.06 -3.46 -20.49
CA ARG D 260 4.89 -4.55 -19.56
C ARG D 260 3.55 -5.25 -19.65
N ALA D 261 2.49 -4.48 -19.85
CA ALA D 261 1.14 -5.01 -19.73
C ALA D 261 0.27 -4.83 -20.96
N TYR D 262 0.04 -3.60 -21.40
CA TYR D 262 -0.96 -3.38 -22.46
C TYR D 262 -0.58 -4.03 -23.77
N GLN D 263 0.72 -4.17 -24.02
CA GLN D 263 1.20 -4.80 -25.24
C GLN D 263 2.00 -6.03 -24.93
N HIS D 264 1.69 -6.66 -23.80
CA HIS D 264 2.34 -7.92 -23.46
C HIS D 264 2.10 -8.88 -24.61
N LYS D 265 3.13 -9.61 -24.99
CA LYS D 265 3.09 -10.51 -26.15
C LYS D 265 1.93 -11.53 -26.04
N VAL D 266 1.74 -12.07 -24.83
CA VAL D 266 0.71 -13.08 -24.62
C VAL D 266 -0.64 -12.45 -24.39
N GLY D 267 -0.71 -11.34 -23.68
CA GLY D 267 -1.99 -10.61 -23.62
C GLY D 267 -2.54 -10.22 -25.00
N ASN D 268 -1.65 -9.77 -25.86
CA ASN D 268 -2.08 -9.42 -27.19
C ASN D 268 -2.52 -10.63 -28.02
N ILE D 269 -1.81 -11.74 -27.90
CA ILE D 269 -2.20 -12.90 -28.66
C ILE D 269 -3.59 -13.40 -28.19
N ILE D 270 -3.86 -13.31 -26.90
CA ILE D 270 -5.17 -13.67 -26.41
C ILE D 270 -6.24 -12.73 -26.95
N ASP D 271 -5.94 -11.42 -27.00
CA ASP D 271 -6.88 -10.49 -27.64
C ASP D 271 -7.14 -10.85 -29.08
N THR D 272 -6.07 -11.25 -29.75
CA THR D 272 -6.12 -11.69 -31.13
C THR D 272 -6.98 -12.95 -31.30
N MET D 273 -6.84 -13.89 -30.38
CA MET D 273 -7.65 -15.11 -30.44
C MET D 273 -9.13 -14.82 -30.18
N ILE D 274 -9.38 -13.91 -29.26
CA ILE D 274 -10.75 -13.49 -29.00
C ILE D 274 -11.34 -12.78 -30.21
N THR D 275 -10.55 -11.91 -30.82
CA THR D 275 -10.96 -11.25 -32.06
C THR D 275 -11.30 -12.30 -33.12
N ASP D 276 -10.42 -13.28 -33.28
CA ASP D 276 -10.62 -14.32 -34.27
C ASP D 276 -11.94 -15.04 -34.00
N ALA D 277 -12.16 -15.40 -32.75
CA ALA D 277 -13.40 -16.07 -32.39
C ALA D 277 -14.63 -15.19 -32.67
N PHE D 278 -14.55 -13.89 -32.37
CA PHE D 278 -15.66 -12.97 -32.66
C PHE D 278 -15.96 -12.93 -34.15
N LEU D 279 -14.90 -12.85 -34.95
CA LEU D 279 -15.03 -12.92 -36.42
C LEU D 279 -15.77 -14.20 -36.88
N LYS D 280 -15.38 -15.36 -36.38
CA LYS D 280 -16.04 -16.61 -36.75
C LYS D 280 -17.46 -16.76 -36.18
N ALA D 281 -17.81 -15.97 -35.16
CA ALA D 281 -19.14 -15.99 -34.58
C ALA D 281 -20.03 -14.85 -35.05
N ASP D 282 -19.45 -13.88 -35.75
CA ASP D 282 -20.15 -12.63 -36.04
C ASP D 282 -21.52 -12.82 -36.72
N ASP D 283 -21.60 -13.77 -37.62
CA ASP D 283 -22.83 -14.04 -38.38
C ASP D 283 -23.92 -14.75 -37.61
N TYR D 284 -23.56 -15.41 -36.51
CA TYR D 284 -24.51 -16.28 -35.83
C TYR D 284 -25.04 -15.73 -34.52
N ILE D 285 -24.31 -14.82 -33.89
CA ILE D 285 -24.80 -14.20 -32.67
C ILE D 285 -25.77 -13.08 -33.05
N GLU D 286 -26.95 -13.06 -32.44
CA GLU D 286 -27.95 -12.01 -32.74
C GLU D 286 -28.12 -11.12 -31.54
N ILE D 287 -28.08 -9.81 -31.76
CA ILE D 287 -28.28 -8.87 -30.70
C ILE D 287 -29.45 -7.98 -31.09
N THR D 288 -30.50 -8.00 -30.30
CA THR D 288 -31.71 -7.25 -30.62
C THR D 288 -31.51 -5.78 -30.32
N GLY D 289 -31.79 -4.95 -31.31
CA GLY D 289 -31.71 -3.51 -31.16
C GLY D 289 -33.06 -2.86 -31.15
N ALA D 290 -33.12 -1.59 -31.56
CA ALA D 290 -34.37 -0.83 -31.55
C ALA D 290 -35.40 -1.45 -32.49
N GLY D 291 -36.65 -1.49 -32.01
CA GLY D 291 -37.75 -2.07 -32.76
C GLY D 291 -37.65 -3.56 -32.99
N GLY D 292 -36.83 -4.26 -32.22
CA GLY D 292 -36.65 -5.70 -32.43
C GLY D 292 -35.75 -6.08 -33.59
N LYS D 293 -35.12 -5.10 -34.21
CA LYS D 293 -34.20 -5.38 -35.31
C LYS D 293 -33.00 -6.17 -34.78
N LYS D 294 -32.54 -7.17 -35.53
CA LYS D 294 -31.39 -8.00 -35.12
C LYS D 294 -30.08 -7.46 -35.68
N TYR D 295 -29.08 -7.37 -34.82
CA TYR D 295 -27.76 -6.96 -35.23
C TYR D 295 -26.75 -8.04 -34.97
N ARG D 296 -25.58 -7.85 -35.56
CA ARG D 296 -24.46 -8.71 -35.33
C ARG D 296 -23.52 -7.98 -34.40
N ILE D 297 -22.47 -8.68 -33.99
CA ILE D 297 -21.45 -8.10 -33.13
C ILE D 297 -20.84 -6.90 -33.84
N SER D 298 -20.54 -7.07 -35.13
CA SER D 298 -19.92 -6.00 -35.91
C SER D 298 -20.90 -4.85 -36.26
N THR D 299 -22.20 -5.09 -36.23
CA THR D 299 -23.16 -4.03 -36.58
C THR D 299 -23.86 -3.44 -35.42
N ALA D 300 -23.67 -4.03 -34.24
CA ALA D 300 -24.27 -3.47 -33.03
C ALA D 300 -23.87 -2.01 -32.80
N ILE D 301 -22.73 -1.60 -33.36
CA ILE D 301 -22.28 -0.22 -33.25
C ILE D 301 -23.12 0.78 -34.04
N ASP D 302 -24.04 0.29 -34.87
CA ASP D 302 -24.97 1.16 -35.58
C ASP D 302 -26.23 1.45 -34.81
N ASP D 303 -26.48 0.74 -33.72
CA ASP D 303 -27.68 0.99 -32.93
C ASP D 303 -27.34 0.88 -31.46
N MET D 304 -27.57 1.97 -30.71
CA MET D 304 -27.13 2.00 -29.32
C MET D 304 -27.94 1.08 -28.37
N GLU D 305 -29.19 0.80 -28.74
CA GLU D 305 -29.95 -0.16 -27.97
C GLU D 305 -29.34 -1.55 -28.07
N ALA D 306 -28.83 -1.90 -29.25
CA ALA D 306 -28.11 -3.17 -29.39
C ALA D 306 -26.74 -3.08 -28.72
N TYR D 307 -26.05 -1.97 -28.93
CA TYR D 307 -24.69 -1.82 -28.39
C TYR D 307 -24.70 -1.94 -26.88
N THR D 308 -25.77 -1.43 -26.28
CA THR D 308 -25.94 -1.50 -24.84
C THR D 308 -25.73 -2.92 -24.33
N LYS D 309 -26.15 -3.89 -25.12
CA LYS D 309 -26.08 -5.29 -24.73
C LYS D 309 -24.80 -5.98 -25.15
N LEU D 310 -23.83 -5.23 -25.67
CA LEU D 310 -22.63 -5.86 -26.19
C LEU D 310 -21.48 -5.67 -25.21
N THR D 311 -21.12 -6.74 -24.51
CA THR D 311 -20.12 -6.74 -23.49
C THR D 311 -19.26 -8.02 -23.55
N ASP D 312 -18.39 -8.20 -22.55
CA ASP D 312 -17.53 -9.36 -22.48
C ASP D 312 -18.34 -10.63 -22.43
N ASN D 313 -19.58 -10.53 -21.99
CA ASN D 313 -20.49 -11.64 -22.02
C ASN D 313 -20.46 -12.43 -23.34
N ILE D 314 -20.26 -11.75 -24.46
CA ILE D 314 -20.27 -12.43 -25.76
C ILE D 314 -19.28 -13.59 -25.78
N PHE D 315 -18.14 -13.36 -25.16
CA PHE D 315 -17.08 -14.34 -25.02
C PHE D 315 -17.67 -15.62 -24.44
N LEU D 316 -18.43 -15.49 -23.36
CA LEU D 316 -18.95 -16.66 -22.70
C LEU D 316 -20.10 -17.30 -23.49
N GLU D 317 -20.91 -16.46 -24.09
CA GLU D 317 -21.97 -16.92 -24.95
C GLU D 317 -21.38 -17.87 -26.03
N ILE D 318 -20.22 -17.51 -26.56
CA ILE D 318 -19.58 -18.36 -27.57
C ILE D 318 -19.01 -19.62 -26.91
N LEU D 319 -18.34 -19.44 -25.78
CA LEU D 319 -17.66 -20.52 -25.11
C LEU D 319 -18.65 -21.59 -24.73
N TYR D 320 -19.79 -21.18 -24.20
CA TYR D 320 -20.79 -22.12 -23.70
C TYR D 320 -21.79 -22.62 -24.74
N SER D 321 -21.71 -22.16 -25.98
CA SER D 321 -22.70 -22.56 -26.97
C SER D 321 -22.54 -24.02 -27.37
N THR D 322 -23.64 -24.57 -27.85
CA THR D 322 -23.66 -25.92 -28.41
C THR D 322 -24.00 -25.88 -29.89
N ASP D 323 -24.46 -24.74 -30.39
CA ASP D 323 -24.82 -24.59 -31.80
C ASP D 323 -23.64 -25.00 -32.68
N PRO D 324 -23.85 -25.91 -33.66
CA PRO D 324 -22.74 -26.34 -34.49
C PRO D 324 -22.19 -25.26 -35.42
N LYS D 325 -23.00 -24.24 -35.74
CA LYS D 325 -22.51 -23.09 -36.50
C LYS D 325 -21.38 -22.37 -35.77
N LEU D 326 -21.40 -22.42 -34.43
CA LEU D 326 -20.41 -21.74 -33.60
C LEU D 326 -19.22 -22.59 -33.23
N LYS D 327 -19.13 -23.79 -33.75
CA LYS D 327 -18.08 -24.73 -33.36
C LYS D 327 -16.68 -24.15 -33.57
N ASP D 328 -16.48 -23.47 -34.69
CA ASP D 328 -15.15 -22.92 -34.99
C ASP D 328 -14.75 -21.80 -34.03
N ALA D 329 -15.69 -20.91 -33.72
CA ALA D 329 -15.44 -19.86 -32.75
C ALA D 329 -15.22 -20.42 -31.34
N ARG D 330 -16.03 -21.40 -30.98
CA ARG D 330 -15.96 -22.02 -29.68
C ARG D 330 -14.62 -22.72 -29.49
N GLU D 331 -14.12 -23.36 -30.55
CA GLU D 331 -12.83 -24.06 -30.47
C GLU D 331 -11.67 -23.14 -30.13
N ILE D 332 -11.69 -21.96 -30.71
CA ILE D 332 -10.63 -20.99 -30.45
C ILE D 332 -10.64 -20.62 -28.97
N LEU D 333 -11.82 -20.29 -28.44
CA LEU D 333 -11.94 -19.93 -27.02
C LEU D 333 -11.55 -21.09 -26.13
N LYS D 334 -11.91 -22.29 -26.52
CA LYS D 334 -11.48 -23.48 -25.78
C LYS D 334 -9.96 -23.61 -25.76
N GLN D 335 -9.31 -23.25 -26.85
CA GLN D 335 -7.85 -23.29 -26.92
C GLN D 335 -7.21 -22.26 -25.95
N ILE D 336 -7.88 -21.12 -25.76
CA ILE D 336 -7.47 -20.18 -24.75
C ILE D 336 -7.47 -20.83 -23.35
N GLU D 337 -8.52 -21.56 -23.02
CA GLU D 337 -8.63 -22.17 -21.71
C GLU D 337 -7.58 -23.26 -21.44
N TYR D 338 -7.27 -24.05 -22.47
CA TYR D 338 -6.22 -25.08 -22.35
C TYR D 338 -4.84 -24.49 -22.51
N ARG D 339 -4.79 -23.18 -22.77
CA ARG D 339 -3.50 -22.49 -22.98
C ARG D 339 -2.74 -23.01 -24.21
N ASN D 340 -3.48 -23.49 -25.21
CA ASN D 340 -2.92 -23.82 -26.48
C ASN D 340 -3.10 -22.59 -27.38
N LEU D 341 -2.21 -21.61 -27.20
CA LEU D 341 -2.38 -20.30 -27.83
C LEU D 341 -1.82 -20.20 -29.25
N PHE D 342 -2.26 -19.21 -30.04
CA PHE D 342 -1.61 -18.89 -31.32
C PHE D 342 -0.17 -18.66 -30.97
N LYS D 343 0.71 -19.08 -31.88
CA LYS D 343 2.12 -19.13 -31.58
C LYS D 343 2.88 -17.92 -32.12
N TYR D 344 3.73 -17.39 -31.25
CA TYR D 344 4.60 -16.33 -31.59
C TYR D 344 5.70 -16.80 -32.52
N VAL D 345 5.82 -16.14 -33.66
CA VAL D 345 6.81 -16.51 -34.66
C VAL D 345 8.04 -15.61 -34.59
N GLY D 346 7.85 -14.32 -34.36
CA GLY D 346 8.97 -13.39 -34.33
C GLY D 346 8.55 -11.95 -34.31
N GLU D 347 9.57 -11.08 -34.18
CA GLU D 347 9.37 -9.65 -34.14
C GLU D 347 10.48 -8.95 -34.90
N THR D 348 10.15 -7.78 -35.42
CA THR D 348 11.16 -7.00 -36.11
C THR D 348 10.93 -5.51 -35.91
N GLN D 349 12.03 -4.82 -35.59
CA GLN D 349 12.12 -3.37 -35.52
C GLN D 349 12.66 -2.81 -36.84
N ILE D 356 3.76 0.09 -41.61
CA ILE D 356 3.92 1.43 -41.04
C ILE D 356 2.53 2.10 -40.82
N LYS D 357 1.63 2.33 -41.81
CA LYS D 357 0.41 3.12 -41.53
C LYS D 357 -0.79 2.24 -41.25
N ARG D 358 -1.73 2.76 -40.47
CA ARG D 358 -2.96 2.04 -40.09
C ARG D 358 -3.67 1.34 -41.25
N GLU D 359 -3.75 2.02 -42.39
CA GLU D 359 -4.46 1.44 -43.54
C GLU D 359 -3.75 0.19 -44.05
N ASP D 360 -2.42 0.17 -43.91
CA ASP D 360 -1.61 -0.95 -44.40
C ASP D 360 -1.77 -2.23 -43.58
N TYR D 361 -2.22 -2.12 -42.34
CA TYR D 361 -2.17 -3.24 -41.40
C TYR D 361 -2.83 -4.48 -41.98
N GLU D 362 -4.00 -4.29 -42.59
CA GLU D 362 -4.85 -5.40 -42.98
C GLU D 362 -4.21 -6.23 -44.10
N SER D 363 -3.38 -5.60 -44.93
CA SER D 363 -2.77 -6.26 -46.05
C SER D 363 -1.54 -7.11 -45.63
N LEU D 364 -1.10 -6.95 -44.38
CA LEU D 364 0.19 -7.50 -43.94
C LEU D 364 0.27 -9.02 -43.90
N PRO D 365 -0.79 -9.68 -43.40
CA PRO D 365 -0.74 -11.14 -43.42
C PRO D 365 -0.67 -11.71 -44.85
N LYS D 366 -1.39 -11.09 -45.77
CA LYS D 366 -1.35 -11.47 -47.19
C LYS D 366 0.08 -11.39 -47.74
N GLU D 367 0.74 -10.29 -47.41
CA GLU D 367 2.12 -10.07 -47.77
C GLU D 367 3.09 -11.10 -47.16
N VAL D 368 2.92 -11.48 -45.90
CA VAL D 368 3.85 -12.44 -45.30
C VAL D 368 3.65 -13.82 -45.95
N ALA D 369 2.40 -14.17 -46.23
CA ALA D 369 2.05 -15.40 -46.96
C ALA D 369 2.62 -15.41 -48.39
N SER D 370 2.59 -14.25 -49.05
CA SER D 370 3.19 -14.09 -50.37
C SER D 370 4.69 -14.34 -50.42
N ALA D 371 5.39 -14.07 -49.33
CA ALA D 371 6.83 -14.24 -49.32
C ALA D 371 7.16 -15.68 -49.71
N LYS D 372 8.16 -15.85 -50.59
CA LYS D 372 8.57 -17.18 -50.99
C LYS D 372 9.94 -17.48 -50.38
N PRO D 373 9.98 -18.29 -49.31
CA PRO D 373 11.27 -18.66 -48.76
C PRO D 373 11.97 -19.73 -49.57
N LYS D 374 13.30 -19.72 -49.48
CA LYS D 374 14.17 -20.63 -50.22
C LYS D 374 13.96 -22.04 -49.73
N VAL D 375 13.86 -22.17 -48.42
CA VAL D 375 13.86 -23.45 -47.72
C VAL D 375 12.72 -24.38 -48.16
N LEU D 376 13.01 -25.67 -48.15
CA LEU D 376 11.98 -26.67 -48.38
C LEU D 376 11.12 -26.77 -47.10
N LEU D 377 9.80 -26.82 -47.30
CA LEU D 377 8.78 -26.72 -46.24
C LEU D 377 7.86 -27.91 -46.26
N ASP D 378 7.39 -28.33 -45.09
CA ASP D 378 6.40 -29.41 -45.02
C ASP D 378 4.97 -28.98 -45.37
N VAL D 379 4.67 -27.68 -45.28
CA VAL D 379 3.32 -27.15 -45.53
C VAL D 379 3.33 -25.74 -46.15
N LYS D 380 2.34 -25.44 -46.96
CA LYS D 380 2.11 -24.06 -47.42
C LYS D 380 1.15 -23.38 -46.47
N LEU D 381 1.31 -22.07 -46.29
CA LEU D 381 0.47 -21.30 -45.39
C LEU D 381 -0.27 -20.19 -46.12
N LYS D 382 -1.49 -19.89 -45.67
CA LYS D 382 -2.32 -18.84 -46.26
C LYS D 382 -2.31 -17.61 -45.36
N ALA D 383 -2.79 -16.48 -45.89
CA ALA D 383 -2.87 -15.24 -45.13
C ALA D 383 -3.68 -15.38 -43.86
N GLU D 384 -4.74 -16.17 -43.91
CA GLU D 384 -5.61 -16.41 -42.78
C GLU D 384 -4.87 -17.13 -41.63
N ASP D 385 -3.78 -17.81 -41.93
CA ASP D 385 -2.99 -18.47 -40.90
C ASP D 385 -2.09 -17.55 -40.12
N PHE D 386 -1.79 -16.37 -40.65
CA PHE D 386 -0.87 -15.44 -39.98
C PHE D 386 -1.62 -14.32 -39.28
N ILE D 387 -1.03 -13.86 -38.17
CA ILE D 387 -1.41 -12.59 -37.56
C ILE D 387 -0.20 -11.71 -37.50
N VAL D 388 -0.39 -10.47 -37.90
CA VAL D 388 0.66 -9.47 -37.88
C VAL D 388 0.21 -8.27 -37.04
N ASP D 389 0.97 -7.98 -36.01
CA ASP D 389 0.59 -7.04 -34.99
C ASP D 389 1.57 -5.90 -35.09
N VAL D 390 1.09 -4.72 -35.42
CA VAL D 390 1.93 -3.55 -35.49
C VAL D 390 1.85 -2.88 -34.15
N ILE D 391 2.98 -2.72 -33.48
CA ILE D 391 2.99 -2.14 -32.14
C ILE D 391 3.67 -0.80 -32.18
N ASN D 392 2.86 0.22 -31.92
CA ASN D 392 3.33 1.56 -31.78
C ASN D 392 3.64 1.85 -30.32
N MET D 393 4.85 2.34 -30.09
CA MET D 393 5.25 2.89 -28.80
C MET D 393 5.51 4.36 -29.05
N ASP D 394 4.77 5.23 -28.40
CA ASP D 394 5.02 6.67 -28.53
C ASP D 394 4.55 7.45 -27.29
N TYR D 395 4.53 8.77 -27.38
CA TYR D 395 4.16 9.63 -26.27
C TYR D 395 2.76 10.17 -26.49
N GLY D 396 1.99 9.40 -27.26
CA GLY D 396 0.57 9.65 -27.41
C GLY D 396 0.18 10.65 -28.47
N MET D 397 1.17 11.20 -29.18
CA MET D 397 0.90 12.13 -30.28
C MET D 397 1.78 11.79 -31.48
N GLN D 398 1.86 10.51 -31.82
CA GLN D 398 2.67 10.02 -32.91
C GLN D 398 4.10 10.50 -32.73
N GLU D 399 4.64 11.25 -33.69
CA GLU D 399 6.02 11.67 -33.62
C GLU D 399 6.26 12.88 -32.71
N LYS D 400 5.20 13.55 -32.27
CA LYS D 400 5.39 14.82 -31.56
C LYS D 400 5.69 14.57 -30.09
N ASN D 401 6.41 15.51 -29.50
CA ASN D 401 6.66 15.56 -28.07
C ASN D 401 5.53 16.34 -27.41
N PRO D 402 4.71 15.68 -26.60
CA PRO D 402 3.54 16.40 -26.05
C PRO D 402 3.90 17.53 -25.12
N ILE D 403 5.08 17.47 -24.51
CA ILE D 403 5.51 18.53 -23.59
C ILE D 403 5.75 19.86 -24.30
N ASP D 404 6.08 19.79 -25.59
CA ASP D 404 6.21 21.00 -26.37
C ASP D 404 4.88 21.67 -26.47
N HIS D 405 3.80 20.93 -26.20
CA HIS D 405 2.46 21.48 -26.30
C HIS D 405 1.87 21.72 -24.95
N VAL D 406 2.72 21.93 -23.95
CA VAL D 406 2.26 22.26 -22.59
C VAL D 406 2.74 23.63 -22.24
N SER D 407 1.89 24.42 -21.59
CA SER D 407 2.24 25.73 -21.09
C SER D 407 2.54 25.65 -19.59
N PHE D 408 3.53 26.45 -19.16
CA PHE D 408 3.97 26.49 -17.79
C PHE D 408 3.99 27.91 -17.25
N TYR D 409 4.03 28.05 -15.93
CA TYR D 409 4.16 29.36 -15.29
C TYR D 409 5.19 29.25 -14.22
N CYS D 410 5.82 30.36 -13.88
N CYS D 410 5.85 30.36 -13.90
CA CYS D 410 6.81 30.37 -12.80
CA CYS D 410 6.83 30.38 -12.81
C CYS D 410 6.22 31.03 -11.57
C CYS D 410 6.18 30.95 -11.57
N LYS D 411 6.80 30.70 -10.43
CA LYS D 411 6.33 31.17 -9.13
C LYS D 411 6.26 32.70 -9.04
N THR D 412 7.27 33.35 -9.59
CA THR D 412 7.42 34.80 -9.52
C THR D 412 6.49 35.56 -10.45
N ALA D 413 5.97 34.90 -11.50
CA ALA D 413 5.03 35.50 -12.45
C ALA D 413 3.95 34.50 -12.82
N PRO D 414 2.99 34.29 -11.93
CA PRO D 414 2.03 33.21 -12.12
C PRO D 414 1.10 33.34 -13.33
N ASN D 415 0.94 34.54 -13.86
CA ASN D 415 0.00 34.77 -14.94
C ASN D 415 0.64 34.69 -16.31
N ARG D 416 1.96 34.62 -16.38
CA ARG D 416 2.64 34.59 -17.65
C ARG D 416 2.96 33.15 -18.04
N ALA D 417 2.38 32.71 -19.14
CA ALA D 417 2.61 31.37 -19.65
C ALA D 417 3.91 31.32 -20.43
N ILE D 418 4.64 30.22 -20.30
CA ILE D 418 5.91 30.04 -21.04
C ILE D 418 6.05 28.63 -21.57
N ARG D 419 6.94 28.45 -22.53
CA ARG D 419 7.22 27.13 -23.06
C ARG D 419 8.54 26.68 -22.44
N ILE D 420 8.71 25.39 -22.26
CA ILE D 420 9.97 24.83 -21.83
C ILE D 420 10.32 23.73 -22.80
N THR D 421 11.47 23.83 -23.47
CA THR D 421 11.87 22.83 -24.46
C THR D 421 12.59 21.67 -23.81
N LYS D 422 12.69 20.57 -24.56
CA LYS D 422 13.30 19.34 -24.08
C LYS D 422 14.74 19.53 -23.59
N ASN D 423 15.53 20.24 -24.38
CA ASN D 423 16.91 20.55 -24.05
C ASN D 423 17.05 21.42 -22.80
N GLN D 424 16.02 22.19 -22.43
CA GLN D 424 16.04 22.89 -21.16
C GLN D 424 15.92 21.95 -19.97
N VAL D 425 15.40 20.74 -20.16
CA VAL D 425 15.10 19.87 -19.05
C VAL D 425 16.19 18.84 -18.81
N SER D 426 16.46 18.02 -19.82
CA SER D 426 17.47 17.00 -19.68
C SER D 426 17.95 16.53 -21.05
N GLN D 427 19.23 16.24 -21.14
CA GLN D 427 19.83 15.61 -22.31
C GLN D 427 19.62 14.08 -22.30
N LEU D 428 19.09 13.56 -21.20
CA LEU D 428 18.84 12.14 -21.09
C LEU D 428 17.42 11.73 -21.61
N LEU D 429 16.65 12.69 -22.12
CA LEU D 429 15.33 12.41 -22.63
C LEU D 429 15.44 11.80 -24.00
N PRO D 430 14.34 11.25 -24.51
CA PRO D 430 14.39 10.60 -25.82
C PRO D 430 14.68 11.56 -26.96
N GLU D 431 15.45 11.11 -27.93
CA GLU D 431 15.68 11.87 -29.16
C GLU D 431 14.48 11.67 -30.12
N LYS D 432 13.82 10.54 -29.99
CA LYS D 432 12.63 10.17 -30.75
C LYS D 432 11.42 9.95 -29.82
N PHE D 433 10.23 10.30 -30.29
CA PHE D 433 9.02 10.12 -29.46
C PHE D 433 8.03 9.06 -29.98
N ALA D 434 8.43 8.33 -31.01
CA ALA D 434 7.61 7.28 -31.59
C ALA D 434 8.47 6.22 -32.21
N GLU D 435 8.02 4.98 -32.08
CA GLU D 435 8.67 3.87 -32.73
C GLU D 435 7.65 2.76 -32.95
N GLN D 436 8.05 1.78 -33.74
CA GLN D 436 7.17 0.73 -34.15
C GLN D 436 7.91 -0.61 -34.09
N LEU D 437 7.20 -1.68 -33.70
CA LEU D 437 7.67 -3.08 -33.93
C LEU D 437 6.56 -3.89 -34.58
N ILE D 438 6.95 -4.90 -35.35
CA ILE D 438 5.99 -5.82 -35.94
C ILE D 438 6.16 -7.18 -35.31
N ARG D 439 5.08 -7.74 -34.75
CA ARG D 439 5.07 -9.08 -34.23
C ARG D 439 4.23 -9.93 -35.14
N VAL D 440 4.69 -11.16 -35.35
CA VAL D 440 3.98 -12.08 -36.19
C VAL D 440 3.63 -13.30 -35.38
N TYR D 441 2.41 -13.79 -35.57
CA TYR D 441 1.95 -15.00 -34.94
C TYR D 441 1.31 -15.93 -35.95
N CYS D 442 1.30 -17.21 -35.60
CA CYS D 442 0.71 -18.23 -36.44
C CYS D 442 -0.43 -18.94 -35.73
N LYS D 443 -1.55 -19.07 -36.43
CA LYS D 443 -2.73 -19.73 -35.87
C LYS D 443 -2.64 -21.23 -35.86
N LYS D 444 -1.84 -21.80 -36.77
CA LYS D 444 -1.63 -23.24 -36.75
C LYS D 444 -0.49 -23.49 -35.81
N VAL D 445 -0.67 -24.45 -34.92
CA VAL D 445 0.24 -24.65 -33.78
C VAL D 445 1.11 -25.89 -33.85
N ASP D 446 0.92 -26.72 -34.85
CA ASP D 446 1.78 -27.89 -35.00
C ASP D 446 3.20 -27.44 -35.40
N ARG D 447 4.17 -28.26 -35.06
CA ARG D 447 5.58 -27.95 -35.31
C ARG D 447 5.87 -27.66 -36.80
N LYS D 448 5.22 -28.40 -37.70
CA LYS D 448 5.43 -28.22 -39.14
C LYS D 448 4.99 -26.84 -39.57
N SER D 449 3.79 -26.44 -39.14
CA SER D 449 3.22 -25.13 -39.45
C SER D 449 4.08 -23.99 -38.90
N LEU D 450 4.56 -24.17 -37.68
CA LEU D 450 5.48 -23.23 -37.05
C LEU D 450 6.79 -23.00 -37.76
N TYR D 451 7.43 -24.09 -38.15
CA TYR D 451 8.71 -24.01 -38.85
C TYR D 451 8.53 -23.20 -40.13
N ALA D 452 7.49 -23.53 -40.88
CA ALA D 452 7.15 -22.83 -42.10
C ALA D 452 6.88 -21.34 -41.86
N ALA D 453 6.08 -21.04 -40.82
CA ALA D 453 5.75 -19.65 -40.50
C ALA D 453 7.01 -18.81 -40.27
N ARG D 454 7.95 -19.37 -39.52
CA ARG D 454 9.28 -18.79 -39.33
C ARG D 454 9.98 -18.40 -40.65
N GLN D 455 9.90 -19.32 -41.62
CA GLN D 455 10.54 -19.12 -42.90
C GLN D 455 9.91 -17.97 -43.61
N TYR D 456 8.58 -17.99 -43.71
CA TYR D 456 7.86 -16.90 -44.34
C TYR D 456 8.23 -15.57 -43.68
N PHE D 457 8.29 -15.56 -42.35
CA PHE D 457 8.56 -14.34 -41.61
C PHE D 457 9.92 -13.74 -41.93
N VAL D 458 10.94 -14.57 -41.83
CA VAL D 458 12.31 -14.13 -42.11
C VAL D 458 12.44 -13.62 -43.56
N GLN D 459 11.82 -14.35 -44.49
CA GLN D 459 11.84 -13.98 -45.89
C GLN D 459 11.15 -12.65 -46.11
N TRP D 460 9.99 -12.51 -45.51
CA TRP D 460 9.25 -11.24 -45.58
C TRP D 460 10.06 -10.06 -45.02
N CYS D 461 10.77 -10.28 -43.90
CA CYS D 461 11.63 -9.24 -43.33
C CYS D 461 12.74 -8.82 -44.30
N ALA D 462 13.35 -9.81 -44.95
CA ALA D 462 14.38 -9.55 -45.97
C ALA D 462 13.78 -8.80 -47.16
N ASP D 463 12.62 -9.25 -47.65
CA ASP D 463 11.94 -8.59 -48.79
C ASP D 463 11.62 -7.14 -48.54
N ARG D 464 11.12 -6.84 -47.34
CA ARG D 464 10.73 -5.50 -46.98
C ARG D 464 11.91 -4.64 -46.53
N ASN D 465 13.07 -5.25 -46.28
CA ASN D 465 14.18 -4.61 -45.57
C ASN D 465 13.90 -4.68 -44.07
N PHE D 466 14.62 -3.93 -43.25
CA PHE D 466 14.46 -3.97 -41.77
C PHE D 466 14.55 -5.38 -41.11
N THR D 467 15.45 -6.21 -41.63
CA THR D 467 15.57 -7.64 -41.20
C THR D 467 15.56 -7.90 -39.67
PG DTP E . -15.30 -18.57 6.17
O1G DTP E . -13.99 -17.86 6.38
O2G DTP E . -16.47 -17.65 6.42
O3G DTP E . -15.38 -19.95 6.79
PB DTP E . -16.12 -20.24 3.98
O1B DTP E . -15.08 -21.34 3.91
O2B DTP E . -17.43 -20.49 4.69
O3B DTP E . -15.44 -18.89 4.58
PA DTP E . -15.24 -19.38 1.43
O1A DTP E . -13.95 -19.42 2.22
O2A DTP E . -15.32 -20.20 0.16
O3A DTP E . -16.42 -19.82 2.45
O5' DTP E . -15.56 -17.82 1.07
C5' DTP E . -14.63 -16.75 1.33
C4' DTP E . -15.09 -15.46 0.67
O4' DTP E . -16.50 -15.35 0.57
C3' DTP E . -14.64 -14.19 1.35
O3' DTP E . -14.12 -13.27 0.38
C2' DTP E . -15.86 -13.62 2.01
C1' DTP E . -17.02 -14.46 1.56
N9 DTP E . -17.58 -15.31 2.66
C8 DTP E . -16.88 -16.19 3.42
N7 DTP E . -17.69 -16.83 4.32
C5 DTP E . -18.94 -16.38 4.12
C6 DTP E . -20.27 -16.63 4.71
N6 DTP E . -20.40 -17.53 5.70
N1 DTP E . -21.32 -15.95 4.24
C2 DTP E . -21.20 -15.05 3.23
N3 DTP E . -20.03 -14.76 2.63
C4 DTP E . -18.87 -15.37 3.03
PG GTP F . -30.49 5.12 -0.95
O1G GTP F . -29.14 5.37 -0.30
O2G GTP F . -30.67 5.95 -2.19
O3G GTP F . -31.64 5.12 0.00
O3B GTP F . -30.52 3.59 -1.46
PB GTP F . -29.69 2.41 -0.70
O1B GTP F . -28.77 3.03 0.33
O2B GTP F . -30.64 1.33 -0.33
O3A GTP F . -28.88 1.95 -2.00
PA GTP F . -27.68 2.83 -2.65
O1A GTP F . -27.45 4.14 -1.95
O2A GTP F . -27.90 2.80 -4.12
O5' GTP F . -26.64 1.86 -1.93
C5' GTP F . -25.51 1.28 -2.49
C4' GTP F . -24.16 1.90 -2.15
O4' GTP F . -23.40 1.24 -3.16
C3' GTP F . -24.03 3.38 -2.45
O3' GTP F . -24.06 4.24 -1.30
C2' GTP F . -22.71 3.48 -3.20
O2' GTP F . -21.61 3.74 -2.34
C1' GTP F . -22.43 2.10 -3.74
N9 GTP F . -22.53 1.88 -5.20
C8 GTP F . -21.63 1.15 -5.90
N7 GTP F . -21.98 1.08 -7.20
C5 GTP F . -23.10 1.74 -7.35
C6 GTP F . -23.94 2.07 -8.51
O6 GTP F . -23.65 1.63 -9.65
N1 GTP F . -25.01 2.83 -8.25
C2 GTP F . -25.30 3.26 -6.99
N2 GTP F . -26.39 4.00 -6.77
N3 GTP F . -24.54 3.02 -5.90
C4 GTP F . -23.47 2.28 -6.02
PG DTP G . 10.62 -13.50 21.42
O1G DTP G . 12.03 -13.11 21.65
O2G DTP G . 10.29 -14.19 20.16
O3G DTP G . 9.79 -13.95 22.61
PB DTP G . 10.55 -10.77 20.51
O1B DTP G . 12.03 -10.90 20.26
O2B DTP G . 10.01 -9.68 21.35
O3B DTP G . 9.89 -12.08 21.15
PA DTP G . 8.44 -10.34 18.43
O1A DTP G . 7.52 -9.54 19.28
O2A DTP G . 7.96 -11.56 17.71
O3A DTP G . 9.91 -10.74 19.02
O5' DTP G . 8.85 -9.19 17.37
C5' DTP G . 9.63 -9.41 16.21
C4' DTP G . 9.42 -8.28 15.20
O4' DTP G . 8.05 -8.23 14.89
C3' DTP G . 9.71 -6.88 15.72
O3' DTP G . 10.21 -6.19 14.59
C2' DTP G . 8.36 -6.27 16.22
C1' DTP G . 7.39 -7.00 15.32
N9 DTP G . 6.08 -7.45 15.88
C8 DTP G . 5.85 -7.94 17.08
N7 DTP G . 4.55 -8.32 17.19
C5 DTP G . 3.93 -8.03 16.05
C6 DTP G . 2.59 -8.19 15.53
N6 DTP G . 1.58 -8.69 16.25
N1 DTP G . 2.35 -7.83 14.28
C2 DTP G . 3.32 -7.31 13.51
N3 DTP G . 4.58 -7.17 13.94
C4 DTP G . 4.94 -7.52 15.18
MG MG H . 13.47 -11.80 21.27
MG MG I . 5.45 -18.22 -20.46
PG GTP J . 5.08 -20.73 -22.38
O1G GTP J . 5.52 -20.01 -21.13
O2G GTP J . 6.18 -20.81 -23.40
O3G GTP J . 4.27 -21.94 -22.13
O3B GTP J . 3.95 -19.94 -23.17
PB GTP J . 3.79 -18.36 -23.03
O1B GTP J . 4.88 -17.71 -22.23
O2B GTP J . 3.44 -17.89 -24.39
O3A GTP J . 2.40 -18.28 -22.23
PA GTP J . 2.21 -18.49 -20.67
O1A GTP J . 3.50 -18.43 -19.94
O2A GTP J . 1.21 -19.56 -20.51
O5' GTP J . 1.37 -17.15 -20.37
C5' GTP J . 1.97 -15.92 -19.99
C4' GTP J . 1.80 -15.65 -18.49
O4' GTP J . 0.40 -15.48 -18.14
C3' GTP J . 2.26 -16.76 -17.55
O3' GTP J . 3.68 -16.87 -17.46
C2' GTP J . 1.55 -16.39 -16.23
O2' GTP J . 2.29 -15.51 -15.36
C1' GTP J . 0.32 -15.61 -16.71
N9 GTP J . -0.97 -16.21 -16.43
C8 GTP J . -1.99 -15.58 -15.86
N7 GTP J . -3.06 -16.41 -15.79
C5 GTP J . -2.74 -17.59 -16.33
C6 GTP J . -3.41 -18.89 -16.56
O6 GTP J . -4.59 -19.12 -16.23
N1 GTP J . -2.66 -19.86 -17.14
C2 GTP J . -1.37 -19.64 -17.54
N2 GTP J . -0.69 -20.63 -18.12
N3 GTP J . -0.72 -18.48 -17.34
C4 GTP J . -1.34 -17.44 -16.75
PG DTP K . 23.80 5.30 -6.11
O1G DTP K . 24.68 6.08 -7.07
O2G DTP K . 22.35 5.63 -6.26
O3G DTP K . 24.04 3.82 -6.10
PB DTP K . 25.36 4.99 -3.68
O1B DTP K . 26.79 5.39 -3.99
O2B DTP K . 24.98 3.51 -3.70
O3B DTP K . 24.28 5.81 -4.63
PA DTP K . 24.74 4.64 -0.90
O1A DTP K . 25.15 5.44 0.30
O2A DTP K . 25.37 3.28 -1.10
O3A DTP K . 25.11 5.55 -2.19
O5' DTP K . 23.10 4.49 -0.87
C5' DTP K . 22.23 5.34 -1.66
C4' DTP K . 21.30 6.21 -0.82
O4' DTP K . 21.87 7.51 -0.64
C3' DTP K . 19.92 6.45 -1.40
O3' DTP K . 18.88 6.38 -0.40
C2' DTP K . 19.92 7.87 -1.90
C1' DTP K . 20.95 8.55 -1.04
N9 DTP K . 21.61 9.65 -1.77
C8 DTP K . 22.35 9.57 -2.91
N7 DTP K . 22.84 10.78 -3.28
C5 DTP K . 22.42 11.70 -2.37
C6 DTP K . 22.57 13.18 -2.13
N6 DTP K . 23.26 13.99 -2.97
N1 DTP K . 21.95 13.71 -1.04
C2 DTP K . 21.24 12.94 -0.18
N3 DTP K . 21.07 11.62 -0.32
C4 DTP K . 21.62 10.95 -1.37
PG GTP L . 15.95 -12.75 22.91
O1G GTP L . 15.82 -13.62 24.14
O2G GTP L . 17.29 -12.56 22.30
O3G GTP L . 14.94 -12.94 21.81
O3B GTP L . 15.83 -11.34 23.62
PB GTP L . 14.58 -10.33 23.60
O1B GTP L . 14.61 -9.72 24.94
O2B GTP L . 13.38 -10.93 22.98
O3A GTP L . 15.22 -9.16 22.71
PA GTP L . 15.34 -9.18 21.13
O1A GTP L . 16.73 -8.74 20.82
O2A GTP L . 14.68 -10.39 20.59
O5' GTP L . 14.50 -7.83 20.79
C5' GTP L . 13.14 -7.86 20.37
C4' GTP L . 12.89 -7.76 18.85
O4' GTP L . 13.22 -6.44 18.39
C3' GTP L . 13.66 -8.75 17.99
O3' GTP L . 12.92 -9.96 17.93
C2' GTP L . 13.82 -8.03 16.68
O2' GTP L . 12.82 -8.35 15.71
C1' GTP L . 13.62 -6.53 17.05
N9 GTP L . 14.83 -5.69 16.84
C8 GTP L . 14.80 -4.48 16.27
N7 GTP L . 16.02 -3.93 16.19
C5 GTP L . 16.87 -4.78 16.75
C6 GTP L . 18.32 -4.78 16.98
O6 GTP L . 19.03 -3.79 16.64
N1 GTP L . 18.83 -5.87 17.59
C2 GTP L . 18.08 -6.93 17.95
N2 GTP L . 18.69 -7.97 18.56
N3 GTP L . 16.74 -6.99 17.76
C4 GTP L . 16.09 -5.96 17.17
PG DTP M . 8.10 -16.64 -20.92
O1G DTP M . 9.01 -16.71 -19.78
O2G DTP M . 7.14 -17.78 -20.94
O3G DTP M . 8.80 -16.37 -22.23
PB DTP M . 5.97 -15.20 -19.72
O1B DTP M . 6.55 -15.51 -18.36
O2B DTP M . 4.88 -16.03 -20.19
O3B DTP M . 7.28 -15.24 -20.69
PA DTP M . 6.10 -12.87 -18.20
O1A DTP M . 7.31 -13.13 -17.44
O2A DTP M . 6.02 -11.66 -19.07
O3A DTP M . 5.58 -13.72 -19.50
O5' DTP M . 4.87 -12.78 -17.17
C5' DTP M . 4.91 -13.42 -15.90
C4' DTP M . 3.98 -12.69 -14.96
O4' DTP M . 4.52 -11.42 -14.73
C3' DTP M . 2.58 -12.38 -15.49
O3' DTP M . 1.58 -12.49 -14.43
C2' DTP M . 2.63 -10.96 -16.04
C1' DTP M . 3.70 -10.32 -15.20
N9 DTP M . 4.72 -9.42 -15.81
C8 DTP M . 5.31 -9.55 -17.00
N7 DTP M . 6.26 -8.60 -17.17
C5 DTP M . 6.27 -7.83 -16.06
C6 DTP M . 7.01 -6.64 -15.56
N6 DTP M . 7.96 -6.00 -16.28
N1 DTP M . 6.69 -6.19 -14.34
C2 DTP M . 5.73 -6.76 -13.57
N3 DTP M . 5.01 -7.81 -13.97
C4 DTP M . 5.24 -8.39 -15.17
PG DTP N . -27.03 4.80 3.44
O1G DTP N . -26.14 5.90 3.78
O2G DTP N . -27.79 5.04 2.18
O3G DTP N . -27.95 4.27 4.50
PB DTP N . -25.42 2.97 1.91
O1B DTP N . -25.38 1.47 1.84
O2B DTP N . -25.90 3.71 0.66
O3B DTP N . -25.99 3.55 3.30
PA DTP N . -22.65 2.78 2.86
O1A DTP N . -22.06 3.89 3.65
O2A DTP N . -22.84 1.45 3.51
O3A DTP N . -23.91 3.44 2.16
O5' DTP N . -21.65 2.40 1.63
C5' DTP N . -20.96 3.48 0.97
C4' DTP N . -19.70 2.98 0.29
O4' DTP N . -18.72 2.66 1.27
C3' DTP N . -19.87 1.71 -0.49
O3' DTP N . -19.02 1.79 -1.61
C2' DTP N . -19.40 0.56 0.38
C1' DTP N . -18.45 1.24 1.32
N9 DTP N . -18.59 0.94 2.76
C8 DTP N . -19.72 0.76 3.48
N7 DTP N . -19.42 0.56 4.80
C5 DTP N . -18.09 0.66 4.89
C6 DTP N . -17.10 0.58 5.96
N6 DTP N . -17.46 0.35 7.22
N1 DTP N . -15.81 0.72 5.62
C2 DTP N . -15.39 0.95 4.36
N3 DTP N . -16.24 1.05 3.34
C4 DTP N . -17.56 0.94 3.56
MG MG O . 8.99 26.75 -1.66
PG GTP P . 9.97 29.75 -0.55
O1G GTP P . 9.43 30.21 0.75
O2G GTP P . 10.55 30.73 -1.47
O3G GTP P . 8.96 28.88 -1.24
O3B GTP P . 11.21 28.91 0.00
PB GTP P . 11.81 27.60 -0.76
O1B GTP P . 13.25 27.88 -0.99
O2B GTP P . 10.85 27.15 -1.86
O3A GTP P . 11.83 26.67 0.53
PA GTP P . 10.50 26.25 1.24
O1A GTP P . 10.60 26.29 2.73
O2A GTP P . 9.30 26.70 0.49
O5' GTP P . 10.57 24.80 0.59
C5' GTP P . 10.90 23.67 1.31
C4' GTP P . 9.84 22.64 0.99
O4' GTP P . 10.06 21.69 2.02
C3' GTP P . 8.45 23.19 1.15
O3' GTP P . 7.76 23.45 -0.07
C2' GTP P . 7.74 22.16 2.00
O2' GTP P . 7.02 21.26 1.17
C1' GTP P . 8.82 21.30 2.62
N9 GTP P . 9.03 21.32 4.07
C8 GTP P . 9.35 20.26 4.82
N7 GTP P . 9.55 20.57 6.14
C5 GTP P . 9.40 21.91 6.19
C6 GTP P . 9.48 22.91 7.25
O6 GTP P . 9.75 22.60 8.42
N1 GTP P . 9.28 24.18 6.90
C2 GTP P . 9.00 24.54 5.62
N2 GTP P . 8.76 25.85 5.33
N3 GTP P . 8.91 23.67 4.59
C4 GTP P . 9.09 22.38 4.83
PG DTP Q . -4.26 8.03 22.93
O1G DTP Q . -3.60 6.86 23.64
O2G DTP Q . -4.74 7.62 21.57
O3G DTP Q . -5.32 8.77 23.68
PB DTP Q . -2.89 10.55 23.29
O1B DTP Q . -3.24 10.59 24.77
O2B DTP Q . -3.63 11.45 22.33
O3B DTP Q . -3.01 9.02 22.68
PA DTP Q . -0.42 11.57 22.08
O1A DTP Q . 0.97 11.77 22.60
O2A DTP Q . -1.14 12.84 21.62
O3A DTP Q . -1.28 10.84 23.27
O5' DTP Q . -0.34 10.46 20.87
C5' DTP Q . -0.34 9.02 21.04
C4' DTP Q . 0.85 8.36 20.32
O4' DTP Q . 1.82 7.88 21.24
C3' DTP Q . 0.54 7.13 19.51
O3' DTP Q . 1.39 7.04 18.36
C2' DTP Q . 0.83 5.96 20.40
C1' DTP Q . 1.99 6.45 21.21
N9 DTP Q . 2.08 5.86 22.62
C8 DTP Q . 1.20 5.99 23.65
N7 DTP Q . 1.66 5.32 24.77
C5 DTP Q . 2.87 4.75 24.45
C6 DTP Q . 3.92 3.91 25.12
N6 DTP Q . 3.86 3.49 26.40
N1 DTP Q . 5.01 3.54 24.39
C2 DTP Q . 5.17 3.91 23.10
N3 DTP Q . 4.28 4.68 22.44
C4 DTP Q . 3.13 5.12 23.04
MG MG R . -27.49 4.52 0.12
PG DTP S . 8.66 26.39 -4.82
O1G DTP S . 8.83 27.23 -3.59
O2G DTP S . 9.48 26.79 -6.03
O3G DTP S . 7.27 26.09 -5.25
PB DTP S . 9.40 24.12 -3.16
O1B DTP S . 10.75 23.47 -3.03
O2B DTP S . 8.80 24.90 -2.01
O3B DTP S . 9.36 24.93 -4.54
PA DTP S . 8.47 21.46 -4.05
O1A DTP S . 9.78 21.12 -4.65
O2A DTP S . 7.27 21.37 -4.91
O3A DTP S . 8.31 22.96 -3.42
O5' DTP S . 8.28 20.52 -2.84
C5' DTP S . 7.00 20.45 -2.22
C4' DTP S . 6.84 19.12 -1.48
O4' DTP S . 6.82 18.10 -2.47
C3' DTP S . 8.03 18.78 -0.59
O3' DTP S . 7.48 18.10 0.54
C2' DTP S . 8.97 17.88 -1.41
C1' DTP S . 7.98 17.24 -2.39
N9 DTP S . 8.35 17.11 -3.81
C8 DTP S . 9.09 17.95 -4.59
N7 DTP S . 9.11 17.52 -5.89
C5 DTP S . 8.34 16.40 -5.90
C6 DTP S . 7.89 15.43 -6.93
N6 DTP S . 8.35 15.61 -8.18
N1 DTP S . 7.05 14.40 -6.57
C2 DTP S . 6.66 14.25 -5.31
N3 DTP S . 7.00 15.11 -4.32
C4 DTP S . 7.83 16.16 -4.56
PG DTP T . -3.96 6.86 -23.80
O1G DTP T . -3.07 7.17 -22.62
O2G DTP T . -3.82 5.41 -24.19
O3G DTP T . -3.96 7.87 -24.90
PB DTP T . -6.73 6.29 -24.04
O1B DTP T . -6.31 4.89 -24.47
O2B DTP T . -7.37 7.25 -25.04
O3B DTP T . -5.48 7.02 -23.29
PA DTP T . -8.59 4.85 -22.38
O1A DTP T . -8.92 4.96 -20.89
O2A DTP T . -9.67 4.74 -23.46
O3A DTP T . -7.74 6.18 -22.76
O5' DTP T . -7.53 3.64 -22.52
C5' DTP T . -6.54 3.47 -21.49
C4' DTP T . -6.61 2.08 -20.86
O4' DTP T . -6.68 1.03 -21.83
C3' DTP T . -5.41 1.74 -20.02
O3' DTP T . -5.82 1.04 -18.84
C2' DTP T . -4.56 0.81 -20.86
C1' DTP T . -5.40 0.48 -22.07
N9 DTP T . -4.86 1.08 -23.34
C8 DTP T . -4.75 2.40 -23.63
N7 DTP T . -4.26 2.62 -24.88
C5 DTP T . -4.04 1.40 -25.41
C6 DTP T . -3.53 0.91 -26.69
N6 DTP T . -3.16 1.80 -27.64
N1 DTP T . -3.44 -0.44 -26.88
C2 DTP T . -3.81 -1.32 -25.91
N3 DTP T . -4.31 -0.93 -24.72
C4 DTP T . -4.43 0.38 -24.40
#